data_4X0Q
#
_entry.id   4X0Q
#
_cell.length_a   99.704
_cell.length_b   135.392
_cell.length_c   159.819
_cell.angle_alpha   90.00
_cell.angle_beta   90.00
_cell.angle_gamma   90.00
#
_symmetry.space_group_name_H-M   'P 21 2 21'
#
loop_
_entity.id
_entity.type
_entity.pdbx_description
1 polymer 'DNA polymerase theta'
2 polymer "DNA (5'-D(*CP*GP*TP*CP*CP*AP*AP*TP*GP*AP*CP*AP*G)-3')"
3 polymer "DNA (5'-D(P*CP*TP*GP*TP*CP*AP*TP*TP*G)-3')"
4 non-polymer GLYCEROL
5 non-polymer 'MAGNESIUM ION'
6 non-polymer "2'-3'-DIDEOXYGUANOSINE-5'-TRIPHOSPHATE"
#
loop_
_entity_poly.entity_id
_entity_poly.type
_entity_poly.pdbx_seq_one_letter_code
_entity_poly.pdbx_strand_id
1 'polypeptide(L)'
;SSSSESLSIIDVASDQNLFQTFIKEWRCKKRFSISLACEKIRSLTSSKTATIGSRFKQASSPQEIPIRDDGFPIKGCDDT
LVVGLAVCWGGRDAYYFSLQKEQKHSEISASLVPPSLDPSLTLKDRMWYLQSCLRKESDKECSVVIYDFIQSYKILLLSC
GISLEQSYEDPKVACWLLDPDSQEPTLHSIVTSFLPHELPLLEGMETSQGIQSLGLNAGSEHSGRYRASVESILIFNSMN
QLNSLLQKENLQDVFRKVEMPSQYCLALLELNGIGFSTAECESQKHIMQAKLDAIETQAYQLAGHSFSFTSSDDIAEVLF
LELKLPPNREMKNQGSKKTLGSTRRGIDNGRKLRLGRQFSTSKDVLNKLKALHPLPGLILEWRRITNAITKVVFPLQREK
CLNPFLGMERIYPVSQSHTATGRITFTEPNIQNVPRDFEIKMPTLVGESPPSQAVGKGLLPMGRGKYKKGFSVNPRCQAQ
MEERAADRGMPFSISMRHAFVPFPGGSILAADYSQLELRILAHLSHDRRLIQVLNTGADVFRSIAAEWKMIEPESVGDDL
RQQAKQICYGIIYGMGAKSLGEQMGIKENDAACYIDSFKSRYTGINQFMTETVKNCKRDGFVQTILGRRRYLPGIKDNNP
YRKAHAERQAINTIVQGSAADIVKIATVNIQKQLETFHSTFKSHGHREGMLQSDQTGLSRKRKLQGMFCPIRGGFFILQL
HDELLYEVAEEDVVQVAQIVKNEMESAVKLSVKLKVKVKIGASWGELKDFDV
;
A,B
2 'polydeoxyribonucleotide' (DC)(DG)(DT)(DC)(DC)(DA)(DA)(DT)(DG)(DA)(DC)(DA)(DG)(DC)(DC)(DG)(DC) E,G
3 'polydeoxyribonucleotide' (DG)(DC)(DG)(DG)(DC)(DT)(DG)(DT)(DC)(DA)(DT)(DT)(DG) F,H
#
loop_
_chem_comp.id
_chem_comp.type
_chem_comp.name
_chem_comp.formula
DA DNA linking 2'-DEOXYADENOSINE-5'-MONOPHOSPHATE 'C10 H14 N5 O6 P'
DC DNA linking 2'-DEOXYCYTIDINE-5'-MONOPHOSPHATE 'C9 H14 N3 O7 P'
DG DNA linking 2'-DEOXYGUANOSINE-5'-MONOPHOSPHATE 'C10 H14 N5 O7 P'
DG3 non-polymer 2'-3'-DIDEOXYGUANOSINE-5'-TRIPHOSPHATE 'C10 H16 N5 O12 P3'
DT DNA linking THYMIDINE-5'-MONOPHOSPHATE 'C10 H15 N2 O8 P'
GOL non-polymer GLYCEROL 'C3 H8 O3'
MG non-polymer 'MAGNESIUM ION' 'Mg 2'
#
# COMPACT_ATOMS: atom_id res chain seq x y z
N SER A 6 -26.68 -33.99 -39.83
CA SER A 6 -27.39 -32.77 -40.22
C SER A 6 -28.56 -32.49 -39.28
N LEU A 7 -29.48 -33.45 -39.17
CA LEU A 7 -30.66 -33.28 -38.33
C LEU A 7 -31.11 -34.54 -37.62
N SER A 8 -31.32 -34.46 -36.31
CA SER A 8 -32.22 -35.39 -35.63
C SER A 8 -33.14 -34.68 -34.64
N ILE A 9 -34.44 -34.64 -34.95
CA ILE A 9 -35.47 -34.20 -34.00
C ILE A 9 -36.76 -34.98 -34.29
N ILE A 10 -37.69 -34.96 -33.34
CA ILE A 10 -38.97 -35.64 -33.52
C ILE A 10 -40.18 -34.84 -33.06
N ASP A 11 -41.07 -34.51 -33.99
CA ASP A 11 -42.42 -34.08 -33.65
C ASP A 11 -43.17 -35.31 -33.16
N VAL A 12 -43.77 -35.28 -31.97
CA VAL A 12 -44.55 -36.47 -31.65
C VAL A 12 -46.01 -36.16 -31.91
N ALA A 13 -46.42 -36.42 -33.14
CA ALA A 13 -47.79 -36.72 -33.51
C ALA A 13 -47.78 -37.60 -34.74
N SER A 14 -48.19 -38.86 -34.64
CA SER A 14 -48.71 -39.54 -35.83
C SER A 14 -49.88 -40.37 -35.37
N ASP A 15 -51.10 -39.93 -35.70
CA ASP A 15 -52.30 -40.62 -35.27
C ASP A 15 -52.20 -40.96 -33.79
N GLN A 16 -52.13 -42.26 -33.49
CA GLN A 16 -51.94 -42.72 -32.13
C GLN A 16 -50.56 -43.37 -31.89
N ASN A 17 -50.31 -44.48 -32.58
CA ASN A 17 -49.22 -45.40 -32.24
C ASN A 17 -47.84 -44.76 -32.00
N LEU A 18 -47.50 -43.73 -32.78
CA LEU A 18 -46.23 -43.05 -32.60
C LEU A 18 -46.17 -42.42 -31.20
N PHE A 19 -47.19 -41.63 -30.89
CA PHE A 19 -47.35 -41.03 -29.57
C PHE A 19 -47.49 -42.09 -28.48
N GLN A 20 -48.12 -43.21 -28.82
CA GLN A 20 -48.39 -44.27 -27.85
C GLN A 20 -47.11 -44.97 -27.40
N THR A 21 -46.27 -45.35 -28.36
CA THR A 21 -44.98 -45.93 -28.02
C THR A 21 -44.08 -44.86 -27.39
N PHE A 22 -44.33 -43.60 -27.74
CA PHE A 22 -43.63 -42.49 -27.08
C PHE A 22 -43.88 -42.53 -25.58
N ILE A 23 -45.13 -42.35 -25.15
CA ILE A 23 -45.43 -42.36 -23.73
C ILE A 23 -45.09 -43.71 -23.09
N LYS A 24 -45.12 -44.77 -23.90
CA LYS A 24 -44.81 -46.10 -23.39
C LYS A 24 -43.35 -46.22 -22.98
N GLU A 25 -42.44 -45.71 -23.81
CA GLU A 25 -41.02 -45.58 -23.41
C GLU A 25 -40.86 -44.58 -22.26
N TRP A 26 -41.50 -43.43 -22.40
CA TRP A 26 -41.35 -42.29 -21.50
C TRP A 26 -41.63 -42.66 -20.04
N ARG A 27 -42.75 -43.34 -19.82
CA ARG A 27 -43.20 -43.67 -18.46
C ARG A 27 -42.17 -44.49 -17.71
N CYS A 28 -41.38 -45.27 -18.44
CA CYS A 28 -40.40 -46.20 -17.87
C CYS A 28 -39.13 -45.55 -17.32
N LYS A 29 -38.74 -44.41 -17.88
CA LYS A 29 -37.44 -43.78 -17.61
C LYS A 29 -37.33 -43.03 -16.27
N LYS A 30 -36.13 -43.03 -15.70
CA LYS A 30 -35.86 -42.28 -14.46
C LYS A 30 -35.39 -40.85 -14.75
N ARG A 31 -34.14 -40.70 -15.18
CA ARG A 31 -33.59 -39.38 -15.48
C ARG A 31 -34.03 -38.90 -16.86
N PHE A 32 -34.49 -37.66 -16.95
CA PHE A 32 -34.92 -37.09 -18.22
C PHE A 32 -34.87 -35.56 -18.22
N SER A 33 -34.85 -34.97 -19.41
CA SER A 33 -34.72 -33.52 -19.52
C SER A 33 -35.89 -32.87 -20.24
N ILE A 34 -36.19 -31.64 -19.80
CA ILE A 34 -37.34 -30.88 -20.29
C ILE A 34 -36.96 -29.42 -20.58
N SER A 35 -37.49 -28.87 -21.67
CA SER A 35 -37.42 -27.42 -21.89
C SER A 35 -38.58 -26.92 -22.72
N LEU A 36 -39.00 -25.68 -22.49
CA LEU A 36 -40.10 -25.13 -23.27
C LEU A 36 -39.63 -23.93 -24.06
N ALA A 37 -40.52 -23.38 -24.89
CA ALA A 37 -40.18 -22.27 -25.78
C ALA A 37 -41.37 -21.34 -25.92
N CYS A 38 -41.15 -20.14 -26.45
CA CYS A 38 -42.25 -19.20 -26.62
C CYS A 38 -42.25 -18.43 -27.94
N GLU A 39 -43.20 -17.50 -28.05
CA GLU A 39 -43.34 -16.67 -29.24
C GLU A 39 -43.50 -15.17 -28.94
N LYS A 40 -44.63 -14.82 -28.33
CA LYS A 40 -45.01 -13.40 -28.16
C LYS A 40 -45.96 -13.17 -26.97
N ILE A 41 -46.58 -11.99 -26.97
CA ILE A 41 -47.68 -11.59 -26.05
C ILE A 41 -47.33 -11.70 -24.55
N ARG A 42 -46.50 -10.77 -24.09
CA ARG A 42 -46.10 -10.75 -22.69
C ARG A 42 -46.39 -9.38 -22.08
N ASP A 78 -47.74 -11.90 -17.54
CA ASP A 78 -48.00 -13.31 -17.79
C ASP A 78 -48.37 -13.56 -19.24
N ASP A 79 -48.24 -14.80 -19.68
CA ASP A 79 -48.71 -15.18 -21.01
C ASP A 79 -49.14 -16.64 -21.03
N THR A 80 -50.23 -16.91 -21.76
CA THR A 80 -50.73 -18.27 -21.91
C THR A 80 -50.26 -18.91 -23.20
N LEU A 81 -49.50 -18.16 -23.99
CA LEU A 81 -49.05 -18.64 -25.29
C LEU A 81 -47.68 -19.31 -25.16
N VAL A 82 -47.67 -20.63 -25.31
CA VAL A 82 -46.45 -21.43 -25.26
C VAL A 82 -46.50 -22.40 -26.42
N VAL A 83 -45.49 -22.37 -27.29
CA VAL A 83 -45.49 -23.20 -28.48
C VAL A 83 -45.68 -24.66 -28.10
N GLY A 84 -44.73 -25.21 -27.35
CA GLY A 84 -44.83 -26.57 -26.87
C GLY A 84 -43.61 -26.97 -26.08
N LEU A 85 -43.76 -27.99 -25.25
CA LEU A 85 -42.67 -28.52 -24.43
C LEU A 85 -41.78 -29.41 -25.30
N ALA A 86 -40.57 -29.68 -24.84
CA ALA A 86 -39.69 -30.65 -25.49
C ALA A 86 -38.98 -31.49 -24.43
N VAL A 87 -38.76 -32.76 -24.76
CA VAL A 87 -38.18 -33.72 -23.83
C VAL A 87 -37.05 -34.48 -24.50
N CYS A 88 -35.94 -34.62 -23.79
CA CYS A 88 -34.84 -35.46 -24.25
C CYS A 88 -34.20 -36.21 -23.09
N TRP A 89 -34.12 -37.53 -23.22
CA TRP A 89 -33.38 -38.31 -22.23
C TRP A 89 -31.97 -38.72 -22.66
N GLY A 90 -31.52 -38.31 -23.84
CA GLY A 90 -30.14 -38.56 -24.21
C GLY A 90 -29.88 -38.65 -25.70
N GLY A 91 -28.60 -38.74 -26.09
CA GLY A 91 -28.24 -38.98 -27.46
C GLY A 91 -28.50 -37.79 -28.36
N ARG A 92 -28.08 -37.88 -29.62
CA ARG A 92 -28.31 -36.82 -30.59
C ARG A 92 -29.80 -36.53 -30.79
N ASP A 93 -30.63 -37.55 -30.57
CA ASP A 93 -32.07 -37.44 -30.81
C ASP A 93 -32.77 -36.56 -29.77
N ALA A 94 -33.89 -35.94 -30.16
CA ALA A 94 -34.67 -35.09 -29.27
C ALA A 94 -36.15 -35.17 -29.59
N TYR A 95 -37.00 -35.14 -28.55
CA TYR A 95 -38.44 -35.30 -28.72
C TYR A 95 -39.18 -33.99 -28.50
N TYR A 96 -40.18 -33.71 -29.33
CA TYR A 96 -40.97 -32.51 -29.14
C TYR A 96 -42.44 -32.78 -28.86
N PHE A 97 -43.04 -31.89 -28.08
CA PHE A 97 -44.41 -32.02 -27.62
C PHE A 97 -45.14 -30.74 -27.99
N SER A 98 -46.00 -30.83 -29.01
CA SER A 98 -46.67 -29.66 -29.58
C SER A 98 -47.96 -29.25 -28.86
N LEU A 99 -48.32 -27.97 -28.99
CA LEU A 99 -49.61 -27.50 -28.50
C LEU A 99 -50.32 -26.61 -29.52
N LEU A 117 -45.69 -33.92 -40.01
CA LEU A 117 -45.73 -32.47 -39.90
C LEU A 117 -46.67 -32.03 -38.79
N ASP A 118 -47.93 -31.79 -39.13
CA ASP A 118 -48.92 -31.37 -38.15
C ASP A 118 -50.23 -32.16 -38.25
N PRO A 119 -50.21 -33.46 -37.87
CA PRO A 119 -51.42 -34.30 -37.96
C PRO A 119 -52.33 -34.16 -36.75
N SER A 120 -53.48 -34.83 -36.76
CA SER A 120 -54.40 -34.76 -35.64
C SER A 120 -55.19 -36.04 -35.33
N LEU A 121 -55.22 -36.42 -34.06
CA LEU A 121 -56.30 -37.24 -33.53
C LEU A 121 -56.75 -36.62 -32.20
N THR A 122 -55.85 -36.65 -31.21
CA THR A 122 -56.09 -36.17 -29.85
C THR A 122 -55.97 -34.65 -29.66
N LEU A 123 -56.61 -34.12 -28.62
CA LEU A 123 -56.47 -32.70 -28.26
C LEU A 123 -56.12 -32.46 -26.78
N LYS A 124 -57.08 -32.68 -25.88
CA LYS A 124 -56.84 -32.51 -24.44
C LYS A 124 -56.08 -33.72 -23.91
N ASP A 125 -56.24 -34.82 -24.63
CA ASP A 125 -55.69 -36.13 -24.26
C ASP A 125 -54.19 -36.02 -24.03
N ARG A 126 -53.50 -35.41 -24.98
CA ARG A 126 -52.06 -35.27 -24.92
C ARG A 126 -51.64 -34.56 -23.64
N MET A 127 -52.46 -33.59 -23.24
CA MET A 127 -52.19 -32.78 -22.06
C MET A 127 -52.36 -33.63 -20.81
N TRP A 128 -53.38 -34.49 -20.81
CA TRP A 128 -53.53 -35.42 -19.70
C TRP A 128 -52.32 -36.35 -19.62
N TYR A 129 -51.90 -36.87 -20.76
CA TYR A 129 -50.73 -37.73 -20.83
C TYR A 129 -49.49 -37.05 -20.26
N LEU A 130 -49.28 -35.79 -20.64
CA LEU A 130 -48.15 -35.02 -20.11
C LEU A 130 -48.24 -34.92 -18.60
N GLN A 131 -49.40 -34.51 -18.09
CA GLN A 131 -49.60 -34.40 -16.65
C GLN A 131 -49.25 -35.71 -15.95
N SER A 132 -49.83 -36.81 -16.42
CA SER A 132 -49.62 -38.13 -15.86
C SER A 132 -48.14 -38.50 -15.85
N CYS A 133 -47.45 -38.09 -16.91
CA CYS A 133 -46.04 -38.41 -17.05
C CYS A 133 -45.19 -37.61 -16.06
N LEU A 134 -45.60 -36.37 -15.80
CA LEU A 134 -44.74 -35.46 -15.06
C LEU A 134 -44.81 -35.55 -13.53
N ARG A 135 -45.68 -36.38 -12.98
CA ARG A 135 -45.64 -36.57 -11.53
C ARG A 135 -45.79 -37.99 -11.01
N LYS A 136 -44.71 -38.56 -10.48
CA LYS A 136 -44.72 -39.25 -9.20
C LYS A 136 -46.07 -39.84 -8.81
N GLU A 137 -46.51 -40.90 -9.48
CA GLU A 137 -47.74 -41.57 -9.05
C GLU A 137 -47.63 -41.83 -7.56
N SER A 138 -46.64 -42.65 -7.20
CA SER A 138 -46.20 -42.86 -5.83
C SER A 138 -45.07 -43.87 -5.90
N ASP A 139 -44.20 -43.89 -4.89
CA ASP A 139 -43.18 -44.93 -4.74
C ASP A 139 -42.18 -44.93 -5.91
N LYS A 140 -42.48 -44.14 -6.94
CA LYS A 140 -41.68 -44.09 -8.14
C LYS A 140 -40.94 -42.77 -8.15
N GLU A 141 -39.62 -42.84 -8.12
CA GLU A 141 -38.81 -41.67 -7.85
C GLU A 141 -37.80 -41.44 -8.95
N CYS A 142 -38.00 -40.36 -9.70
CA CYS A 142 -37.11 -40.00 -10.79
C CYS A 142 -36.85 -38.51 -10.76
N SER A 143 -35.83 -38.07 -11.51
CA SER A 143 -35.44 -36.68 -11.48
C SER A 143 -35.58 -36.01 -12.83
N VAL A 144 -35.64 -34.67 -12.83
CA VAL A 144 -35.91 -33.91 -14.04
C VAL A 144 -35.11 -32.59 -14.03
N VAL A 145 -34.65 -32.17 -15.21
CA VAL A 145 -33.77 -31.00 -15.32
C VAL A 145 -34.27 -29.93 -16.29
N ILE A 146 -34.07 -28.67 -15.92
CA ILE A 146 -34.40 -27.52 -16.76
C ILE A 146 -33.28 -26.51 -16.50
N TYR A 147 -32.97 -25.63 -17.46
CA TYR A 147 -31.81 -24.73 -17.31
C TYR A 147 -31.92 -23.92 -16.02
N ASP A 148 -32.86 -22.99 -15.99
CA ASP A 148 -33.26 -22.42 -14.72
C ASP A 148 -34.54 -23.16 -14.37
N PHE A 149 -35.11 -22.87 -13.22
CA PHE A 149 -36.11 -23.77 -12.66
C PHE A 149 -37.38 -23.01 -12.37
N ILE A 150 -37.30 -22.09 -11.42
CA ILE A 150 -38.47 -21.46 -10.83
C ILE A 150 -39.40 -20.83 -11.89
N GLN A 151 -38.84 -20.29 -12.98
CA GLN A 151 -39.69 -19.64 -13.98
C GLN A 151 -40.29 -20.65 -14.96
N SER A 152 -39.58 -21.75 -15.22
CA SER A 152 -40.14 -22.81 -16.06
C SER A 152 -41.32 -23.43 -15.33
N TYR A 153 -41.13 -23.64 -14.03
CA TYR A 153 -42.20 -24.11 -13.16
C TYR A 153 -43.33 -23.07 -13.08
N LYS A 154 -42.95 -21.79 -13.07
CA LYS A 154 -43.91 -20.70 -13.14
C LYS A 154 -44.79 -20.85 -14.36
N ILE A 155 -44.18 -21.21 -15.48
CA ILE A 155 -44.90 -21.36 -16.74
C ILE A 155 -45.82 -22.56 -16.68
N LEU A 156 -45.26 -23.71 -16.29
CA LEU A 156 -46.03 -24.96 -16.26
C LEU A 156 -47.25 -24.81 -15.38
N LEU A 157 -47.07 -24.18 -14.22
CA LEU A 157 -48.17 -23.98 -13.29
C LEU A 157 -49.16 -22.89 -13.72
N LEU A 158 -48.66 -21.71 -14.04
CA LEU A 158 -49.55 -20.58 -14.34
C LEU A 158 -50.07 -20.60 -15.78
N SER A 159 -49.18 -20.82 -16.74
CA SER A 159 -49.59 -20.72 -18.13
C SER A 159 -50.45 -21.92 -18.55
N CYS A 160 -49.90 -23.11 -18.36
CA CYS A 160 -50.58 -24.35 -18.76
C CYS A 160 -51.25 -25.11 -17.62
N GLY A 161 -51.10 -24.65 -16.38
CA GLY A 161 -51.80 -25.23 -15.26
C GLY A 161 -51.33 -26.62 -14.84
N ILE A 162 -50.08 -26.95 -15.14
CA ILE A 162 -49.51 -28.22 -14.74
C ILE A 162 -48.57 -28.04 -13.56
N SER A 163 -48.91 -28.65 -12.43
CA SER A 163 -48.01 -28.57 -11.30
C SER A 163 -47.07 -29.75 -11.41
N LEU A 164 -45.83 -29.46 -11.78
CA LEU A 164 -44.82 -30.48 -11.89
C LEU A 164 -44.41 -30.84 -10.46
N GLU A 165 -44.57 -32.10 -10.07
CA GLU A 165 -43.99 -32.51 -8.81
C GLU A 165 -43.23 -33.82 -8.94
N GLN A 166 -41.91 -33.72 -8.78
CA GLN A 166 -41.01 -34.86 -8.81
C GLN A 166 -39.67 -34.42 -8.22
N SER A 167 -38.67 -35.29 -8.28
CA SER A 167 -37.32 -34.90 -7.87
C SER A 167 -36.73 -33.98 -8.94
N TYR A 168 -36.03 -32.94 -8.49
CA TYR A 168 -35.56 -31.88 -9.39
C TYR A 168 -34.06 -31.69 -9.39
N GLU A 169 -33.51 -31.38 -10.55
CA GLU A 169 -32.10 -31.02 -10.68
C GLU A 169 -31.94 -29.80 -11.58
N ASP A 170 -31.33 -28.74 -11.06
CA ASP A 170 -31.13 -27.51 -11.83
C ASP A 170 -29.65 -27.25 -12.05
N PRO A 171 -29.18 -27.40 -13.30
CA PRO A 171 -27.75 -27.39 -13.67
C PRO A 171 -27.02 -26.10 -13.30
N LYS A 172 -27.68 -24.94 -13.45
CA LYS A 172 -27.01 -23.68 -13.14
C LYS A 172 -26.76 -23.57 -11.63
N VAL A 173 -27.65 -24.15 -10.83
CA VAL A 173 -27.48 -24.12 -9.38
C VAL A 173 -26.28 -24.97 -8.98
N ALA A 174 -26.10 -26.10 -9.65
CA ALA A 174 -24.96 -26.97 -9.42
C ALA A 174 -23.67 -26.26 -9.84
N CYS A 175 -23.74 -25.63 -11.01
CA CYS A 175 -22.65 -24.80 -11.52
C CYS A 175 -22.24 -23.82 -10.42
N TRP A 176 -23.22 -23.19 -9.80
CA TRP A 176 -22.96 -22.30 -8.67
C TRP A 176 -22.36 -23.05 -7.48
N LEU A 177 -22.83 -24.27 -7.24
CA LEU A 177 -22.43 -25.02 -6.05
C LEU A 177 -20.93 -25.31 -6.14
N LEU A 178 -20.44 -25.46 -7.37
CA LEU A 178 -19.00 -25.60 -7.57
C LEU A 178 -18.28 -24.30 -7.27
N ASP A 179 -18.74 -23.21 -7.87
CA ASP A 179 -18.08 -21.91 -7.74
C ASP A 179 -19.06 -20.82 -7.35
N PRO A 180 -19.27 -20.63 -6.03
CA PRO A 180 -20.14 -19.56 -5.54
C PRO A 180 -19.73 -18.16 -6.05
N ASP A 181 -18.45 -17.97 -6.34
CA ASP A 181 -17.97 -16.71 -6.89
C ASP A 181 -18.22 -16.58 -8.39
N SER A 182 -18.53 -17.69 -9.06
CA SER A 182 -18.78 -17.65 -10.49
C SER A 182 -19.96 -16.72 -10.80
N GLN A 183 -19.90 -16.08 -11.96
CA GLN A 183 -20.93 -15.13 -12.36
C GLN A 183 -21.98 -15.80 -13.24
N GLU A 184 -23.18 -15.99 -12.70
CA GLU A 184 -24.40 -16.16 -13.50
C GLU A 184 -24.24 -16.98 -14.79
N PRO A 185 -24.07 -18.30 -14.66
CA PRO A 185 -23.82 -19.18 -15.81
C PRO A 185 -24.90 -19.09 -16.87
N THR A 186 -24.50 -19.32 -18.12
CA THR A 186 -25.45 -19.30 -19.23
C THR A 186 -25.25 -20.56 -20.07
N LEU A 187 -26.20 -20.83 -20.95
CA LEU A 187 -26.18 -22.05 -21.76
C LEU A 187 -24.86 -22.21 -22.52
N HIS A 188 -24.43 -21.15 -23.21
CA HIS A 188 -23.17 -21.21 -23.96
C HIS A 188 -22.00 -21.46 -23.01
N SER A 189 -22.06 -20.83 -21.84
CA SER A 189 -21.02 -20.98 -20.83
C SER A 189 -20.87 -22.43 -20.40
N ILE A 190 -22.01 -23.06 -20.14
CA ILE A 190 -22.03 -24.43 -19.62
C ILE A 190 -21.70 -25.47 -20.70
N VAL A 191 -22.30 -25.33 -21.88
CA VAL A 191 -21.98 -26.25 -22.97
C VAL A 191 -20.52 -26.07 -23.39
N THR A 192 -19.97 -24.87 -23.19
CA THR A 192 -18.55 -24.63 -23.42
C THR A 192 -17.68 -25.34 -22.40
N SER A 193 -18.04 -25.19 -21.12
CA SER A 193 -17.21 -25.68 -20.03
C SER A 193 -17.39 -27.18 -19.70
N PHE A 194 -18.45 -27.78 -20.24
CA PHE A 194 -18.86 -29.11 -19.80
C PHE A 194 -19.06 -30.08 -20.96
N LEU A 195 -19.86 -29.70 -21.94
CA LEU A 195 -20.13 -30.58 -23.08
C LEU A 195 -19.52 -29.97 -24.35
N PRO A 196 -18.19 -30.12 -24.50
CA PRO A 196 -17.38 -29.46 -25.52
C PRO A 196 -17.72 -29.85 -26.96
N HIS A 197 -17.89 -31.15 -27.20
CA HIS A 197 -17.93 -31.65 -28.57
C HIS A 197 -19.24 -31.30 -29.28
N GLU A 198 -20.29 -31.04 -28.50
CA GLU A 198 -21.62 -30.70 -29.03
C GLU A 198 -21.86 -29.21 -29.25
N LEU A 199 -20.97 -28.35 -28.74
CA LEU A 199 -21.26 -26.91 -28.62
C LEU A 199 -21.57 -26.11 -29.89
N PRO A 200 -20.83 -26.32 -31.01
CA PRO A 200 -20.87 -25.32 -32.10
C PRO A 200 -22.26 -24.94 -32.57
N LEU A 201 -23.19 -25.90 -32.50
CA LEU A 201 -24.55 -25.71 -32.97
C LEU A 201 -25.20 -24.50 -32.31
N LEU A 202 -25.01 -24.36 -31.00
CA LEU A 202 -25.60 -23.27 -30.26
C LEU A 202 -25.22 -21.89 -30.80
N GLU A 203 -24.06 -21.80 -31.46
CA GLU A 203 -23.62 -20.51 -31.99
C GLU A 203 -24.44 -20.03 -33.20
N GLY A 204 -25.36 -20.86 -33.68
CA GLY A 204 -26.24 -20.44 -34.75
C GLY A 204 -27.31 -19.45 -34.31
N MET A 205 -27.40 -19.25 -32.99
CA MET A 205 -28.49 -18.50 -32.36
C MET A 205 -28.03 -17.14 -31.86
N GLU A 206 -27.04 -17.19 -30.97
CA GLU A 206 -26.53 -16.06 -30.21
C GLU A 206 -27.61 -15.52 -29.25
N THR A 207 -28.02 -16.37 -28.32
CA THR A 207 -28.66 -15.92 -27.09
C THR A 207 -28.21 -16.77 -25.90
N SER A 208 -27.61 -16.13 -24.90
CA SER A 208 -27.50 -16.78 -23.60
C SER A 208 -27.75 -15.79 -22.46
N GLN A 209 -28.91 -15.90 -21.83
CA GLN A 209 -29.17 -15.32 -20.52
C GLN A 209 -30.01 -16.27 -19.67
N GLY A 210 -31.26 -16.45 -20.08
CA GLY A 210 -32.17 -17.39 -19.46
C GLY A 210 -32.33 -18.61 -20.35
N ILE A 211 -33.48 -19.28 -20.25
CA ILE A 211 -33.71 -20.46 -21.09
C ILE A 211 -33.98 -20.04 -22.53
N GLN A 212 -34.21 -21.01 -23.40
CA GLN A 212 -34.41 -20.72 -24.81
C GLN A 212 -35.77 -20.09 -25.11
N SER A 213 -36.71 -20.19 -24.17
CA SER A 213 -37.97 -19.46 -24.31
C SER A 213 -37.70 -17.98 -24.06
N LEU A 214 -36.93 -17.71 -23.00
CA LEU A 214 -36.59 -16.35 -22.61
C LEU A 214 -35.69 -15.68 -23.65
N GLY A 215 -34.96 -16.49 -24.41
CA GLY A 215 -34.08 -15.99 -25.46
C GLY A 215 -34.82 -15.84 -26.79
N LEU A 216 -36.15 -15.65 -26.69
CA LEU A 216 -37.04 -15.65 -27.85
C LEU A 216 -36.71 -14.65 -28.96
N ASN A 217 -36.05 -13.54 -28.64
CA ASN A 217 -35.77 -12.53 -29.66
C ASN A 217 -34.60 -12.88 -30.58
N ALA A 218 -33.46 -13.25 -30.01
CA ALA A 218 -32.29 -13.63 -30.81
C ALA A 218 -32.50 -15.00 -31.44
N GLY A 219 -33.32 -15.80 -30.77
CA GLY A 219 -33.70 -17.10 -31.27
C GLY A 219 -34.85 -17.00 -32.26
N SER A 220 -35.47 -15.82 -32.36
CA SER A 220 -36.69 -15.64 -33.16
C SER A 220 -36.56 -16.09 -34.61
N GLU A 221 -35.36 -15.99 -35.14
CA GLU A 221 -35.08 -16.50 -36.47
C GLU A 221 -34.90 -18.02 -36.44
N HIS A 222 -34.46 -18.54 -35.29
CA HIS A 222 -34.35 -19.98 -35.05
C HIS A 222 -35.52 -20.57 -34.25
N SER A 223 -36.47 -19.72 -33.85
CA SER A 223 -37.47 -20.07 -32.84
C SER A 223 -38.42 -21.18 -33.24
N GLY A 224 -38.82 -21.96 -32.24
CA GLY A 224 -39.79 -23.01 -32.45
C GLY A 224 -39.52 -24.15 -31.51
N ARG A 225 -39.90 -25.35 -31.95
CA ARG A 225 -39.45 -26.60 -31.36
C ARG A 225 -37.92 -26.64 -31.21
N TYR A 226 -37.24 -25.90 -32.08
CA TYR A 226 -35.79 -25.91 -32.20
C TYR A 226 -35.06 -25.58 -30.90
N ARG A 227 -35.37 -24.40 -30.37
CA ARG A 227 -34.75 -23.90 -29.15
C ARG A 227 -34.98 -24.84 -27.97
N ALA A 228 -36.23 -25.27 -27.82
CA ALA A 228 -36.60 -26.14 -26.72
C ALA A 228 -35.91 -27.50 -26.80
N SER A 229 -35.81 -28.06 -28.00
CA SER A 229 -35.16 -29.35 -28.17
C SER A 229 -33.67 -29.27 -27.88
N VAL A 230 -32.99 -28.31 -28.51
CA VAL A 230 -31.54 -28.19 -28.33
C VAL A 230 -31.23 -27.93 -26.86
N GLU A 231 -32.04 -27.08 -26.23
CA GLU A 231 -31.87 -26.79 -24.82
C GLU A 231 -32.02 -28.06 -24.01
N SER A 232 -33.06 -28.84 -24.32
CA SER A 232 -33.32 -30.10 -23.64
C SER A 232 -32.11 -31.03 -23.68
N ILE A 233 -31.70 -31.43 -24.88
CA ILE A 233 -30.60 -32.39 -25.04
C ILE A 233 -29.28 -31.90 -24.42
N LEU A 234 -28.91 -30.65 -24.73
CA LEU A 234 -27.70 -30.09 -24.15
C LEU A 234 -27.74 -30.14 -22.64
N ILE A 235 -28.84 -29.65 -22.07
CA ILE A 235 -29.02 -29.65 -20.64
C ILE A 235 -28.87 -31.06 -20.07
N PHE A 236 -29.36 -32.07 -20.79
CA PHE A 236 -29.26 -33.43 -20.28
C PHE A 236 -27.82 -33.94 -20.21
N ASN A 237 -27.12 -33.94 -21.35
CA ASN A 237 -25.76 -34.47 -21.33
C ASN A 237 -24.88 -33.68 -20.37
N SER A 238 -25.02 -32.36 -20.43
CA SER A 238 -24.28 -31.46 -19.56
C SER A 238 -24.55 -31.73 -18.08
N MET A 239 -25.82 -31.91 -17.71
CA MET A 239 -26.16 -32.19 -16.31
C MET A 239 -25.70 -33.57 -15.87
N ASN A 240 -25.56 -34.50 -16.80
CA ASN A 240 -24.98 -35.78 -16.45
C ASN A 240 -23.49 -35.56 -16.10
N GLN A 241 -22.83 -34.70 -16.88
CA GLN A 241 -21.47 -34.28 -16.56
C GLN A 241 -21.35 -33.57 -15.20
N LEU A 242 -22.25 -32.63 -14.94
CA LEU A 242 -22.27 -31.90 -13.69
C LEU A 242 -22.52 -32.79 -12.49
N ASN A 243 -23.52 -33.64 -12.59
CA ASN A 243 -23.85 -34.57 -11.51
C ASN A 243 -22.66 -35.48 -11.27
N SER A 244 -21.98 -35.83 -12.37
CA SER A 244 -20.75 -36.61 -12.29
C SER A 244 -19.67 -35.88 -11.47
N LEU A 245 -19.49 -34.59 -11.75
CA LEU A 245 -18.51 -33.78 -11.03
C LEU A 245 -18.89 -33.55 -9.56
N LEU A 246 -20.18 -33.40 -9.30
CA LEU A 246 -20.69 -33.20 -7.95
C LEU A 246 -20.50 -34.47 -7.12
N GLN A 247 -20.72 -35.63 -7.73
CA GLN A 247 -20.43 -36.91 -7.09
C GLN A 247 -18.91 -37.16 -7.02
N LYS A 248 -18.17 -36.50 -7.90
CA LYS A 248 -16.71 -36.55 -7.90
C LYS A 248 -16.19 -35.86 -6.65
N GLU A 249 -17.08 -35.10 -6.02
CA GLU A 249 -16.89 -34.52 -4.71
C GLU A 249 -17.99 -35.11 -3.84
N ASN A 250 -18.08 -34.78 -2.56
CA ASN A 250 -19.37 -35.08 -1.97
C ASN A 250 -20.08 -33.74 -1.92
N LEU A 251 -20.66 -33.35 -3.05
CA LEU A 251 -21.68 -32.32 -3.13
C LEU A 251 -23.07 -32.81 -3.51
N GLN A 252 -23.18 -34.07 -3.96
CA GLN A 252 -24.42 -34.49 -4.61
C GLN A 252 -25.51 -34.55 -3.57
N ASP A 253 -25.20 -35.13 -2.41
CA ASP A 253 -26.11 -35.12 -1.28
C ASP A 253 -26.51 -33.69 -0.95
N VAL A 254 -25.52 -32.80 -0.99
CA VAL A 254 -25.75 -31.39 -0.69
C VAL A 254 -26.59 -30.76 -1.77
N PHE A 255 -26.42 -31.23 -3.01
CA PHE A 255 -27.12 -30.65 -4.14
C PHE A 255 -28.59 -31.04 -4.25
N ARG A 256 -28.84 -32.33 -4.51
CA ARG A 256 -30.20 -32.81 -4.78
C ARG A 256 -31.08 -32.88 -3.54
N LYS A 257 -30.48 -33.20 -2.40
CA LYS A 257 -31.25 -33.37 -1.18
C LYS A 257 -31.29 -32.13 -0.28
N VAL A 258 -30.63 -31.04 -0.70
CA VAL A 258 -30.68 -29.80 0.07
C VAL A 258 -31.06 -28.56 -0.75
N GLU A 259 -30.21 -28.14 -1.69
CA GLU A 259 -30.40 -26.83 -2.31
C GLU A 259 -31.44 -26.78 -3.44
N MET A 260 -31.60 -27.87 -4.19
CA MET A 260 -32.69 -27.91 -5.16
C MET A 260 -34.06 -27.73 -4.48
N PRO A 261 -34.33 -28.44 -3.37
CA PRO A 261 -35.53 -28.11 -2.59
C PRO A 261 -35.63 -26.64 -2.21
N SER A 262 -34.49 -25.99 -1.94
CA SER A 262 -34.50 -24.56 -1.65
C SER A 262 -34.94 -23.74 -2.85
N GLN A 263 -34.47 -24.13 -4.03
CA GLN A 263 -34.90 -23.52 -5.29
C GLN A 263 -36.41 -23.66 -5.49
N TYR A 264 -36.93 -24.84 -5.15
CA TYR A 264 -38.36 -25.13 -5.19
C TYR A 264 -39.15 -24.23 -4.26
N CYS A 265 -38.79 -24.24 -2.98
CA CYS A 265 -39.45 -23.43 -1.98
C CYS A 265 -39.42 -21.95 -2.40
N LEU A 266 -38.27 -21.52 -2.94
CA LEU A 266 -38.13 -20.17 -3.49
C LEU A 266 -39.14 -19.95 -4.63
N ALA A 267 -39.38 -20.99 -5.42
CA ALA A 267 -40.30 -20.87 -6.56
C ALA A 267 -41.73 -20.66 -6.10
N LEU A 268 -42.21 -21.49 -5.17
CA LEU A 268 -43.60 -21.36 -4.75
C LEU A 268 -43.76 -20.06 -3.94
N LEU A 269 -42.69 -19.63 -3.27
CA LEU A 269 -42.68 -18.28 -2.70
C LEU A 269 -42.98 -17.28 -3.79
N GLU A 270 -42.14 -17.34 -4.82
CA GLU A 270 -42.10 -16.34 -5.87
C GLU A 270 -43.44 -16.29 -6.61
N LEU A 271 -44.18 -17.40 -6.57
CA LEU A 271 -45.56 -17.44 -7.06
C LEU A 271 -46.53 -16.81 -6.05
N ASN A 272 -46.29 -17.03 -4.77
CA ASN A 272 -47.10 -16.41 -3.72
C ASN A 272 -47.09 -14.89 -3.78
N GLY A 273 -45.90 -14.31 -3.88
CA GLY A 273 -45.72 -12.87 -3.75
C GLY A 273 -45.84 -12.41 -2.32
N ILE A 274 -46.11 -11.11 -2.12
CA ILE A 274 -46.40 -10.59 -0.79
C ILE A 274 -47.39 -9.42 -0.86
N GLY A 275 -48.26 -9.31 0.14
CA GLY A 275 -49.35 -8.34 0.12
C GLY A 275 -48.93 -6.93 0.44
N PHE A 276 -49.69 -5.96 -0.07
CA PHE A 276 -49.30 -4.56 0.05
C PHE A 276 -50.52 -3.64 0.21
N SER A 277 -50.33 -2.51 0.87
CA SER A 277 -51.41 -1.55 1.07
C SER A 277 -51.04 -0.15 0.61
N THR A 278 -51.70 0.32 -0.45
CA THR A 278 -51.42 1.63 -1.01
C THR A 278 -51.91 2.76 -0.11
N ALA A 279 -52.94 2.49 0.70
CA ALA A 279 -53.46 3.50 1.60
C ALA A 279 -52.44 3.89 2.67
N GLU A 280 -51.81 2.88 3.26
CA GLU A 280 -50.76 3.09 4.25
C GLU A 280 -49.53 3.71 3.60
N CYS A 281 -49.15 3.14 2.45
CA CYS A 281 -48.01 3.61 1.68
C CYS A 281 -48.12 5.10 1.35
N GLU A 282 -49.33 5.52 0.98
CA GLU A 282 -49.61 6.90 0.60
C GLU A 282 -49.73 7.80 1.83
N SER A 283 -50.27 7.26 2.92
CA SER A 283 -50.37 7.98 4.18
C SER A 283 -48.98 8.37 4.68
N GLN A 284 -48.11 7.37 4.83
CA GLN A 284 -46.76 7.61 5.29
C GLN A 284 -45.96 8.37 4.24
N LYS A 285 -46.35 8.23 2.98
CA LYS A 285 -45.77 9.03 1.90
C LYS A 285 -45.96 10.51 2.22
N HIS A 286 -47.21 10.90 2.43
CA HIS A 286 -47.53 12.30 2.72
C HIS A 286 -46.88 12.76 4.03
N ILE A 287 -46.78 11.85 5.00
CA ILE A 287 -46.05 12.14 6.22
C ILE A 287 -44.59 12.53 5.93
N MET A 288 -43.93 11.71 5.11
CA MET A 288 -42.55 12.01 4.71
C MET A 288 -42.44 13.32 3.95
N GLN A 289 -43.48 13.67 3.19
CA GLN A 289 -43.47 14.95 2.50
C GLN A 289 -43.52 16.09 3.52
N ALA A 290 -44.35 15.91 4.55
CA ALA A 290 -44.49 16.88 5.62
C ALA A 290 -43.13 17.13 6.27
N LYS A 291 -42.45 16.06 6.67
CA LYS A 291 -41.12 16.23 7.27
C LYS A 291 -40.12 16.80 6.26
N LEU A 292 -40.29 16.46 4.99
CA LEU A 292 -39.42 16.97 3.93
C LEU A 292 -39.41 18.50 3.91
N ASP A 293 -40.56 19.07 3.63
CA ASP A 293 -40.66 20.53 3.52
C ASP A 293 -40.43 21.22 4.87
N ALA A 294 -40.93 20.61 5.95
CA ALA A 294 -40.74 21.18 7.29
C ALA A 294 -39.26 21.26 7.67
N ILE A 295 -38.50 20.24 7.29
CA ILE A 295 -37.06 20.24 7.53
C ILE A 295 -36.36 21.19 6.56
N GLU A 296 -36.96 21.42 5.40
CA GLU A 296 -36.46 22.45 4.48
C GLU A 296 -36.47 23.81 5.18
N THR A 297 -37.62 24.20 5.73
CA THR A 297 -37.73 25.48 6.42
C THR A 297 -36.99 25.52 7.76
N GLN A 298 -36.95 24.41 8.48
CA GLN A 298 -36.17 24.31 9.72
C GLN A 298 -34.69 24.51 9.43
N ALA A 299 -34.27 24.06 8.26
CA ALA A 299 -32.89 24.18 7.82
C ALA A 299 -32.53 25.61 7.46
N TYR A 300 -33.41 26.25 6.68
CA TYR A 300 -33.07 27.56 6.14
C TYR A 300 -33.49 28.68 7.09
N GLN A 301 -33.94 28.28 8.27
CA GLN A 301 -34.16 29.20 9.37
C GLN A 301 -32.86 29.83 9.89
N LEU A 302 -31.76 29.08 9.82
CA LEU A 302 -30.49 29.64 10.27
C LEU A 302 -29.98 30.67 9.27
N ALA A 303 -29.84 30.28 8.01
CA ALA A 303 -29.69 31.27 6.95
C ALA A 303 -30.53 30.94 5.72
N GLY A 304 -30.05 29.94 4.98
CA GLY A 304 -30.53 29.57 3.67
C GLY A 304 -29.91 30.51 2.65
N HIS A 305 -29.47 29.97 1.53
CA HIS A 305 -29.15 30.78 0.36
C HIS A 305 -29.52 29.97 -0.88
N SER A 306 -30.64 30.29 -1.50
CA SER A 306 -31.06 29.66 -2.76
C SER A 306 -30.87 28.13 -2.80
N PHE A 307 -31.05 27.46 -1.66
CA PHE A 307 -30.68 26.04 -1.50
C PHE A 307 -31.64 24.96 -2.01
N SER A 308 -31.04 23.85 -2.46
CA SER A 308 -31.72 22.57 -2.63
C SER A 308 -30.75 21.45 -2.24
N PHE A 309 -31.22 20.48 -1.48
CA PHE A 309 -30.34 19.46 -0.90
C PHE A 309 -29.70 18.50 -1.91
N THR A 310 -30.38 18.25 -3.03
CA THR A 310 -29.95 17.20 -3.97
C THR A 310 -28.54 17.41 -4.51
N SER A 311 -28.14 18.67 -4.66
CA SER A 311 -26.83 19.00 -5.17
C SER A 311 -25.83 19.19 -4.02
N SER A 312 -24.79 18.36 -3.99
CA SER A 312 -23.76 18.45 -2.97
C SER A 312 -22.91 19.71 -3.13
N ASP A 313 -22.80 20.21 -4.36
CA ASP A 313 -22.07 21.45 -4.62
C ASP A 313 -22.87 22.62 -4.07
N ASP A 314 -24.19 22.46 -4.06
CA ASP A 314 -25.08 23.44 -3.44
C ASP A 314 -24.97 23.38 -1.91
N ILE A 315 -24.72 22.18 -1.39
CA ILE A 315 -24.51 21.99 0.04
C ILE A 315 -23.20 22.64 0.47
N ALA A 316 -22.22 22.58 -0.42
CA ALA A 316 -20.90 23.15 -0.18
C ALA A 316 -20.94 24.62 0.26
N GLU A 317 -21.96 25.34 -0.20
CA GLU A 317 -22.11 26.74 0.18
C GLU A 317 -22.20 26.91 1.70
N VAL A 318 -23.32 26.50 2.29
CA VAL A 318 -23.53 26.69 3.73
C VAL A 318 -22.60 25.79 4.55
N LEU A 319 -22.30 24.62 4.02
CA LEU A 319 -21.46 23.65 4.72
C LEU A 319 -20.04 24.16 4.89
N PHE A 320 -19.40 24.53 3.78
CA PHE A 320 -18.03 25.04 3.83
C PHE A 320 -17.95 26.46 4.38
N LEU A 321 -19.03 27.23 4.26
CA LEU A 321 -19.03 28.59 4.81
C LEU A 321 -19.29 28.67 6.32
N GLU A 322 -20.52 28.38 6.76
CA GLU A 322 -20.94 28.73 8.12
C GLU A 322 -20.52 27.77 9.25
N LEU A 323 -19.84 26.69 8.91
CA LEU A 323 -19.33 25.77 9.92
C LEU A 323 -17.81 25.68 9.86
N LYS A 324 -17.31 25.28 8.69
CA LYS A 324 -15.88 25.18 8.40
C LYS A 324 -15.15 24.13 9.25
N LEU A 325 -15.48 22.87 9.00
CA LEU A 325 -14.74 21.73 9.58
C LEU A 325 -14.69 20.57 8.59
N PRO A 326 -13.78 20.62 7.59
CA PRO A 326 -13.55 19.52 6.65
C PRO A 326 -12.36 18.60 6.96
N PRO A 327 -12.45 17.72 7.98
CA PRO A 327 -11.31 16.80 8.12
C PRO A 327 -11.35 15.66 7.12
N GLN A 358 -15.53 18.88 -5.69
CA GLN A 358 -15.61 17.72 -4.81
C GLN A 358 -14.81 17.89 -3.52
N PHE A 359 -15.36 17.40 -2.41
CA PHE A 359 -14.55 17.16 -1.21
C PHE A 359 -14.81 15.77 -0.64
N SER A 360 -15.98 15.58 -0.02
CA SER A 360 -16.48 14.29 0.45
C SER A 360 -17.82 14.52 1.15
N THR A 361 -18.49 13.45 1.59
CA THR A 361 -19.80 13.61 2.22
C THR A 361 -20.05 12.88 3.55
N SER A 362 -20.15 11.56 3.49
CA SER A 362 -20.89 10.76 4.48
C SER A 362 -20.27 10.57 5.87
N LYS A 363 -19.20 9.78 5.89
CA LYS A 363 -18.54 9.36 7.11
C LYS A 363 -18.26 10.55 8.03
N ASP A 364 -17.72 11.61 7.45
CA ASP A 364 -17.39 12.84 8.18
C ASP A 364 -18.61 13.50 8.83
N VAL A 365 -19.74 13.52 8.14
CA VAL A 365 -20.91 14.20 8.66
C VAL A 365 -21.64 13.31 9.67
N LEU A 366 -21.41 12.00 9.61
CA LEU A 366 -21.81 11.13 10.72
C LEU A 366 -20.96 11.46 11.96
N ASN A 367 -19.66 11.58 11.73
CA ASN A 367 -18.72 12.08 12.74
C ASN A 367 -19.17 13.37 13.41
N LYS A 368 -19.74 14.28 12.64
CA LYS A 368 -20.37 15.46 13.24
C LYS A 368 -21.76 15.19 13.80
N LEU A 369 -22.39 14.12 13.34
CA LEU A 369 -23.73 13.76 13.82
C LEU A 369 -23.69 13.37 15.29
N LYS A 370 -22.63 12.66 15.68
CA LYS A 370 -22.43 12.35 17.11
C LYS A 370 -22.47 13.60 18.01
N ALA A 371 -21.51 14.51 17.82
CA ALA A 371 -21.34 15.65 18.72
C ALA A 371 -22.19 16.88 18.38
N LEU A 372 -21.93 17.49 17.22
CA LEU A 372 -22.52 18.79 16.89
C LEU A 372 -24.03 18.75 16.66
N HIS A 373 -24.76 19.59 17.40
CA HIS A 373 -26.19 19.79 17.20
C HIS A 373 -26.66 20.63 15.98
N PRO A 374 -26.06 21.81 15.70
CA PRO A 374 -26.60 22.69 14.64
C PRO A 374 -26.56 22.12 13.22
N LEU A 375 -27.53 21.24 12.94
CA LEU A 375 -27.80 20.70 11.61
C LEU A 375 -26.67 19.94 10.89
N PRO A 376 -25.90 19.08 11.58
CA PRO A 376 -25.30 18.04 10.75
C PRO A 376 -26.32 16.96 10.41
N GLY A 377 -27.15 16.65 11.40
CA GLY A 377 -28.09 15.54 11.36
C GLY A 377 -29.35 15.88 10.60
N LEU A 378 -29.53 17.16 10.30
CA LEU A 378 -30.62 17.57 9.44
C LEU A 378 -30.42 16.93 8.07
N ILE A 379 -29.16 16.85 7.66
CA ILE A 379 -28.80 16.18 6.43
C ILE A 379 -29.04 14.69 6.58
N LEU A 380 -28.87 14.18 7.80
CA LEU A 380 -29.16 12.77 8.08
C LEU A 380 -30.62 12.46 7.81
N GLU A 381 -31.51 13.17 8.50
CA GLU A 381 -32.94 12.90 8.38
C GLU A 381 -33.42 13.17 6.96
N TRP A 382 -32.90 14.22 6.33
CA TRP A 382 -33.31 14.53 4.97
C TRP A 382 -32.87 13.47 3.96
N ARG A 383 -31.59 13.15 3.93
CA ARG A 383 -31.06 12.16 3.00
C ARG A 383 -31.71 10.79 3.24
N ARG A 384 -31.95 10.47 4.51
CA ARG A 384 -32.61 9.22 4.88
C ARG A 384 -34.05 9.16 4.36
N ILE A 385 -34.79 10.25 4.52
CA ILE A 385 -36.13 10.35 3.94
C ILE A 385 -36.07 10.16 2.42
N THR A 386 -35.10 10.82 1.79
CA THR A 386 -34.94 10.74 0.34
C THR A 386 -34.71 9.32 -0.16
N ASN A 387 -33.79 8.59 0.47
CA ASN A 387 -33.60 7.19 0.11
C ASN A 387 -34.86 6.38 0.42
N ALA A 388 -35.55 6.78 1.48
CA ALA A 388 -36.76 6.09 1.92
C ALA A 388 -37.91 6.28 0.94
N ILE A 389 -37.84 7.32 0.10
CA ILE A 389 -38.93 7.55 -0.86
C ILE A 389 -38.50 7.15 -2.27
N THR A 390 -37.47 7.78 -2.82
CA THR A 390 -37.14 7.57 -4.23
C THR A 390 -36.72 6.12 -4.54
N LYS A 391 -36.03 5.46 -3.62
CA LYS A 391 -35.57 4.09 -3.86
C LYS A 391 -36.44 3.02 -3.19
N VAL A 392 -37.51 3.42 -2.50
CA VAL A 392 -38.37 2.45 -1.80
C VAL A 392 -39.86 2.57 -2.15
N VAL A 393 -40.46 3.71 -1.87
CA VAL A 393 -41.89 3.92 -2.14
C VAL A 393 -42.16 3.69 -3.62
N PHE A 394 -41.33 4.28 -4.46
CA PHE A 394 -41.56 4.29 -5.90
C PHE A 394 -41.59 2.91 -6.59
N PRO A 395 -40.51 2.10 -6.47
CA PRO A 395 -40.61 0.83 -7.21
C PRO A 395 -41.71 -0.10 -6.66
N LEU A 396 -41.92 -0.08 -5.34
CA LEU A 396 -43.00 -0.84 -4.73
C LEU A 396 -44.33 -0.43 -5.32
N GLN A 397 -44.60 0.86 -5.27
CA GLN A 397 -45.90 1.40 -5.66
C GLN A 397 -46.05 1.31 -7.18
N ARG A 398 -44.95 1.06 -7.88
CA ARG A 398 -44.98 0.88 -9.33
C ARG A 398 -45.32 -0.54 -9.75
N GLU A 399 -44.46 -1.49 -9.41
CA GLU A 399 -44.55 -2.84 -9.99
C GLU A 399 -45.47 -3.75 -9.19
N LYS A 400 -46.20 -3.16 -8.26
CA LYS A 400 -47.30 -3.86 -7.61
C LYS A 400 -48.25 -4.40 -8.68
N CYS A 401 -48.85 -5.55 -8.39
CA CYS A 401 -49.87 -6.10 -9.26
C CYS A 401 -51.03 -6.38 -8.34
N LEU A 402 -52.09 -6.99 -8.85
CA LEU A 402 -53.18 -7.40 -7.97
C LEU A 402 -53.43 -8.87 -8.15
N ASN A 403 -53.80 -9.56 -7.08
CA ASN A 403 -54.31 -10.91 -7.25
C ASN A 403 -55.82 -10.87 -7.06
N PRO A 404 -56.56 -10.98 -8.18
CA PRO A 404 -58.03 -10.91 -8.21
C PRO A 404 -58.62 -12.02 -7.36
N PHE A 405 -57.84 -13.09 -7.22
CA PHE A 405 -58.24 -14.27 -6.48
C PHE A 405 -58.36 -13.91 -5.01
N LEU A 406 -57.71 -12.82 -4.65
CA LEU A 406 -57.67 -12.35 -3.27
C LEU A 406 -58.53 -11.10 -3.14
N GLY A 407 -58.21 -10.07 -3.92
CA GLY A 407 -58.88 -8.80 -3.79
C GLY A 407 -57.93 -7.85 -3.10
N MET A 408 -56.70 -8.32 -2.96
CA MET A 408 -55.60 -7.50 -2.48
C MET A 408 -54.55 -7.37 -3.58
N GLU A 409 -53.75 -6.30 -3.50
CA GLU A 409 -52.64 -6.16 -4.43
C GLU A 409 -51.35 -6.65 -3.78
N ARG A 410 -50.54 -7.36 -4.57
CA ARG A 410 -49.33 -7.99 -4.08
C ARG A 410 -48.16 -7.74 -5.03
N ILE A 411 -46.95 -7.97 -4.54
CA ILE A 411 -45.75 -7.72 -5.34
C ILE A 411 -44.86 -8.95 -5.34
N TYR A 412 -44.23 -9.21 -6.48
CA TYR A 412 -43.54 -10.47 -6.71
C TYR A 412 -42.04 -10.26 -6.88
N PRO A 413 -41.26 -10.66 -5.87
CA PRO A 413 -39.80 -10.65 -5.96
C PRO A 413 -39.31 -11.78 -6.87
N VAL A 414 -38.01 -12.00 -6.92
CA VAL A 414 -37.46 -13.09 -7.72
C VAL A 414 -36.44 -13.94 -6.95
N SER A 415 -36.57 -15.26 -7.04
CA SER A 415 -35.57 -16.13 -6.43
C SER A 415 -34.22 -15.90 -7.10
N GLN A 416 -33.15 -15.89 -6.29
CA GLN A 416 -31.81 -15.60 -6.80
C GLN A 416 -30.74 -16.61 -6.48
N SER A 417 -30.41 -16.76 -5.19
CA SER A 417 -29.23 -17.49 -4.74
C SER A 417 -27.99 -16.90 -5.39
N HIS A 418 -27.07 -17.78 -5.79
CA HIS A 418 -25.80 -17.41 -6.39
C HIS A 418 -24.98 -16.41 -5.58
N THR A 419 -25.17 -16.41 -4.27
CA THR A 419 -24.27 -15.72 -3.36
C THR A 419 -23.01 -16.55 -3.13
N ALA A 420 -21.94 -15.88 -2.72
CA ALA A 420 -20.69 -16.56 -2.39
C ALA A 420 -20.82 -17.42 -1.13
N THR A 421 -21.56 -16.94 -0.14
CA THR A 421 -21.77 -17.67 1.10
C THR A 421 -22.81 -18.78 0.93
N GLY A 422 -23.76 -18.56 0.02
CA GLY A 422 -24.89 -19.46 -0.15
C GLY A 422 -26.17 -18.84 0.38
N ARG A 423 -26.09 -17.57 0.75
CA ARG A 423 -27.26 -16.85 1.25
C ARG A 423 -28.18 -16.61 0.06
N ILE A 424 -29.37 -16.05 0.29
CA ILE A 424 -30.34 -15.89 -0.79
C ILE A 424 -30.93 -14.48 -0.83
N THR A 425 -31.11 -13.96 -2.04
CA THR A 425 -31.67 -12.63 -2.21
C THR A 425 -32.81 -12.64 -3.23
N PHE A 426 -33.44 -11.48 -3.43
CA PHE A 426 -34.55 -11.38 -4.37
C PHE A 426 -34.46 -10.11 -5.19
N THR A 427 -34.54 -10.21 -6.52
CA THR A 427 -34.77 -8.99 -7.27
C THR A 427 -35.72 -9.02 -8.47
N GLU A 428 -36.98 -8.60 -8.31
CA GLU A 428 -37.51 -7.55 -9.17
C GLU A 428 -37.30 -6.22 -8.44
N PRO A 429 -37.92 -6.04 -7.25
CA PRO A 429 -37.25 -5.17 -6.29
C PRO A 429 -36.45 -6.07 -5.37
N ASN A 430 -35.70 -5.51 -4.43
CA ASN A 430 -35.26 -6.32 -3.31
C ASN A 430 -35.89 -5.82 -2.03
N ILE A 431 -36.82 -6.60 -1.49
CA ILE A 431 -37.53 -6.14 -0.31
C ILE A 431 -36.84 -6.60 0.96
N GLN A 432 -35.67 -7.22 0.81
CA GLN A 432 -34.87 -7.59 1.98
C GLN A 432 -34.40 -6.34 2.71
N ASN A 433 -34.03 -5.34 1.93
CA ASN A 433 -33.40 -4.15 2.49
C ASN A 433 -34.43 -3.09 2.85
N VAL A 434 -35.72 -3.44 2.76
CA VAL A 434 -36.77 -2.48 3.03
C VAL A 434 -36.49 -1.78 4.35
N PRO A 435 -36.75 -0.47 4.39
CA PRO A 435 -36.30 0.34 5.51
C PRO A 435 -36.87 -0.09 6.85
N ARG A 436 -36.11 0.21 7.89
CA ARG A 436 -36.46 -0.13 9.25
C ARG A 436 -37.21 1.04 9.86
N ASP A 437 -38.18 0.73 10.71
CA ASP A 437 -38.98 1.74 11.39
C ASP A 437 -38.11 2.78 12.08
N PHE A 438 -38.44 4.06 11.94
CA PHE A 438 -37.71 5.09 12.68
C PHE A 438 -38.56 6.28 13.12
N GLU A 439 -38.15 6.86 14.24
CA GLU A 439 -38.85 7.99 14.85
C GLU A 439 -38.58 9.29 14.11
N ILE A 440 -39.48 10.26 14.31
CA ILE A 440 -39.49 11.49 13.53
C ILE A 440 -40.11 12.60 14.39
N LYS A 441 -39.66 13.85 14.23
CA LYS A 441 -40.21 14.93 15.07
C LYS A 441 -41.09 15.90 14.28
N MET A 442 -42.10 16.44 14.95
CA MET A 442 -42.99 17.42 14.34
C MET A 442 -42.54 18.84 14.69
N GLY A 489 -45.44 14.55 24.72
CA GLY A 489 -45.04 15.54 23.73
C GLY A 489 -45.70 15.30 22.39
N MET A 490 -45.17 15.92 21.34
CA MET A 490 -45.70 15.69 20.00
C MET A 490 -44.62 15.18 19.03
N PRO A 491 -44.15 13.94 19.24
CA PRO A 491 -43.29 13.28 18.26
C PRO A 491 -44.13 12.46 17.30
N PHE A 492 -43.47 11.68 16.45
CA PHE A 492 -44.16 10.73 15.60
C PHE A 492 -43.17 9.64 15.21
N SER A 493 -43.63 8.63 14.49
CA SER A 493 -42.77 7.55 14.03
C SER A 493 -43.33 6.94 12.75
N ILE A 494 -42.43 6.50 11.86
CA ILE A 494 -42.89 5.92 10.60
C ILE A 494 -42.24 4.59 10.29
N SER A 495 -43.02 3.73 9.64
CA SER A 495 -42.54 2.44 9.17
C SER A 495 -42.88 2.30 7.70
N MET A 496 -41.87 2.32 6.84
CA MET A 496 -42.12 2.07 5.42
C MET A 496 -42.61 0.65 5.22
N ARG A 497 -42.09 -0.25 6.05
CA ARG A 497 -42.34 -1.68 5.86
C ARG A 497 -43.73 -2.08 6.33
N HIS A 498 -44.32 -1.28 7.21
CA HIS A 498 -45.66 -1.52 7.74
C HIS A 498 -46.72 -1.63 6.65
N ALA A 499 -46.40 -1.13 5.46
CA ALA A 499 -47.33 -1.12 4.33
C ALA A 499 -47.62 -2.54 3.83
N PHE A 500 -46.80 -3.50 4.24
CA PHE A 500 -47.00 -4.90 3.85
C PHE A 500 -48.08 -5.57 4.69
N VAL A 501 -49.12 -6.08 4.04
CA VAL A 501 -50.25 -6.68 4.72
C VAL A 501 -50.54 -8.12 4.28
N PRO A 502 -51.13 -8.94 5.16
CA PRO A 502 -51.63 -10.26 4.76
C PRO A 502 -52.99 -10.18 4.08
N PHE A 503 -53.53 -11.31 3.64
CA PHE A 503 -54.87 -11.33 3.07
C PHE A 503 -55.88 -11.12 4.21
N PRO A 504 -57.08 -10.60 3.88
CA PRO A 504 -58.00 -10.08 4.91
C PRO A 504 -58.24 -11.01 6.10
N GLY A 505 -58.33 -12.30 5.83
CA GLY A 505 -58.55 -13.28 6.88
C GLY A 505 -57.28 -13.63 7.63
N GLY A 506 -56.15 -13.33 7.00
CA GLY A 506 -54.86 -13.78 7.50
C GLY A 506 -54.15 -12.95 8.56
N SER A 507 -52.96 -13.42 8.90
CA SER A 507 -52.07 -12.78 9.86
C SER A 507 -50.64 -13.15 9.48
N ILE A 508 -49.68 -12.33 9.89
CA ILE A 508 -48.29 -12.55 9.53
C ILE A 508 -47.50 -13.22 10.64
N LEU A 509 -46.83 -14.32 10.29
CA LEU A 509 -45.95 -15.01 11.22
C LEU A 509 -44.50 -14.84 10.77
N ALA A 510 -43.68 -14.34 11.69
CA ALA A 510 -42.27 -14.11 11.45
C ALA A 510 -41.45 -14.96 12.41
N ALA A 511 -40.52 -15.74 11.87
CA ALA A 511 -39.67 -16.55 12.73
C ALA A 511 -38.22 -16.10 12.70
N ASP A 512 -37.79 -15.48 13.79
CA ASP A 512 -36.44 -14.96 13.94
C ASP A 512 -35.55 -15.91 14.70
N TYR A 513 -34.34 -16.13 14.19
CA TYR A 513 -33.32 -16.85 14.94
C TYR A 513 -32.70 -15.85 15.90
N SER A 514 -32.45 -16.25 17.15
CA SER A 514 -31.86 -15.34 18.12
C SER A 514 -30.34 -15.51 18.08
N GLN A 515 -29.67 -14.50 17.53
CA GLN A 515 -28.21 -14.49 17.36
C GLN A 515 -27.67 -15.84 16.90
N LEU A 516 -28.00 -16.23 15.67
CA LEU A 516 -27.65 -17.57 15.19
C LEU A 516 -26.19 -17.75 14.79
N GLU A 517 -25.67 -16.83 13.98
CA GLU A 517 -24.30 -16.96 13.48
C GLU A 517 -23.32 -17.08 14.67
N LEU A 518 -23.64 -16.33 15.72
CA LEU A 518 -22.93 -16.42 16.98
C LEU A 518 -22.97 -17.83 17.54
N ARG A 519 -24.12 -18.50 17.45
CA ARG A 519 -24.24 -19.87 17.95
C ARG A 519 -23.44 -20.86 17.11
N ILE A 520 -23.41 -20.65 15.80
CA ILE A 520 -22.58 -21.49 14.93
C ILE A 520 -21.10 -21.34 15.26
N LEU A 521 -20.63 -20.10 15.36
CA LEU A 521 -19.24 -19.84 15.69
C LEU A 521 -18.89 -20.34 17.10
N ALA A 522 -19.86 -20.22 17.99
CA ALA A 522 -19.77 -20.76 19.33
C ALA A 522 -19.60 -22.28 19.27
N HIS A 523 -20.29 -22.89 18.31
CA HIS A 523 -20.19 -24.32 18.06
C HIS A 523 -18.83 -24.76 17.52
N LEU A 524 -18.32 -24.06 16.50
CA LEU A 524 -17.07 -24.51 15.88
C LEU A 524 -15.82 -24.16 16.68
N SER A 525 -15.81 -22.99 17.32
CA SER A 525 -14.64 -22.61 18.10
C SER A 525 -14.59 -23.44 19.37
N HIS A 526 -15.78 -23.87 19.81
CA HIS A 526 -15.95 -24.57 21.07
C HIS A 526 -15.35 -23.77 22.23
N ASP A 527 -15.56 -22.45 22.17
CA ASP A 527 -15.23 -21.60 23.30
C ASP A 527 -16.41 -21.68 24.25
N ARG A 528 -16.17 -22.23 25.43
CA ARG A 528 -17.25 -22.47 26.38
C ARG A 528 -17.77 -21.16 26.94
N ARG A 529 -16.90 -20.15 26.97
CA ARG A 529 -17.27 -18.85 27.51
C ARG A 529 -18.35 -18.15 26.72
N LEU A 530 -18.15 -18.05 25.41
CA LEU A 530 -19.15 -17.45 24.53
C LEU A 530 -20.47 -18.22 24.68
N ILE A 531 -20.39 -19.55 24.72
CA ILE A 531 -21.57 -20.38 24.96
C ILE A 531 -22.32 -19.94 26.20
N GLN A 532 -21.60 -19.76 27.30
CA GLN A 532 -22.24 -19.43 28.58
C GLN A 532 -22.73 -17.99 28.64
N VAL A 533 -22.08 -17.09 27.91
CA VAL A 533 -22.53 -15.71 27.80
C VAL A 533 -23.78 -15.62 26.93
N LEU A 534 -23.85 -16.48 25.92
CA LEU A 534 -24.94 -16.46 24.96
C LEU A 534 -26.15 -17.23 25.49
N ASN A 535 -25.91 -18.19 26.38
CA ASN A 535 -27.02 -18.93 26.98
C ASN A 535 -27.68 -18.12 28.09
N THR A 536 -27.21 -16.89 28.34
CA THR A 536 -27.79 -16.07 29.40
C THR A 536 -28.33 -14.71 28.95
N GLY A 537 -27.46 -13.77 28.59
CA GLY A 537 -27.83 -12.38 28.71
C GLY A 537 -28.85 -11.90 27.71
N ALA A 538 -29.27 -10.64 27.88
CA ALA A 538 -30.48 -10.16 27.24
C ALA A 538 -30.16 -9.09 26.19
N ASP A 539 -30.29 -9.48 24.92
CA ASP A 539 -29.97 -8.61 23.79
C ASP A 539 -28.67 -7.88 24.08
N VAL A 540 -27.57 -8.65 24.12
CA VAL A 540 -26.31 -8.23 24.73
C VAL A 540 -25.80 -6.91 24.13
N PHE A 541 -26.30 -6.59 22.96
CA PHE A 541 -26.05 -5.31 22.30
C PHE A 541 -26.50 -4.13 23.16
N ARG A 542 -27.66 -4.29 23.80
CA ARG A 542 -28.18 -3.28 24.73
C ARG A 542 -27.22 -3.09 25.90
N SER A 543 -26.59 -4.19 26.32
CA SER A 543 -25.60 -4.15 27.39
C SER A 543 -24.31 -3.48 26.94
N ILE A 544 -23.92 -3.70 25.68
CA ILE A 544 -22.74 -3.07 25.12
C ILE A 544 -22.93 -1.57 24.97
N ALA A 545 -24.07 -1.17 24.42
CA ALA A 545 -24.41 0.25 24.30
C ALA A 545 -24.53 0.89 25.69
N ALA A 546 -25.08 0.13 26.63
CA ALA A 546 -25.27 0.60 28.00
C ALA A 546 -23.96 1.02 28.67
N GLU A 547 -22.88 0.30 28.37
CA GLU A 547 -21.59 0.60 28.97
C GLU A 547 -20.75 1.49 28.04
N TRP A 548 -21.29 1.86 26.89
CA TRP A 548 -20.43 2.49 25.89
C TRP A 548 -20.56 4.00 25.68
N LYS A 549 -21.55 4.45 24.92
CA LYS A 549 -21.55 5.85 24.49
C LYS A 549 -21.90 6.76 25.67
N MET A 550 -22.78 6.26 26.52
CA MET A 550 -22.99 6.81 27.86
C MET A 550 -23.63 5.69 28.67
N ILE A 551 -23.58 5.77 29.99
CA ILE A 551 -24.21 4.71 30.77
C ILE A 551 -25.70 5.00 30.96
N GLU A 552 -26.52 4.15 30.36
CA GLU A 552 -27.95 4.10 30.56
C GLU A 552 -28.30 2.63 30.67
N PRO A 553 -29.18 2.25 31.60
CA PRO A 553 -29.49 0.81 31.71
C PRO A 553 -30.21 0.32 30.46
N GLU A 554 -31.15 1.14 30.01
CA GLU A 554 -31.89 0.92 28.77
C GLU A 554 -32.41 2.27 28.31
N SER A 555 -33.44 2.27 27.45
CA SER A 555 -33.86 3.42 26.67
C SER A 555 -32.78 3.69 25.63
N VAL A 556 -32.26 2.58 25.09
CA VAL A 556 -31.38 2.60 23.95
C VAL A 556 -32.19 2.73 22.67
N GLY A 557 -31.95 3.79 21.90
CA GLY A 557 -32.67 4.00 20.67
C GLY A 557 -32.26 2.94 19.67
N ASP A 558 -33.10 2.71 18.65
CA ASP A 558 -32.85 1.64 17.70
C ASP A 558 -31.61 1.86 16.85
N ASP A 559 -31.41 3.05 16.30
CA ASP A 559 -30.31 3.24 15.36
C ASP A 559 -28.99 3.24 16.11
N LEU A 560 -29.10 3.39 17.44
CA LEU A 560 -27.98 3.20 18.35
C LEU A 560 -27.65 1.72 18.53
N ARG A 561 -28.68 0.92 18.85
CA ARG A 561 -28.54 -0.52 18.94
C ARG A 561 -27.99 -1.11 17.64
N GLN A 562 -28.47 -0.56 16.52
CA GLN A 562 -28.09 -0.97 15.17
C GLN A 562 -26.66 -0.60 14.85
N GLN A 563 -26.26 0.60 15.28
CA GLN A 563 -24.88 1.02 15.10
C GLN A 563 -23.95 0.15 15.94
N ALA A 564 -24.36 -0.13 17.17
CA ALA A 564 -23.61 -0.99 18.08
C ALA A 564 -23.49 -2.41 17.53
N LYS A 565 -24.57 -2.89 16.94
CA LYS A 565 -24.61 -4.20 16.30
C LYS A 565 -23.62 -4.26 15.13
N GLN A 566 -23.70 -3.23 14.28
CA GLN A 566 -22.79 -3.04 13.17
C GLN A 566 -21.34 -3.11 13.67
N ILE A 567 -21.08 -2.31 14.70
CA ILE A 567 -19.76 -2.23 15.35
C ILE A 567 -19.24 -3.57 15.84
N CYS A 568 -20.04 -4.23 16.66
CA CYS A 568 -19.64 -5.46 17.34
C CYS A 568 -19.43 -6.61 16.37
N TYR A 569 -20.44 -6.88 15.55
CA TYR A 569 -20.32 -7.89 14.52
C TYR A 569 -19.11 -7.58 13.66
N GLY A 570 -18.84 -6.29 13.48
CA GLY A 570 -17.63 -5.86 12.81
C GLY A 570 -16.37 -6.32 13.53
N ILE A 571 -16.31 -6.10 14.85
CA ILE A 571 -15.15 -6.47 15.66
C ILE A 571 -14.83 -7.95 15.51
N ILE A 572 -15.88 -8.77 15.59
CA ILE A 572 -15.71 -10.22 15.59
C ILE A 572 -14.97 -10.73 14.35
N TYR A 573 -15.27 -10.13 13.20
CA TYR A 573 -14.66 -10.56 11.94
C TYR A 573 -13.33 -9.85 11.69
N GLY A 574 -12.85 -9.12 12.69
CA GLY A 574 -11.57 -8.42 12.60
C GLY A 574 -11.57 -7.07 11.91
N MET A 575 -12.56 -6.25 12.23
CA MET A 575 -12.56 -4.85 11.84
C MET A 575 -11.24 -4.19 12.24
N GLY A 576 -10.70 -3.37 11.33
CA GLY A 576 -9.45 -2.67 11.57
C GLY A 576 -9.60 -1.65 12.68
N ALA A 577 -8.55 -1.50 13.47
CA ALA A 577 -8.63 -0.73 14.71
C ALA A 577 -9.16 0.69 14.51
N LYS A 578 -8.67 1.36 13.47
CA LYS A 578 -9.04 2.75 13.22
C LYS A 578 -10.49 2.91 12.76
N SER A 579 -10.99 2.00 11.94
CA SER A 579 -12.36 2.09 11.46
C SER A 579 -13.31 1.86 12.62
N LEU A 580 -12.92 0.94 13.50
CA LEU A 580 -13.67 0.67 14.73
C LEU A 580 -13.71 1.94 15.59
N GLY A 581 -12.55 2.58 15.70
CA GLY A 581 -12.43 3.83 16.43
C GLY A 581 -13.30 4.89 15.80
N GLU A 582 -13.51 4.75 14.49
CA GLU A 582 -14.35 5.67 13.73
C GLU A 582 -15.83 5.51 14.07
N GLN A 583 -16.35 4.29 13.97
CA GLN A 583 -17.77 4.09 14.25
C GLN A 583 -18.11 4.28 15.72
N MET A 584 -17.18 3.94 16.61
CA MET A 584 -17.39 4.19 18.03
C MET A 584 -17.17 5.66 18.40
N GLY A 585 -16.35 6.36 17.62
CA GLY A 585 -16.07 7.76 17.88
C GLY A 585 -14.85 8.01 18.78
N ILE A 586 -13.94 7.05 18.83
CA ILE A 586 -12.79 7.14 19.72
C ILE A 586 -11.45 7.09 18.97
N LYS A 587 -10.36 7.20 19.74
CA LYS A 587 -9.01 7.23 19.19
C LYS A 587 -8.49 5.84 18.82
N GLU A 588 -7.57 5.79 17.85
CA GLU A 588 -7.10 4.53 17.28
C GLU A 588 -6.57 3.52 18.30
N ASN A 589 -5.45 3.86 18.94
CA ASN A 589 -4.76 2.93 19.82
C ASN A 589 -5.65 2.45 20.97
N ASP A 590 -6.58 3.30 21.38
CA ASP A 590 -7.57 2.96 22.40
C ASP A 590 -8.48 1.83 21.91
N ALA A 591 -8.99 2.01 20.69
CA ALA A 591 -9.85 1.02 20.05
C ALA A 591 -9.11 -0.28 19.85
N ALA A 592 -7.85 -0.18 19.47
CA ALA A 592 -6.99 -1.35 19.27
C ALA A 592 -6.85 -2.11 20.57
N CYS A 593 -6.73 -1.36 21.67
CA CYS A 593 -6.65 -1.98 22.98
C CYS A 593 -7.97 -2.66 23.33
N TYR A 594 -9.08 -2.14 22.80
CA TYR A 594 -10.38 -2.81 22.97
C TYR A 594 -10.46 -4.12 22.17
N ILE A 595 -9.91 -4.11 20.95
CA ILE A 595 -9.86 -5.32 20.13
C ILE A 595 -9.01 -6.40 20.79
N ASP A 596 -7.81 -6.01 21.22
CA ASP A 596 -6.93 -6.93 21.94
C ASP A 596 -7.66 -7.44 23.19
N SER A 597 -8.44 -6.55 23.81
CA SER A 597 -9.25 -6.94 24.95
C SER A 597 -10.24 -8.05 24.61
N PHE A 598 -10.95 -7.93 23.49
CA PHE A 598 -11.87 -9.00 23.08
C PHE A 598 -11.18 -10.28 22.59
N LYS A 599 -9.93 -10.16 22.13
CA LYS A 599 -9.17 -11.38 21.90
C LYS A 599 -8.90 -12.05 23.23
N SER A 600 -8.53 -11.24 24.21
CA SER A 600 -8.18 -11.71 25.54
C SER A 600 -9.37 -12.38 26.21
N ARG A 601 -10.57 -11.87 25.96
CA ARG A 601 -11.80 -12.43 26.51
C ARG A 601 -12.07 -13.83 25.96
N TYR A 602 -11.95 -14.00 24.64
CA TYR A 602 -12.31 -15.26 23.99
C TYR A 602 -11.18 -15.83 23.15
N THR A 603 -10.58 -16.92 23.59
CA THR A 603 -9.46 -17.55 22.89
C THR A 603 -9.81 -18.66 21.89
N GLY A 604 -11.02 -19.20 22.00
CA GLY A 604 -11.44 -20.27 21.11
C GLY A 604 -11.66 -19.68 19.73
N ILE A 605 -12.17 -18.46 19.72
CA ILE A 605 -12.42 -17.72 18.50
C ILE A 605 -11.13 -17.52 17.72
N ASN A 606 -10.12 -16.92 18.36
CA ASN A 606 -8.85 -16.66 17.71
C ASN A 606 -8.16 -17.97 17.30
N GLN A 607 -8.28 -18.98 18.16
CA GLN A 607 -7.78 -20.32 17.82
C GLN A 607 -8.32 -20.78 16.48
N PHE A 608 -9.63 -20.97 16.44
CA PHE A 608 -10.33 -21.41 15.23
C PHE A 608 -10.02 -20.53 14.03
N MET A 609 -9.75 -19.26 14.31
CA MET A 609 -9.56 -18.26 13.27
C MET A 609 -8.24 -18.52 12.58
N THR A 610 -7.14 -18.39 13.32
CA THR A 610 -5.82 -18.64 12.76
C THR A 610 -5.73 -20.04 12.16
N GLU A 611 -6.33 -21.02 12.86
CA GLU A 611 -6.37 -22.40 12.40
C GLU A 611 -7.01 -22.51 11.01
N THR A 612 -8.14 -21.85 10.84
CA THR A 612 -8.86 -21.98 9.59
C THR A 612 -8.15 -21.18 8.48
N VAL A 613 -7.41 -20.14 8.86
CA VAL A 613 -6.59 -19.42 7.89
C VAL A 613 -5.51 -20.35 7.34
N LYS A 614 -4.80 -21.01 8.25
CA LYS A 614 -3.76 -21.95 7.86
C LYS A 614 -4.33 -23.08 7.01
N ASN A 615 -5.51 -23.57 7.38
CA ASN A 615 -6.19 -24.59 6.60
C ASN A 615 -6.58 -24.14 5.20
N CYS A 616 -7.01 -22.88 5.07
CA CYS A 616 -7.35 -22.35 3.76
C CYS A 616 -6.10 -22.14 2.91
N LYS A 617 -4.97 -21.90 3.56
CA LYS A 617 -3.70 -21.93 2.85
C LYS A 617 -3.33 -23.34 2.39
N ARG A 618 -3.52 -24.33 3.26
CA ARG A 618 -3.13 -25.71 2.96
C ARG A 618 -4.06 -26.33 1.90
N ASP A 619 -5.24 -25.75 1.75
CA ASP A 619 -6.26 -26.27 0.86
C ASP A 619 -6.47 -25.34 -0.33
N GLY A 620 -6.79 -24.09 -0.05
CA GLY A 620 -7.04 -23.10 -1.09
C GLY A 620 -8.52 -22.84 -1.20
N PHE A 621 -9.27 -23.34 -0.23
CA PHE A 621 -10.71 -23.13 -0.17
C PHE A 621 -11.22 -23.32 1.26
N VAL A 622 -12.38 -22.76 1.57
CA VAL A 622 -13.04 -23.14 2.82
C VAL A 622 -14.31 -23.93 2.51
N GLN A 623 -14.97 -24.43 3.55
CA GLN A 623 -16.10 -25.34 3.40
C GLN A 623 -17.22 -25.05 4.40
N THR A 624 -18.43 -24.82 3.90
CA THR A 624 -19.59 -24.64 4.77
C THR A 624 -20.05 -26.00 5.28
N ILE A 625 -20.78 -25.99 6.40
CA ILE A 625 -21.10 -27.22 7.15
C ILE A 625 -21.64 -28.35 6.27
N LEU A 626 -22.46 -27.99 5.28
CA LEU A 626 -23.05 -28.99 4.40
C LEU A 626 -22.00 -29.75 3.58
N GLY A 627 -20.83 -29.16 3.42
CA GLY A 627 -19.82 -29.72 2.57
C GLY A 627 -19.66 -28.97 1.28
N ARG A 628 -20.55 -28.00 1.04
CA ARG A 628 -20.34 -27.01 -0.02
C ARG A 628 -19.09 -26.22 0.35
N ARG A 629 -18.29 -25.88 -0.64
CA ARG A 629 -17.05 -25.19 -0.35
C ARG A 629 -16.86 -24.02 -1.28
N ARG A 630 -16.37 -22.92 -0.74
CA ARG A 630 -16.11 -21.75 -1.55
C ARG A 630 -14.61 -21.69 -1.79
N TYR A 631 -14.25 -21.43 -3.03
CA TYR A 631 -12.85 -21.38 -3.40
C TYR A 631 -12.36 -19.94 -3.31
N LEU A 632 -11.40 -19.72 -2.41
CA LEU A 632 -10.73 -18.43 -2.29
C LEU A 632 -9.35 -18.46 -2.93
N PRO A 633 -9.23 -17.82 -4.10
CA PRO A 633 -7.95 -17.70 -4.80
C PRO A 633 -7.01 -16.76 -4.05
N GLY A 634 -7.57 -15.69 -3.50
CA GLY A 634 -6.77 -14.58 -2.99
C GLY A 634 -6.09 -14.78 -1.66
N ILE A 635 -6.38 -15.88 -0.97
CA ILE A 635 -5.77 -16.15 0.31
C ILE A 635 -4.27 -16.41 0.18
N LYS A 636 -3.88 -16.94 -0.97
CA LYS A 636 -2.49 -17.35 -1.20
C LYS A 636 -1.70 -16.24 -1.89
N ASP A 637 -2.40 -15.15 -2.19
CA ASP A 637 -1.84 -14.02 -2.93
C ASP A 637 -0.79 -13.26 -2.13
N ASN A 638 0.15 -12.64 -2.86
CA ASN A 638 1.23 -11.85 -2.26
C ASN A 638 0.79 -10.50 -1.72
N ASN A 639 -0.10 -9.82 -2.44
CA ASN A 639 -0.55 -8.48 -2.07
C ASN A 639 -1.35 -8.47 -0.77
N PRO A 640 -0.83 -7.77 0.25
CA PRO A 640 -1.35 -7.71 1.61
C PRO A 640 -2.83 -7.33 1.77
N TYR A 641 -3.36 -6.47 0.91
CA TYR A 641 -4.78 -6.15 1.02
C TYR A 641 -5.63 -7.34 0.58
N ARG A 642 -5.22 -7.97 -0.51
CA ARG A 642 -5.97 -9.11 -1.01
C ARG A 642 -5.88 -10.26 -0.01
N LYS A 643 -4.71 -10.40 0.60
CA LYS A 643 -4.48 -11.43 1.60
C LYS A 643 -5.32 -11.17 2.85
N ALA A 644 -5.42 -9.91 3.27
CA ALA A 644 -6.23 -9.53 4.43
C ALA A 644 -7.72 -9.73 4.20
N HIS A 645 -8.21 -9.19 3.08
CA HIS A 645 -9.61 -9.30 2.71
C HIS A 645 -9.97 -10.77 2.64
N ALA A 646 -9.09 -11.59 2.06
CA ALA A 646 -9.32 -13.04 2.02
C ALA A 646 -9.29 -13.65 3.42
N GLU A 647 -8.43 -13.11 4.29
CA GLU A 647 -8.36 -13.58 5.68
C GLU A 647 -9.70 -13.47 6.39
N ARG A 648 -10.27 -12.28 6.38
CA ARG A 648 -11.60 -12.09 6.98
C ARG A 648 -12.65 -12.88 6.21
N GLN A 649 -12.41 -13.01 4.91
CA GLN A 649 -13.37 -13.60 3.99
C GLN A 649 -13.57 -15.07 4.28
N ALA A 650 -12.52 -15.78 4.66
CA ALA A 650 -12.65 -17.18 5.06
C ALA A 650 -13.61 -17.30 6.24
N ILE A 651 -13.39 -16.42 7.21
CA ILE A 651 -14.17 -16.40 8.44
C ILE A 651 -15.66 -16.21 8.13
N ASN A 652 -15.98 -15.08 7.49
CA ASN A 652 -17.37 -14.74 7.21
C ASN A 652 -18.04 -15.73 6.27
N THR A 653 -17.30 -16.25 5.28
CA THR A 653 -17.88 -17.19 4.32
C THR A 653 -18.25 -18.48 5.05
N ILE A 654 -17.38 -18.94 5.93
CA ILE A 654 -17.71 -20.14 6.69
C ILE A 654 -18.92 -19.91 7.60
N VAL A 655 -18.88 -18.90 8.47
CA VAL A 655 -19.97 -18.74 9.44
C VAL A 655 -21.30 -18.34 8.78
N GLN A 656 -21.31 -17.31 7.93
CA GLN A 656 -22.53 -16.90 7.24
C GLN A 656 -23.04 -17.96 6.27
N GLY A 657 -22.11 -18.64 5.60
CA GLY A 657 -22.48 -19.66 4.64
C GLY A 657 -23.22 -20.78 5.34
N SER A 658 -22.64 -21.24 6.43
CA SER A 658 -23.26 -22.28 7.23
C SER A 658 -24.60 -21.82 7.81
N ALA A 659 -24.68 -20.54 8.16
CA ALA A 659 -25.93 -19.97 8.62
C ALA A 659 -27.02 -20.13 7.57
N ALA A 660 -26.72 -19.67 6.36
CA ALA A 660 -27.66 -19.72 5.24
C ALA A 660 -28.06 -21.16 4.94
N ASP A 661 -27.14 -22.09 5.19
CA ASP A 661 -27.44 -23.51 5.05
C ASP A 661 -28.45 -24.01 6.11
N ILE A 662 -28.25 -23.63 7.37
CA ILE A 662 -29.24 -23.91 8.41
C ILE A 662 -30.62 -23.37 8.02
N VAL A 663 -30.64 -22.11 7.58
CA VAL A 663 -31.88 -21.45 7.16
C VAL A 663 -32.57 -22.17 6.01
N LYS A 664 -31.81 -22.52 4.98
CA LYS A 664 -32.32 -23.31 3.87
C LYS A 664 -32.96 -24.61 4.33
N ILE A 665 -32.22 -25.37 5.13
CA ILE A 665 -32.73 -26.65 5.60
C ILE A 665 -34.01 -26.47 6.40
N ALA A 666 -34.05 -25.43 7.23
CA ALA A 666 -35.25 -25.09 8.00
C ALA A 666 -36.44 -24.80 7.08
N THR A 667 -36.17 -24.05 6.02
CA THR A 667 -37.22 -23.73 5.05
C THR A 667 -37.80 -24.97 4.39
N VAL A 668 -36.92 -25.74 3.76
CA VAL A 668 -37.36 -26.88 2.97
C VAL A 668 -38.05 -27.91 3.87
N ASN A 669 -37.58 -28.02 5.11
CA ASN A 669 -38.23 -28.87 6.10
C ASN A 669 -39.65 -28.38 6.39
N ILE A 670 -39.78 -27.09 6.71
CA ILE A 670 -41.07 -26.50 7.03
C ILE A 670 -42.07 -26.74 5.90
N GLN A 671 -41.68 -26.35 4.68
CA GLN A 671 -42.56 -26.49 3.53
C GLN A 671 -42.86 -27.95 3.23
N LYS A 672 -41.87 -28.82 3.45
CA LYS A 672 -42.09 -30.23 3.17
C LYS A 672 -43.10 -30.86 4.11
N GLN A 673 -43.13 -30.42 5.37
CA GLN A 673 -44.17 -30.90 6.27
C GLN A 673 -45.51 -30.28 5.87
N LEU A 674 -45.53 -28.95 5.70
CA LEU A 674 -46.74 -28.23 5.31
C LEU A 674 -47.42 -28.83 4.09
N GLU A 675 -46.61 -29.38 3.18
CA GLU A 675 -47.11 -29.91 1.91
C GLU A 675 -48.17 -30.99 2.12
N THR A 676 -47.73 -32.12 2.68
CA THR A 676 -48.62 -33.26 2.88
C THR A 676 -49.49 -33.13 4.13
N PHE A 677 -49.06 -32.33 5.09
CA PHE A 677 -49.71 -32.30 6.41
C PHE A 677 -51.11 -31.69 6.33
N HIS A 678 -51.30 -30.75 5.41
CA HIS A 678 -52.59 -30.11 5.13
C HIS A 678 -53.05 -30.35 3.70
N SER A 679 -54.26 -30.86 3.52
CA SER A 679 -54.74 -30.97 2.15
C SER A 679 -55.67 -29.81 1.85
N THR A 680 -55.14 -28.80 1.18
CA THR A 680 -55.95 -27.81 0.49
C THR A 680 -55.34 -27.61 -0.88
N PHE A 681 -54.23 -26.88 -0.90
CA PHE A 681 -53.35 -26.72 -2.07
C PHE A 681 -52.08 -25.95 -1.68
N LYS A 682 -51.25 -25.67 -2.67
CA LYS A 682 -49.87 -25.25 -2.43
C LYS A 682 -49.68 -23.73 -2.28
N SER A 683 -50.00 -22.98 -3.35
CA SER A 683 -49.77 -21.54 -3.33
C SER A 683 -50.72 -20.78 -4.26
N HIS A 684 -50.80 -19.47 -4.05
CA HIS A 684 -51.74 -18.61 -4.77
C HIS A 684 -51.66 -18.73 -6.29
N GLY A 685 -50.50 -19.12 -6.80
CA GLY A 685 -50.34 -19.33 -8.24
C GLY A 685 -51.17 -20.51 -8.73
N HIS A 686 -51.35 -21.48 -7.84
CA HIS A 686 -52.10 -22.68 -8.15
C HIS A 686 -53.60 -22.37 -8.33
N ARG A 687 -54.03 -21.21 -7.85
CA ARG A 687 -55.36 -20.68 -8.17
C ARG A 687 -55.49 -20.38 -9.65
N GLU A 688 -54.51 -19.63 -10.17
CA GLU A 688 -54.47 -19.24 -11.57
C GLU A 688 -54.37 -20.55 -12.38
N GLY A 689 -53.69 -21.52 -11.79
CA GLY A 689 -53.69 -22.87 -12.32
C GLY A 689 -55.08 -23.50 -12.33
N MET A 690 -55.90 -23.18 -11.33
CA MET A 690 -57.28 -23.67 -11.29
C MET A 690 -58.15 -23.06 -12.38
N LEU A 691 -58.00 -21.76 -12.63
CA LEU A 691 -58.75 -21.16 -13.72
C LEU A 691 -58.31 -21.71 -15.08
N GLN A 692 -56.99 -21.86 -15.27
CA GLN A 692 -56.52 -22.36 -16.55
C GLN A 692 -56.69 -23.88 -16.67
N SER A 693 -57.09 -24.54 -15.57
CA SER A 693 -57.32 -25.98 -15.60
C SER A 693 -58.68 -26.40 -16.18
N ASP A 694 -59.69 -25.53 -16.09
CA ASP A 694 -60.98 -25.84 -16.69
C ASP A 694 -60.93 -25.76 -18.21
N CYS A 709 -64.85 -20.81 -3.37
CA CYS A 709 -63.58 -21.25 -2.80
C CYS A 709 -63.29 -20.55 -1.48
N PRO A 710 -62.59 -21.26 -0.57
CA PRO A 710 -62.14 -20.76 0.73
C PRO A 710 -60.71 -20.21 0.68
N ILE A 711 -60.21 -19.74 1.81
CA ILE A 711 -58.79 -19.43 1.92
C ILE A 711 -58.24 -20.05 3.20
N ARG A 712 -57.39 -21.06 3.07
CA ARG A 712 -56.80 -21.71 4.24
C ARG A 712 -55.42 -22.29 3.95
N GLY A 713 -54.54 -22.19 4.94
CA GLY A 713 -53.18 -22.68 4.81
C GLY A 713 -52.26 -21.72 5.54
N GLY A 714 -50.98 -21.79 5.19
CA GLY A 714 -50.06 -20.71 5.47
C GLY A 714 -49.02 -20.78 4.36
N PHE A 715 -48.46 -19.64 3.99
CA PHE A 715 -47.73 -19.56 2.74
C PHE A 715 -46.40 -18.85 2.88
N PHE A 716 -45.42 -19.32 2.13
CA PHE A 716 -44.07 -18.75 2.18
C PHE A 716 -44.01 -17.39 1.49
N ILE A 717 -43.42 -16.40 2.17
CA ILE A 717 -43.38 -15.02 1.68
C ILE A 717 -41.97 -14.53 1.41
N LEU A 718 -41.12 -14.55 2.44
CA LEU A 718 -39.83 -13.86 2.34
C LEU A 718 -38.75 -14.44 3.26
N GLN A 719 -37.47 -14.15 3.03
CA GLN A 719 -36.51 -14.47 4.08
C GLN A 719 -35.57 -13.28 4.36
N LEU A 720 -35.49 -12.92 5.64
CA LEU A 720 -34.55 -11.95 6.22
C LEU A 720 -33.30 -12.64 6.80
N HIS A 721 -33.01 -13.82 6.26
CA HIS A 721 -31.71 -14.48 6.36
C HIS A 721 -31.40 -15.11 7.70
N ASP A 722 -31.84 -14.48 8.78
CA ASP A 722 -32.06 -15.20 10.01
C ASP A 722 -33.56 -15.21 10.26
N GLU A 723 -34.32 -14.45 9.47
CA GLU A 723 -35.79 -14.49 9.62
C GLU A 723 -36.50 -15.24 8.49
N LEU A 724 -37.56 -15.97 8.85
CA LEU A 724 -38.42 -16.64 7.89
C LEU A 724 -39.84 -16.09 7.93
N LEU A 725 -40.30 -15.62 6.77
CA LEU A 725 -41.51 -14.81 6.68
C LEU A 725 -42.70 -15.48 5.99
N TYR A 726 -43.77 -15.67 6.75
CA TYR A 726 -44.99 -16.34 6.32
C TYR A 726 -46.26 -15.50 6.50
N GLU A 727 -47.24 -15.69 5.63
CA GLU A 727 -48.61 -15.26 5.93
C GLU A 727 -49.46 -16.50 6.06
N VAL A 728 -50.38 -16.47 7.02
CA VAL A 728 -51.18 -17.64 7.34
C VAL A 728 -52.57 -17.20 7.78
N ALA A 729 -53.60 -17.91 7.31
CA ALA A 729 -54.98 -17.60 7.69
C ALA A 729 -55.11 -17.66 9.18
N GLU A 730 -55.92 -16.79 9.78
CA GLU A 730 -55.91 -16.84 11.23
C GLU A 730 -56.93 -17.92 11.57
N GLU A 731 -56.39 -19.12 11.56
CA GLU A 731 -57.03 -20.36 11.98
C GLU A 731 -55.86 -21.12 12.54
N ASP A 732 -54.97 -21.35 11.57
CA ASP A 732 -53.87 -22.29 11.59
C ASP A 732 -52.64 -21.68 12.25
N VAL A 733 -52.75 -20.42 12.65
CA VAL A 733 -51.60 -19.66 13.16
C VAL A 733 -50.83 -20.35 14.28
N VAL A 734 -51.53 -21.06 15.15
CA VAL A 734 -50.89 -21.75 16.27
C VAL A 734 -50.18 -22.99 15.77
N GLN A 735 -50.89 -23.77 14.95
CA GLN A 735 -50.33 -24.97 14.32
C GLN A 735 -49.09 -24.62 13.48
N VAL A 736 -49.26 -23.66 12.58
CA VAL A 736 -48.17 -23.15 11.77
C VAL A 736 -47.00 -22.71 12.65
N ALA A 737 -47.30 -21.97 13.72
CA ALA A 737 -46.26 -21.50 14.62
C ALA A 737 -45.43 -22.64 15.21
N GLN A 738 -46.10 -23.65 15.76
CA GLN A 738 -45.35 -24.76 16.33
C GLN A 738 -44.56 -25.49 15.25
N ILE A 739 -45.13 -25.63 14.06
CA ILE A 739 -44.43 -26.30 12.97
C ILE A 739 -43.15 -25.55 12.57
N VAL A 740 -43.26 -24.23 12.43
CA VAL A 740 -42.12 -23.40 12.07
C VAL A 740 -41.03 -23.47 13.15
N LYS A 741 -41.42 -23.23 14.40
CA LYS A 741 -40.50 -23.32 15.53
C LYS A 741 -39.77 -24.67 15.51
N ASN A 742 -40.55 -25.74 15.43
CA ASN A 742 -40.03 -27.09 15.47
C ASN A 742 -39.03 -27.36 14.36
N GLU A 743 -39.42 -27.13 13.11
CA GLU A 743 -38.53 -27.43 12.00
C GLU A 743 -37.27 -26.56 12.01
N MET A 744 -37.40 -25.30 12.44
CA MET A 744 -36.23 -24.46 12.52
C MET A 744 -35.26 -24.97 13.59
N GLU A 745 -35.80 -25.46 14.70
CA GLU A 745 -34.94 -26.01 15.73
C GLU A 745 -34.50 -27.44 15.42
N SER A 746 -35.24 -28.12 14.54
CA SER A 746 -34.92 -29.49 14.19
C SER A 746 -34.09 -29.58 12.92
N ALA A 747 -33.67 -28.43 12.39
CA ALA A 747 -32.85 -28.37 11.19
C ALA A 747 -31.66 -29.32 11.27
N VAL A 748 -30.72 -29.01 12.17
CA VAL A 748 -29.67 -29.93 12.58
C VAL A 748 -29.26 -29.67 14.04
N LYS A 749 -29.00 -30.73 14.80
CA LYS A 749 -28.64 -30.59 16.21
C LYS A 749 -27.17 -30.24 16.39
N LEU A 750 -26.86 -29.44 17.41
CA LEU A 750 -25.48 -29.00 17.63
C LEU A 750 -25.18 -28.61 19.09
N SER A 751 -24.00 -28.04 19.32
CA SER A 751 -23.46 -27.81 20.67
C SER A 751 -24.39 -27.01 21.60
N VAL A 752 -25.25 -26.18 21.01
CA VAL A 752 -26.26 -25.48 21.78
C VAL A 752 -27.58 -25.54 21.04
N LYS A 753 -28.67 -25.27 21.76
CA LYS A 753 -29.97 -25.16 21.11
C LYS A 753 -30.09 -23.79 20.45
N LEU A 754 -30.81 -23.75 19.34
CA LEU A 754 -30.98 -22.50 18.63
C LEU A 754 -32.34 -21.96 18.99
N LYS A 755 -32.36 -20.93 19.84
CA LYS A 755 -33.64 -20.40 20.26
C LYS A 755 -34.25 -19.61 19.12
N VAL A 756 -35.55 -19.78 18.94
CA VAL A 756 -36.23 -19.10 17.86
C VAL A 756 -37.38 -18.26 18.41
N LYS A 757 -37.23 -16.95 18.29
CA LYS A 757 -38.29 -16.02 18.64
C LYS A 757 -39.32 -16.05 17.52
N VAL A 758 -40.59 -16.26 17.84
CA VAL A 758 -41.60 -16.22 16.80
C VAL A 758 -42.58 -15.08 17.05
N LYS A 759 -42.41 -14.02 16.26
CA LYS A 759 -43.28 -12.86 16.31
C LYS A 759 -44.50 -13.12 15.45
N ILE A 760 -45.63 -12.56 15.82
CA ILE A 760 -46.86 -12.83 15.08
C ILE A 760 -47.80 -11.64 15.19
N GLY A 761 -48.62 -11.43 14.16
CA GLY A 761 -49.62 -10.38 14.23
C GLY A 761 -49.96 -9.76 12.90
N ALA A 762 -50.82 -8.74 12.94
CA ALA A 762 -51.20 -7.99 11.74
C ALA A 762 -50.05 -7.20 11.14
N SER A 763 -50.03 -7.16 9.82
CA SER A 763 -49.04 -6.44 9.01
C SER A 763 -47.56 -6.76 9.31
N TRP A 764 -46.71 -5.74 9.18
CA TRP A 764 -45.26 -5.86 9.33
C TRP A 764 -44.76 -5.35 10.67
N GLY A 765 -45.67 -5.08 11.61
CA GLY A 765 -45.19 -4.73 12.93
C GLY A 765 -46.11 -5.40 13.92
N GLU A 766 -45.53 -5.81 15.05
CA GLU A 766 -45.93 -7.07 15.68
C GLU A 766 -45.61 -7.20 17.16
N LEU A 767 -46.24 -8.19 17.79
CA LEU A 767 -45.97 -8.58 19.17
C LEU A 767 -45.57 -10.05 19.19
N LYS A 768 -44.83 -10.48 20.20
CA LYS A 768 -44.37 -11.86 20.24
C LYS A 768 -44.52 -12.52 21.61
N ASP A 769 -45.36 -13.55 21.71
CA ASP A 769 -45.33 -14.44 22.87
C ASP A 769 -45.92 -15.83 22.56
N PHE A 770 -45.37 -16.87 23.20
CA PHE A 770 -45.95 -18.22 23.20
C PHE A 770 -45.59 -18.93 24.51
N ASP A 771 -46.50 -19.75 25.02
CA ASP A 771 -46.38 -20.27 26.39
C ASP A 771 -46.37 -21.80 26.47
N VAL A 772 -45.71 -22.31 27.51
CA VAL A 772 -45.64 -23.75 27.74
C VAL A 772 -45.96 -24.12 29.19
N SER B 6 49.67 -14.05 -26.44
CA SER B 6 50.10 -14.54 -25.15
C SER B 6 50.66 -13.43 -24.27
N LEU B 7 51.69 -12.74 -24.79
CA LEU B 7 52.34 -11.68 -24.04
C LEU B 7 52.79 -10.51 -24.91
N SER B 8 52.45 -9.29 -24.50
CA SER B 8 53.22 -8.14 -24.94
C SER B 8 53.46 -7.18 -23.75
N ILE B 9 54.72 -7.10 -23.30
CA ILE B 9 55.13 -6.10 -22.30
C ILE B 9 56.57 -5.68 -22.54
N ILE B 10 56.97 -4.56 -21.92
CA ILE B 10 58.36 -4.11 -22.00
C ILE B 10 58.89 -3.62 -20.66
N ASP B 11 59.94 -4.29 -20.16
CA ASP B 11 60.78 -3.72 -19.12
C ASP B 11 61.60 -2.62 -19.75
N VAL B 12 61.59 -1.41 -19.21
CA VAL B 12 62.49 -0.46 -19.84
C VAL B 12 63.74 -0.39 -19.00
N ALA B 13 64.69 -1.27 -19.33
CA ALA B 13 66.09 -1.07 -19.07
C ALA B 13 66.87 -1.85 -20.13
N SER B 14 67.56 -1.17 -21.04
CA SER B 14 68.69 -1.79 -21.70
C SER B 14 69.78 -0.75 -21.86
N ASP B 15 70.85 -0.88 -21.08
CA ASP B 15 71.93 0.11 -21.10
C ASP B 15 71.34 1.52 -21.04
N GLN B 16 71.51 2.26 -22.13
CA GLN B 16 70.92 3.58 -22.27
C GLN B 16 69.85 3.65 -23.36
N ASN B 17 70.27 3.41 -24.60
CA ASN B 17 69.51 3.77 -25.80
C ASN B 17 68.03 3.33 -25.83
N LEU B 18 67.73 2.16 -25.26
CA LEU B 18 66.34 1.70 -25.19
C LEU B 18 65.50 2.68 -24.37
N PHE B 19 65.97 2.95 -23.15
CA PHE B 19 65.36 3.92 -22.25
C PHE B 19 65.34 5.31 -22.89
N GLN B 20 66.36 5.59 -23.70
CA GLN B 20 66.50 6.90 -24.33
C GLN B 20 65.44 7.15 -25.41
N THR B 21 65.25 6.19 -26.31
CA THR B 21 64.18 6.31 -27.30
C THR B 21 62.84 6.20 -26.60
N PHE B 22 62.82 5.52 -25.45
CA PHE B 22 61.63 5.45 -24.60
C PHE B 22 61.18 6.85 -24.20
N ILE B 23 62.02 7.57 -23.44
CA ILE B 23 61.66 8.93 -23.03
C ILE B 23 61.52 9.88 -24.23
N LYS B 24 62.21 9.55 -25.32
CA LYS B 24 62.18 10.37 -26.53
C LYS B 24 60.77 10.34 -27.13
N GLU B 25 60.19 9.13 -27.16
CA GLU B 25 58.78 8.94 -27.50
C GLU B 25 57.85 9.55 -26.45
N TRP B 26 58.14 9.27 -25.18
CA TRP B 26 57.29 9.63 -24.05
C TRP B 26 57.00 11.13 -23.98
N ARG B 27 58.05 11.94 -24.07
CA ARG B 27 57.93 13.38 -23.88
C ARG B 27 56.97 14.03 -24.87
N CYS B 28 56.89 13.47 -26.07
CA CYS B 28 56.10 14.05 -27.14
C CYS B 28 54.59 13.83 -26.96
N LYS B 29 54.21 12.75 -26.30
CA LYS B 29 52.82 12.31 -26.25
C LYS B 29 51.93 13.15 -25.33
N LYS B 30 50.66 13.29 -25.72
CA LYS B 30 49.68 14.02 -24.93
C LYS B 30 48.95 13.11 -23.95
N ARG B 31 48.04 12.29 -24.48
CA ARG B 31 47.28 11.37 -23.64
C ARG B 31 48.12 10.13 -23.33
N PHE B 32 48.18 9.75 -22.06
CA PHE B 32 48.90 8.55 -21.64
C PHE B 32 48.38 8.03 -20.30
N SER B 33 48.67 6.76 -20.01
CA SER B 33 48.15 6.14 -18.80
C SER B 33 49.26 5.66 -17.87
N ILE B 34 48.97 5.71 -16.57
CA ILE B 34 49.93 5.38 -15.53
C ILE B 34 49.27 4.49 -14.49
N SER B 35 50.01 3.48 -14.02
CA SER B 35 49.58 2.72 -12.86
C SER B 35 50.76 2.16 -12.08
N LEU B 36 50.60 2.01 -10.77
CA LEU B 36 51.69 1.48 -9.98
C LEU B 36 51.27 0.17 -9.31
N ALA B 37 52.20 -0.47 -8.62
CA ALA B 37 51.98 -1.77 -8.03
C ALA B 37 52.73 -1.87 -6.69
N CYS B 38 52.39 -2.87 -5.87
CA CYS B 38 53.07 -3.02 -4.59
C CYS B 38 53.39 -4.47 -4.20
N GLU B 39 53.94 -4.61 -2.99
CA GLU B 39 54.28 -5.93 -2.44
C GLU B 39 53.80 -6.14 -1.00
N LYS B 40 54.41 -5.41 -0.07
CA LYS B 40 54.20 -5.66 1.36
C LYS B 40 54.48 -4.42 2.21
N ILE B 41 54.63 -4.64 3.51
CA ILE B 41 55.11 -3.67 4.52
C ILE B 41 54.25 -2.39 4.58
N ARG B 42 53.05 -2.55 5.14
CA ARG B 42 52.12 -1.44 5.28
C ARG B 42 51.67 -1.26 6.72
N ASP B 78 52.21 4.25 6.42
CA ASP B 78 52.82 4.53 5.12
C ASP B 78 53.78 3.44 4.69
N ASP B 79 54.12 3.45 3.41
CA ASP B 79 55.14 2.57 2.88
C ASP B 79 55.87 3.26 1.73
N THR B 80 57.20 3.10 1.72
CA THR B 80 58.04 3.66 0.68
C THR B 80 58.37 2.59 -0.35
N LEU B 81 57.81 1.41 -0.14
CA LEU B 81 58.11 0.26 -0.98
C LEU B 81 57.13 0.19 -2.13
N VAL B 82 57.63 0.49 -3.32
CA VAL B 82 56.88 0.47 -4.56
C VAL B 82 57.72 -0.22 -5.62
N VAL B 83 57.21 -1.30 -6.20
CA VAL B 83 57.96 -2.07 -7.18
C VAL B 83 58.42 -1.17 -8.32
N GLY B 84 57.46 -0.61 -9.04
CA GLY B 84 57.75 0.31 -10.12
C GLY B 84 56.49 0.81 -10.80
N LEU B 85 56.62 1.94 -11.47
CA LEU B 85 55.52 2.54 -12.22
C LEU B 85 55.34 1.80 -13.53
N ALA B 86 54.18 1.95 -14.16
CA ALA B 86 53.98 1.45 -15.51
C ALA B 86 53.19 2.46 -16.33
N VAL B 87 53.52 2.53 -17.61
CA VAL B 87 52.92 3.51 -18.51
C VAL B 87 52.47 2.86 -19.81
N CYS B 88 51.25 3.18 -20.23
CA CYS B 88 50.78 2.77 -21.55
C CYS B 88 49.96 3.88 -22.19
N TRP B 89 50.35 4.29 -23.40
CA TRP B 89 49.54 5.22 -24.17
C TRP B 89 48.72 4.52 -25.26
N GLY B 90 48.79 3.19 -25.33
CA GLY B 90 47.93 2.46 -26.25
C GLY B 90 48.42 1.11 -26.73
N GLY B 91 47.57 0.40 -27.47
CA GLY B 91 47.93 -0.85 -28.11
C GLY B 91 48.10 -1.99 -27.13
N ARG B 92 48.25 -3.21 -27.64
CA ARG B 92 48.49 -4.38 -26.81
C ARG B 92 49.73 -4.25 -25.95
N ASP B 93 50.68 -3.47 -26.44
CA ASP B 93 51.96 -3.28 -25.79
C ASP B 93 51.81 -2.43 -24.53
N ALA B 94 52.70 -2.63 -23.56
CA ALA B 94 52.68 -1.84 -22.33
C ALA B 94 54.10 -1.66 -21.81
N TYR B 95 54.37 -0.49 -21.21
CA TYR B 95 55.72 -0.17 -20.77
C TYR B 95 55.84 -0.23 -19.24
N TYR B 96 56.96 -0.77 -18.76
CA TYR B 96 57.20 -0.82 -17.32
C TYR B 96 58.42 -0.01 -16.91
N PHE B 97 58.34 0.53 -15.70
CA PHE B 97 59.33 1.45 -15.16
C PHE B 97 59.77 0.89 -13.80
N SER B 98 60.98 0.34 -13.74
CA SER B 98 61.45 -0.35 -12.54
C SER B 98 62.05 0.57 -11.47
N LEU B 99 62.03 0.12 -10.23
CA LEU B 99 62.71 0.80 -9.14
C LEU B 99 63.51 -0.17 -8.27
N LEU B 117 66.42 -8.36 -18.89
CA LEU B 117 65.92 -8.73 -17.57
C LEU B 117 66.17 -7.63 -16.55
N ASP B 118 67.31 -7.68 -15.88
CA ASP B 118 67.65 -6.69 -14.87
C ASP B 118 69.06 -6.10 -15.01
N PRO B 119 69.28 -5.28 -16.05
CA PRO B 119 70.59 -4.67 -16.29
C PRO B 119 70.75 -3.37 -15.50
N SER B 120 71.91 -2.74 -15.57
CA SER B 120 72.10 -1.47 -14.87
C SER B 120 73.01 -0.49 -15.60
N LEU B 121 72.59 0.76 -15.68
CA LEU B 121 73.50 1.89 -15.85
C LEU B 121 73.09 2.99 -14.88
N THR B 122 71.91 3.57 -15.12
CA THR B 122 71.39 4.69 -14.34
C THR B 122 70.77 4.22 -13.03
N LEU B 123 70.71 5.10 -12.04
CA LEU B 123 70.03 4.81 -10.78
C LEU B 123 69.02 5.90 -10.39
N LYS B 124 69.53 7.06 -9.99
CA LYS B 124 68.67 8.19 -9.64
C LYS B 124 68.20 8.89 -10.92
N ASP B 125 69.01 8.72 -11.98
CA ASP B 125 68.79 9.40 -13.25
C ASP B 125 67.39 9.11 -13.77
N ARG B 126 67.02 7.83 -13.78
CA ARG B 126 65.74 7.38 -14.29
C ARG B 126 64.60 8.10 -13.56
N MET B 127 64.82 8.33 -12.26
CA MET B 127 63.82 8.97 -11.43
C MET B 127 63.69 10.43 -11.83
N TRP B 128 64.82 11.07 -12.12
CA TRP B 128 64.77 12.45 -12.62
C TRP B 128 63.99 12.49 -13.92
N TYR B 129 64.27 11.55 -14.81
CA TYR B 129 63.57 11.46 -16.09
C TYR B 129 62.06 11.35 -15.89
N LEU B 130 61.64 10.49 -14.96
CA LEU B 130 60.23 10.36 -14.64
C LEU B 130 59.66 11.70 -14.20
N GLN B 131 60.33 12.35 -13.24
CA GLN B 131 59.89 13.66 -12.76
C GLN B 131 59.70 14.66 -13.91
N SER B 132 60.74 14.82 -14.72
CA SER B 132 60.73 15.76 -15.83
C SER B 132 59.58 15.45 -16.78
N CYS B 133 59.32 14.15 -16.95
CA CYS B 133 58.29 13.72 -17.86
C CYS B 133 56.89 14.03 -17.32
N LEU B 134 56.71 13.87 -16.01
CA LEU B 134 55.37 13.90 -15.44
C LEU B 134 54.81 15.29 -15.12
N ARG B 135 55.58 16.36 -15.33
CA ARG B 135 54.99 17.69 -15.15
C ARG B 135 55.32 18.72 -16.21
N LYS B 136 54.33 19.06 -17.04
CA LYS B 136 53.98 20.45 -17.37
C LYS B 136 55.13 21.44 -17.29
N GLU B 137 56.11 21.35 -18.17
CA GLU B 137 57.19 22.34 -18.19
C GLU B 137 56.57 23.75 -18.16
N SER B 138 55.83 24.06 -19.23
CA SER B 138 54.95 25.21 -19.31
C SER B 138 54.32 25.14 -20.69
N ASP B 139 53.15 25.75 -20.85
CA ASP B 139 52.51 25.90 -22.16
C ASP B 139 52.21 24.55 -22.82
N LYS B 140 52.71 23.47 -22.23
CA LYS B 140 52.55 22.15 -22.78
C LYS B 140 51.57 21.39 -21.89
N GLU B 141 50.45 21.01 -22.48
CA GLU B 141 49.31 20.55 -21.69
C GLU B 141 48.84 19.18 -22.14
N CYS B 142 49.01 18.19 -21.28
CA CYS B 142 48.58 16.83 -21.58
C CYS B 142 47.89 16.20 -20.37
N SER B 143 47.23 15.06 -20.59
CA SER B 143 46.46 14.44 -19.52
C SER B 143 46.97 13.05 -19.17
N VAL B 144 46.61 12.59 -17.99
CA VAL B 144 47.10 11.34 -17.45
C VAL B 144 45.98 10.65 -16.67
N VAL B 145 45.92 9.33 -16.75
CA VAL B 145 44.83 8.57 -16.15
C VAL B 145 45.33 7.46 -15.22
N ILE B 146 44.61 7.28 -14.11
CA ILE B 146 44.87 6.23 -13.13
C ILE B 146 43.49 5.77 -12.67
N TYR B 147 43.36 4.52 -12.23
CA TYR B 147 42.03 3.98 -11.89
C TYR B 147 41.33 4.87 -10.88
N ASP B 148 41.79 4.87 -9.65
CA ASP B 148 41.40 5.93 -8.74
C ASP B 148 42.58 6.88 -8.72
N PHE B 149 42.47 7.97 -7.97
CA PHE B 149 43.36 9.08 -8.18
C PHE B 149 44.06 9.48 -6.90
N ILE B 150 43.28 9.97 -5.94
CA ILE B 150 43.83 10.62 -4.76
C ILE B 150 44.87 9.75 -4.05
N GLN B 151 44.70 8.44 -4.04
CA GLN B 151 45.65 7.58 -3.34
C GLN B 151 46.90 7.27 -4.17
N SER B 152 46.75 7.21 -5.50
CA SER B 152 47.92 7.02 -6.35
C SER B 152 48.81 8.25 -6.24
N TYR B 153 48.19 9.42 -6.28
CA TYR B 153 48.91 10.67 -6.07
C TYR B 153 49.47 10.73 -4.65
N LYS B 154 48.72 10.20 -3.69
CA LYS B 154 49.22 10.06 -2.33
C LYS B 154 50.52 9.29 -2.30
N ILE B 155 50.59 8.23 -3.11
CA ILE B 155 51.78 7.38 -3.16
C ILE B 155 52.93 8.12 -3.83
N LEU B 156 52.68 8.69 -5.00
CA LEU B 156 53.73 9.36 -5.75
C LEU B 156 54.34 10.48 -4.91
N LEU B 157 53.50 11.21 -4.20
CA LEU B 157 53.96 12.30 -3.36
C LEU B 157 54.66 11.80 -2.09
N LEU B 158 54.03 10.89 -1.37
CA LEU B 158 54.56 10.44 -0.09
C LEU B 158 55.66 9.39 -0.23
N SER B 159 55.43 8.38 -1.07
CA SER B 159 56.35 7.26 -1.15
C SER B 159 57.65 7.63 -1.86
N CYS B 160 57.52 8.10 -3.09
CA CYS B 160 58.66 8.46 -3.92
C CYS B 160 58.93 9.96 -3.99
N GLY B 161 58.08 10.77 -3.36
CA GLY B 161 58.32 12.19 -3.29
C GLY B 161 58.11 12.91 -4.61
N ILE B 162 57.30 12.33 -5.48
CA ILE B 162 57.01 12.94 -6.76
C ILE B 162 55.64 13.60 -6.73
N SER B 163 55.62 14.93 -6.89
CA SER B 163 54.35 15.63 -6.95
C SER B 163 53.98 15.72 -8.41
N LEU B 164 52.98 14.93 -8.80
CA LEU B 164 52.49 14.93 -10.16
C LEU B 164 51.66 16.18 -10.37
N GLU B 165 52.03 17.01 -11.34
CA GLU B 165 51.13 18.09 -11.72
C GLU B 165 50.97 18.18 -13.23
N GLN B 166 49.75 17.86 -13.67
CA GLN B 166 49.33 17.96 -15.07
C GLN B 166 47.80 17.87 -15.12
N SER B 167 47.26 17.80 -16.33
CA SER B 167 45.82 17.58 -16.48
C SER B 167 45.49 16.14 -16.15
N TYR B 168 44.38 15.94 -15.45
CA TYR B 168 44.04 14.63 -14.91
C TYR B 168 42.69 14.12 -15.40
N GLU B 169 42.62 12.81 -15.64
CA GLU B 169 41.36 12.16 -15.97
C GLU B 169 41.24 10.89 -15.14
N ASP B 170 40.18 10.80 -14.34
CA ASP B 170 39.96 9.64 -13.50
C ASP B 170 38.71 8.89 -13.95
N PRO B 171 38.90 7.70 -14.53
CA PRO B 171 37.85 6.91 -15.19
C PRO B 171 36.70 6.53 -14.26
N LYS B 172 36.98 6.19 -13.01
CA LYS B 172 35.89 5.79 -12.11
C LYS B 172 34.98 6.97 -11.79
N VAL B 173 35.54 8.18 -11.76
CA VAL B 173 34.75 9.37 -11.51
C VAL B 173 33.82 9.62 -12.69
N ALA B 174 34.30 9.34 -13.89
CA ALA B 174 33.49 9.48 -15.10
C ALA B 174 32.36 8.44 -15.09
N CYS B 175 32.73 7.20 -14.75
CA CYS B 175 31.77 6.12 -14.57
C CYS B 175 30.65 6.60 -13.65
N TRP B 176 31.05 7.24 -12.56
CA TRP B 176 30.09 7.84 -11.64
C TRP B 176 29.28 8.96 -12.30
N LEU B 177 29.93 9.78 -13.13
CA LEU B 177 29.31 10.96 -13.69
C LEU B 177 28.16 10.57 -14.61
N LEU B 178 28.30 9.42 -15.24
CA LEU B 178 27.21 8.87 -16.03
C LEU B 178 26.05 8.42 -15.15
N ASP B 179 26.36 7.62 -14.14
CA ASP B 179 25.35 7.04 -13.27
C ASP B 179 25.72 7.30 -11.81
N PRO B 180 25.30 8.45 -11.26
CA PRO B 180 25.54 8.79 -9.85
C PRO B 180 25.01 7.72 -8.88
N ASP B 181 23.99 7.00 -9.32
CA ASP B 181 23.39 5.92 -8.53
C ASP B 181 24.17 4.61 -8.59
N SER B 182 25.06 4.47 -9.57
CA SER B 182 25.84 3.25 -9.73
C SER B 182 26.69 2.95 -8.50
N GLN B 183 26.88 1.67 -8.22
CA GLN B 183 27.66 1.30 -7.05
C GLN B 183 29.13 1.04 -7.40
N GLU B 184 29.98 1.96 -6.95
CA GLU B 184 31.42 1.72 -6.76
C GLU B 184 32.08 0.85 -7.81
N PRO B 185 32.32 1.42 -8.99
CA PRO B 185 32.85 0.68 -10.13
C PRO B 185 34.16 0.00 -9.79
N THR B 186 34.39 -1.14 -10.42
CA THR B 186 35.64 -1.86 -10.24
C THR B 186 36.17 -2.18 -11.63
N LEU B 187 37.44 -2.54 -11.70
CA LEU B 187 38.11 -2.77 -12.98
C LEU B 187 37.36 -3.78 -13.85
N HIS B 188 36.97 -4.90 -13.26
CA HIS B 188 36.23 -5.94 -13.98
C HIS B 188 34.91 -5.38 -14.51
N SER B 189 34.26 -4.57 -13.70
CA SER B 189 32.98 -3.95 -14.05
C SER B 189 33.13 -3.06 -15.29
N ILE B 190 34.15 -2.23 -15.27
CA ILE B 190 34.37 -1.24 -16.33
C ILE B 190 34.88 -1.86 -17.63
N VAL B 191 35.88 -2.74 -17.54
CA VAL B 191 36.38 -3.41 -18.73
C VAL B 191 35.29 -4.31 -19.31
N THR B 192 34.39 -4.79 -18.45
CA THR B 192 33.23 -5.55 -18.92
C THR B 192 32.27 -4.66 -19.70
N SER B 193 31.96 -3.49 -19.15
CA SER B 193 30.94 -2.62 -19.74
C SER B 193 31.44 -1.76 -20.90
N PHE B 194 32.75 -1.68 -21.08
CA PHE B 194 33.35 -0.71 -21.99
C PHE B 194 34.30 -1.34 -22.99
N LEU B 195 35.28 -2.10 -22.50
CA LEU B 195 36.24 -2.72 -23.39
C LEU B 195 36.11 -4.25 -23.39
N PRO B 196 35.10 -4.77 -24.13
CA PRO B 196 34.68 -6.18 -24.13
C PRO B 196 35.73 -7.17 -24.63
N HIS B 197 36.39 -6.86 -25.74
CA HIS B 197 37.24 -7.84 -26.41
C HIS B 197 38.52 -8.13 -25.65
N GLU B 198 38.93 -7.18 -24.81
CA GLU B 198 40.18 -7.31 -24.07
C GLU B 198 40.00 -7.98 -22.70
N LEU B 199 38.74 -8.13 -22.26
CA LEU B 199 38.46 -8.47 -20.86
C LEU B 199 39.01 -9.81 -20.30
N PRO B 200 38.92 -10.93 -21.06
CA PRO B 200 39.10 -12.24 -20.41
C PRO B 200 40.38 -12.39 -19.58
N LEU B 201 41.43 -11.71 -20.01
CA LEU B 201 42.75 -11.81 -19.37
C LEU B 201 42.65 -11.49 -17.88
N LEU B 202 41.88 -10.45 -17.56
CA LEU B 202 41.72 -9.99 -16.18
C LEU B 202 41.21 -11.10 -15.26
N GLU B 203 40.51 -12.08 -15.82
CA GLU B 203 39.94 -13.16 -15.02
C GLU B 203 40.98 -14.14 -14.48
N GLY B 204 42.24 -13.97 -14.88
CA GLY B 204 43.32 -14.78 -14.33
C GLY B 204 43.70 -14.38 -12.91
N MET B 205 43.12 -13.29 -12.44
CA MET B 205 43.52 -12.63 -11.20
C MET B 205 42.49 -12.81 -10.09
N GLU B 206 41.28 -12.33 -10.36
CA GLU B 206 40.19 -12.22 -9.38
C GLU B 206 40.56 -11.24 -8.27
N THR B 207 40.74 -9.97 -8.65
CA THR B 207 40.65 -8.86 -7.72
C THR B 207 40.00 -7.66 -8.40
N SER B 208 38.88 -7.19 -7.86
CA SER B 208 38.43 -5.86 -8.21
C SER B 208 37.87 -5.12 -6.99
N GLN B 209 38.65 -4.17 -6.47
CA GLN B 209 38.16 -3.12 -5.58
C GLN B 209 38.83 -1.78 -5.87
N GLY B 210 40.12 -1.70 -5.58
CA GLY B 210 40.93 -0.53 -5.87
C GLY B 210 41.86 -0.78 -7.04
N ILE B 211 42.98 -0.06 -7.09
CA ILE B 211 43.94 -0.26 -8.16
C ILE B 211 44.68 -1.58 -7.97
N GLN B 212 45.57 -1.88 -8.89
CA GLN B 212 46.29 -3.15 -8.86
C GLN B 212 47.37 -3.21 -7.77
N SER B 213 47.76 -2.06 -7.23
CA SER B 213 48.66 -2.03 -6.08
C SER B 213 47.91 -2.47 -4.83
N LEU B 214 46.72 -1.91 -4.66
CA LEU B 214 45.87 -2.18 -3.50
C LEU B 214 45.36 -3.63 -3.49
N GLY B 215 45.29 -4.22 -4.68
CA GLY B 215 44.84 -5.59 -4.85
C GLY B 215 46.00 -6.56 -4.75
N LEU B 216 47.04 -6.15 -4.04
CA LEU B 216 48.31 -6.88 -3.93
C LEU B 216 48.15 -8.34 -3.47
N ASN B 217 47.10 -8.63 -2.70
CA ASN B 217 46.88 -9.97 -2.17
C ASN B 217 46.37 -10.99 -3.19
N ALA B 218 45.30 -10.66 -3.89
CA ALA B 218 44.73 -11.57 -4.90
C ALA B 218 45.61 -11.62 -6.14
N GLY B 219 46.35 -10.54 -6.36
CA GLY B 219 47.31 -10.47 -7.43
C GLY B 219 48.64 -11.10 -7.05
N SER B 220 48.81 -11.44 -5.78
CA SER B 220 50.11 -11.87 -5.25
C SER B 220 50.76 -13.03 -6.01
N GLU B 221 49.96 -13.94 -6.58
CA GLU B 221 50.53 -14.97 -7.42
C GLU B 221 50.84 -14.43 -8.83
N HIS B 222 50.13 -13.37 -9.24
CA HIS B 222 50.39 -12.66 -10.49
C HIS B 222 51.21 -11.37 -10.33
N SER B 223 51.56 -11.03 -9.09
CA SER B 223 52.07 -9.68 -8.76
C SER B 223 53.39 -9.30 -9.43
N GLY B 224 53.50 -8.02 -9.75
CA GLY B 224 54.72 -7.50 -10.33
C GLY B 224 54.42 -6.33 -11.25
N ARG B 225 55.28 -6.18 -12.25
CA ARG B 225 55.03 -5.35 -13.42
C ARG B 225 53.69 -5.68 -14.08
N TYR B 226 53.24 -6.93 -13.89
CA TYR B 226 52.06 -7.48 -14.55
C TYR B 226 50.80 -6.65 -14.26
N ARG B 227 50.50 -6.49 -12.97
CA ARG B 227 49.32 -5.78 -12.50
C ARG B 227 49.31 -4.32 -12.98
N ALA B 228 50.46 -3.66 -12.82
CA ALA B 228 50.60 -2.26 -13.18
C ALA B 228 50.43 -2.05 -14.69
N SER B 229 51.00 -2.95 -15.48
CA SER B 229 50.91 -2.85 -16.93
C SER B 229 49.48 -3.07 -17.41
N VAL B 230 48.87 -4.16 -16.97
CA VAL B 230 47.52 -4.50 -17.43
C VAL B 230 46.56 -3.37 -17.03
N GLU B 231 46.73 -2.86 -15.80
CA GLU B 231 45.90 -1.75 -15.35
C GLU B 231 46.11 -0.55 -16.24
N SER B 232 47.36 -0.25 -16.56
CA SER B 232 47.72 0.88 -17.41
C SER B 232 46.99 0.82 -18.75
N ILE B 233 47.27 -0.22 -19.53
CA ILE B 233 46.70 -0.36 -20.87
C ILE B 233 45.17 -0.42 -20.87
N LEU B 234 44.61 -1.25 -20.00
CA LEU B 234 43.15 -1.37 -19.90
C LEU B 234 42.53 -0.01 -19.63
N ILE B 235 43.04 0.66 -18.60
CA ILE B 235 42.56 1.98 -18.24
C ILE B 235 42.67 2.93 -19.43
N PHE B 236 43.71 2.79 -20.24
CA PHE B 236 43.84 3.70 -21.37
C PHE B 236 42.74 3.51 -22.40
N ASN B 237 42.61 2.29 -22.95
CA ASN B 237 41.58 2.08 -23.98
C ASN B 237 40.19 2.40 -23.42
N SER B 238 39.93 1.89 -22.22
CA SER B 238 38.65 2.10 -21.56
C SER B 238 38.33 3.58 -21.34
N MET B 239 39.30 4.34 -20.86
CA MET B 239 39.10 5.77 -20.62
C MET B 239 38.96 6.55 -21.93
N ASN B 240 39.56 6.06 -23.01
CA ASN B 240 39.33 6.71 -24.28
C ASN B 240 37.86 6.48 -24.69
N GLN B 241 37.36 5.27 -24.43
CA GLN B 241 35.93 4.98 -24.59
C GLN B 241 35.03 5.86 -23.71
N LEU B 242 35.41 6.02 -22.45
CA LEU B 242 34.68 6.84 -21.49
C LEU B 242 34.63 8.29 -21.92
N ASN B 243 35.78 8.81 -22.31
CA ASN B 243 35.95 10.17 -22.76
C ASN B 243 35.05 10.37 -23.98
N SER B 244 35.00 9.34 -24.82
CA SER B 244 34.10 9.29 -25.97
C SER B 244 32.63 9.40 -25.59
N LEU B 245 32.20 8.61 -24.60
CA LEU B 245 30.80 8.63 -24.17
C LEU B 245 30.43 9.95 -23.48
N LEU B 246 31.36 10.50 -22.72
CA LEU B 246 31.12 11.76 -22.03
C LEU B 246 31.02 12.90 -23.03
N GLN B 247 31.86 12.90 -24.05
CA GLN B 247 31.74 13.90 -25.10
C GLN B 247 30.52 13.64 -26.00
N LYS B 248 30.03 12.40 -25.99
CA LYS B 248 28.80 12.06 -26.71
C LYS B 248 27.60 12.77 -26.09
N GLU B 249 27.80 13.27 -24.87
CA GLU B 249 26.89 14.17 -24.20
C GLU B 249 27.70 15.45 -24.00
N ASN B 250 27.15 16.51 -23.42
CA ASN B 250 28.12 17.51 -22.98
C ASN B 250 28.25 17.30 -21.48
N LEU B 251 29.12 16.35 -21.12
CA LEU B 251 29.68 16.24 -19.79
C LEU B 251 31.18 16.54 -19.72
N GLN B 252 31.84 16.68 -20.87
CA GLN B 252 33.30 16.65 -20.88
C GLN B 252 33.82 17.92 -20.19
N ASP B 253 33.24 19.05 -20.58
CA ASP B 253 33.53 20.34 -19.94
C ASP B 253 33.28 20.21 -18.43
N VAL B 254 32.21 19.53 -18.07
CA VAL B 254 31.84 19.35 -16.68
C VAL B 254 32.84 18.43 -15.99
N PHE B 255 33.38 17.48 -16.75
CA PHE B 255 34.30 16.49 -16.19
C PHE B 255 35.71 17.03 -15.94
N ARG B 256 36.41 17.37 -17.01
CA ARG B 256 37.84 17.74 -16.93
C ARG B 256 38.09 19.11 -16.31
N LYS B 257 37.17 20.05 -16.52
CA LYS B 257 37.38 21.40 -16.01
C LYS B 257 36.69 21.65 -14.66
N VAL B 258 35.96 20.66 -14.13
CA VAL B 258 35.32 20.85 -12.82
C VAL B 258 35.58 19.75 -11.81
N GLU B 259 35.10 18.53 -12.05
CA GLU B 259 35.11 17.53 -10.98
C GLU B 259 36.47 16.84 -10.79
N MET B 260 37.25 16.64 -11.84
CA MET B 260 38.60 16.12 -11.63
C MET B 260 39.43 17.06 -10.71
N PRO B 261 39.43 18.39 -10.99
CA PRO B 261 40.00 19.29 -10.00
C PRO B 261 39.41 19.12 -8.59
N SER B 262 38.14 18.75 -8.49
CA SER B 262 37.53 18.48 -7.18
C SER B 262 38.18 17.27 -6.53
N GLN B 263 38.43 16.22 -7.30
CA GLN B 263 39.15 15.04 -6.83
C GLN B 263 40.56 15.41 -6.36
N TYR B 264 41.21 16.31 -7.10
CA TYR B 264 42.54 16.83 -6.76
C TYR B 264 42.56 17.56 -5.41
N CYS B 265 41.72 18.58 -5.29
CA CYS B 265 41.60 19.36 -4.06
C CYS B 265 41.25 18.44 -2.88
N LEU B 266 40.37 17.46 -3.13
CA LEU B 266 40.05 16.43 -2.16
C LEU B 266 41.29 15.62 -1.79
N ALA B 267 42.18 15.40 -2.75
CA ALA B 267 43.38 14.63 -2.50
C ALA B 267 44.32 15.37 -1.56
N LEU B 268 44.61 16.64 -1.85
CA LEU B 268 45.56 17.36 -1.00
C LEU B 268 44.91 17.67 0.35
N LEU B 269 43.58 17.78 0.37
CA LEU B 269 42.86 17.79 1.64
C LEU B 269 43.24 16.56 2.43
N GLU B 270 43.01 15.42 1.78
CA GLU B 270 43.12 14.12 2.39
C GLU B 270 44.55 13.84 2.84
N LEU B 271 45.53 14.48 2.20
CA LEU B 271 46.92 14.43 2.66
C LEU B 271 47.17 15.36 3.85
N ASN B 272 46.54 16.53 3.83
CA ASN B 272 46.65 17.45 4.96
C ASN B 272 46.20 16.79 6.25
N GLY B 273 45.05 16.13 6.19
CA GLY B 273 44.38 15.63 7.38
C GLY B 273 43.73 16.77 8.16
N ILE B 274 43.46 16.54 9.44
CA ILE B 274 43.00 17.63 10.30
C ILE B 274 43.50 17.43 11.74
N GLY B 275 43.80 18.53 12.44
CA GLY B 275 44.43 18.43 13.74
C GLY B 275 43.49 18.04 14.87
N PHE B 276 44.02 17.40 15.90
CA PHE B 276 43.19 16.85 16.96
C PHE B 276 43.88 16.97 18.33
N SER B 277 43.07 17.03 19.40
CA SER B 277 43.60 17.14 20.75
C SER B 277 43.06 16.08 21.71
N THR B 278 43.92 15.19 22.16
CA THR B 278 43.53 14.12 23.07
C THR B 278 43.25 14.64 24.48
N ALA B 279 43.87 15.74 24.86
CA ALA B 279 43.65 16.32 26.19
C ALA B 279 42.21 16.82 26.34
N GLU B 280 41.74 17.52 25.30
CA GLU B 280 40.37 18.02 25.24
C GLU B 280 39.37 16.87 25.13
N CYS B 281 39.66 15.97 24.19
CA CYS B 281 38.82 14.80 23.92
C CYS B 281 38.64 13.94 25.18
N GLU B 282 39.71 13.80 25.96
CA GLU B 282 39.71 13.01 27.19
C GLU B 282 39.03 13.77 28.32
N SER B 283 39.21 15.09 28.32
CA SER B 283 38.53 15.95 29.30
C SER B 283 37.02 15.78 29.18
N GLN B 284 36.51 16.03 27.98
CA GLN B 284 35.08 15.91 27.73
C GLN B 284 34.64 14.44 27.79
N LYS B 285 35.57 13.53 27.54
CA LYS B 285 35.31 12.10 27.71
C LYS B 285 34.87 11.84 29.14
N HIS B 286 35.72 12.26 30.08
CA HIS B 286 35.44 12.06 31.51
C HIS B 286 34.20 12.83 31.93
N ILE B 287 33.97 13.99 31.32
CA ILE B 287 32.73 14.74 31.55
C ILE B 287 31.51 13.89 31.17
N MET B 288 31.54 13.27 29.99
CA MET B 288 30.48 12.38 29.57
C MET B 288 30.31 11.15 30.47
N GLN B 289 31.41 10.66 31.04
CA GLN B 289 31.28 9.54 31.99
C GLN B 289 30.51 10.02 33.22
N ALA B 290 30.85 11.24 33.64
CA ALA B 290 30.18 11.86 34.79
C ALA B 290 28.67 11.95 34.56
N LYS B 291 28.26 12.50 33.41
CA LYS B 291 26.83 12.57 33.13
C LYS B 291 26.22 11.17 32.97
N LEU B 292 27.01 10.24 32.46
CA LEU B 292 26.57 8.85 32.29
C LEU B 292 26.10 8.26 33.62
N ASP B 293 27.02 8.15 34.58
CA ASP B 293 26.67 7.54 35.86
C ASP B 293 25.69 8.40 36.66
N ALA B 294 25.86 9.72 36.58
CA ALA B 294 24.96 10.63 37.30
C ALA B 294 23.52 10.47 36.81
N ILE B 295 23.36 10.27 35.51
CA ILE B 295 22.04 10.03 34.93
C ILE B 295 21.56 8.61 35.25
N GLU B 296 22.51 7.69 35.47
CA GLU B 296 22.14 6.35 35.93
C GLU B 296 21.42 6.44 37.29
N THR B 297 22.06 7.09 38.26
CA THR B 297 21.45 7.22 39.58
C THR B 297 20.24 8.17 39.59
N GLN B 298 20.29 9.21 38.76
CA GLN B 298 19.17 10.13 38.59
C GLN B 298 17.95 9.37 38.05
N ALA B 299 18.21 8.38 37.22
CA ALA B 299 17.18 7.54 36.63
C ALA B 299 16.56 6.60 37.64
N TYR B 300 17.42 5.93 38.39
CA TYR B 300 16.95 4.86 39.27
C TYR B 300 16.55 5.36 40.65
N GLN B 301 16.56 6.69 40.80
CA GLN B 301 15.98 7.33 41.98
C GLN B 301 14.46 7.16 42.03
N LEU B 302 13.81 7.13 40.87
CA LEU B 302 12.36 6.97 40.84
C LEU B 302 11.98 5.54 41.21
N ALA B 303 12.58 4.55 40.54
CA ALA B 303 12.54 3.20 41.08
C ALA B 303 13.89 2.50 41.01
N GLY B 304 14.21 2.07 39.80
CA GLY B 304 15.32 1.19 39.50
C GLY B 304 14.88 -0.23 39.82
N HIS B 305 15.20 -1.17 38.94
CA HIS B 305 15.14 -2.58 39.29
C HIS B 305 16.28 -3.28 38.54
N SER B 306 17.38 -3.59 39.22
CA SER B 306 18.48 -4.33 38.62
C SER B 306 18.87 -3.85 37.21
N PHE B 307 18.76 -2.54 36.96
CA PHE B 307 18.86 -1.99 35.60
C PHE B 307 20.21 -1.79 34.93
N SER B 308 20.22 -1.97 33.62
CA SER B 308 21.26 -1.47 32.72
C SER B 308 20.57 -1.02 31.43
N PHE B 309 20.94 0.14 30.90
CA PHE B 309 20.24 0.73 29.75
C PHE B 309 20.40 -0.11 28.49
N THR B 310 21.50 -0.85 28.41
CA THR B 310 21.91 -1.55 27.19
C THR B 310 20.84 -2.53 26.69
N SER B 311 20.12 -3.15 27.61
CA SER B 311 19.07 -4.10 27.27
C SER B 311 17.70 -3.41 27.25
N SER B 312 17.06 -3.40 26.09
CA SER B 312 15.73 -2.79 25.95
C SER B 312 14.63 -3.57 26.67
N ASP B 313 14.80 -4.89 26.76
CA ASP B 313 13.86 -5.74 27.48
C ASP B 313 13.99 -5.49 28.99
N ASP B 314 15.18 -5.10 29.40
CA ASP B 314 15.43 -4.68 30.77
C ASP B 314 14.76 -3.33 31.05
N ILE B 315 14.70 -2.48 30.03
CA ILE B 315 14.02 -1.19 30.11
C ILE B 315 12.50 -1.36 30.21
N ALA B 316 12.01 -2.39 29.52
CA ALA B 316 10.59 -2.70 29.49
C ALA B 316 9.97 -2.83 30.89
N GLU B 317 10.76 -3.25 31.87
CA GLU B 317 10.28 -3.38 33.25
C GLU B 317 9.71 -2.06 33.78
N VAL B 318 10.59 -1.10 34.07
CA VAL B 318 10.16 0.16 34.67
C VAL B 318 9.34 0.97 33.66
N LEU B 319 9.67 0.84 32.38
CA LEU B 319 8.98 1.62 31.36
C LEU B 319 7.51 1.22 31.23
N PHE B 320 7.26 -0.07 31.00
CA PHE B 320 5.89 -0.56 30.85
C PHE B 320 5.13 -0.60 32.18
N LEU B 321 5.85 -0.74 33.29
CA LEU B 321 5.21 -0.77 34.61
C LEU B 321 4.85 0.62 35.13
N GLU B 322 5.87 1.42 35.47
CA GLU B 322 5.65 2.63 36.25
C GLU B 322 5.19 3.85 35.46
N LEU B 323 5.07 3.73 34.15
CA LEU B 323 4.54 4.81 33.33
C LEU B 323 3.27 4.38 32.60
N LYS B 324 3.40 3.34 31.78
CA LYS B 324 2.29 2.73 31.03
C LYS B 324 1.64 3.67 30.01
N LEU B 325 2.39 3.97 28.95
CA LEU B 325 1.86 4.68 27.79
C LEU B 325 2.52 4.16 26.50
N PRO B 326 2.06 3.02 25.97
CA PRO B 326 2.54 2.43 24.71
C PRO B 326 1.71 2.67 23.44
N PRO B 327 1.72 3.89 22.87
CA PRO B 327 1.04 4.00 21.58
C PRO B 327 1.88 3.46 20.43
N GLN B 358 9.70 -7.64 22.41
CA GLN B 358 9.75 -6.46 21.56
C GLN B 358 8.53 -5.58 21.74
N PHE B 359 8.73 -4.25 21.74
CA PHE B 359 7.62 -3.33 21.47
C PHE B 359 8.01 -2.24 20.47
N SER B 360 8.82 -1.29 20.91
CA SER B 360 9.42 -0.24 20.06
C SER B 360 10.26 0.69 20.93
N THR B 361 10.96 1.66 20.33
CA THR B 361 11.80 2.55 21.13
C THR B 361 11.70 4.07 20.90
N SER B 362 12.20 4.53 19.76
CA SER B 362 12.67 5.93 19.61
C SER B 362 11.66 7.07 19.46
N LYS B 363 11.00 7.10 18.32
CA LYS B 363 10.10 8.19 17.95
C LYS B 363 9.11 8.52 19.06
N ASP B 364 8.50 7.48 19.61
CA ASP B 364 7.53 7.62 20.69
C ASP B 364 8.12 8.23 21.97
N VAL B 365 9.37 7.88 22.30
CA VAL B 365 9.95 8.39 23.55
C VAL B 365 10.48 9.82 23.33
N LEU B 366 10.73 10.20 22.07
CA LEU B 366 10.92 11.61 21.74
C LEU B 366 9.59 12.37 21.92
N ASN B 367 8.54 11.76 21.40
CA ASN B 367 7.16 12.22 21.63
C ASN B 367 6.84 12.48 23.09
N LYS B 368 7.34 11.63 23.98
CA LYS B 368 7.23 11.90 25.41
C LYS B 368 8.28 12.89 25.92
N LEU B 369 9.38 13.02 25.17
CA LEU B 369 10.45 13.93 25.54
C LEU B 369 9.98 15.37 25.52
N LYS B 370 9.14 15.69 24.55
CA LYS B 370 8.51 17.01 24.51
C LYS B 370 7.82 17.39 25.83
N ALA B 371 6.77 16.66 26.19
CA ALA B 371 5.91 17.03 27.32
C ALA B 371 6.37 16.53 28.69
N LEU B 372 6.36 15.20 28.88
CA LEU B 372 6.57 14.60 30.19
C LEU B 372 8.00 14.81 30.71
N HIS B 373 8.12 15.37 31.91
CA HIS B 373 9.40 15.50 32.60
C HIS B 373 10.00 14.20 33.18
N PRO B 374 9.20 13.36 33.89
CA PRO B 374 9.81 12.20 34.57
C PRO B 374 10.44 11.16 33.64
N LEU B 375 11.65 11.49 33.18
CA LEU B 375 12.54 10.59 32.46
C LEU B 375 12.09 9.95 31.14
N PRO B 376 11.41 10.67 30.24
CA PRO B 376 11.54 10.21 28.85
C PRO B 376 12.86 10.67 28.25
N GLY B 377 13.22 11.91 28.60
CA GLY B 377 14.34 12.62 28.00
C GLY B 377 15.64 12.18 28.64
N LEU B 378 15.52 11.47 29.76
CA LEU B 378 16.67 10.85 30.38
C LEU B 378 17.25 9.83 29.41
N ILE B 379 16.35 9.15 28.70
CA ILE B 379 16.73 8.21 27.66
C ILE B 379 17.33 8.96 26.49
N LEU B 380 16.86 10.18 26.25
CA LEU B 380 17.44 11.01 25.20
C LEU B 380 18.90 11.28 25.48
N GLU B 381 19.15 11.88 26.64
CA GLU B 381 20.51 12.28 26.99
C GLU B 381 21.41 11.07 27.13
N TRP B 382 20.89 9.97 27.67
CA TRP B 382 21.72 8.78 27.80
C TRP B 382 22.09 8.18 26.43
N ARG B 383 21.08 7.90 25.61
CA ARG B 383 21.33 7.31 24.28
C ARG B 383 22.19 8.23 23.40
N ARG B 384 21.96 9.52 23.53
CA ARG B 384 22.72 10.53 22.82
C ARG B 384 24.19 10.57 23.23
N ILE B 385 24.44 10.56 24.54
CA ILE B 385 25.81 10.46 25.04
C ILE B 385 26.45 9.17 24.54
N THR B 386 25.72 8.06 24.62
CA THR B 386 26.23 6.77 24.19
C THR B 386 26.68 6.78 22.73
N ASN B 387 25.82 7.31 21.86
CA ASN B 387 26.19 7.46 20.46
C ASN B 387 27.37 8.41 20.31
N ALA B 388 27.42 9.41 21.18
CA ALA B 388 28.47 10.42 21.16
C ALA B 388 29.83 9.89 21.62
N ILE B 389 29.84 8.78 22.34
CA ILE B 389 31.10 8.22 22.83
C ILE B 389 31.49 7.01 22.00
N THR B 390 30.68 5.97 21.97
CA THR B 390 31.11 4.73 21.32
C THR B 390 31.33 4.93 19.81
N LYS B 391 30.53 5.78 19.17
CA LYS B 391 30.67 6.00 17.73
C LYS B 391 31.44 7.27 17.32
N VAL B 392 31.95 8.03 18.27
CA VAL B 392 32.71 9.24 17.92
C VAL B 392 34.08 9.28 18.57
N VAL B 393 34.12 9.29 19.90
CA VAL B 393 35.38 9.36 20.62
C VAL B 393 36.30 8.22 20.25
N PHE B 394 35.78 6.99 20.25
CA PHE B 394 36.61 5.81 20.07
C PHE B 394 37.35 5.70 18.72
N PRO B 395 36.64 5.76 17.58
CA PRO B 395 37.42 5.59 16.34
C PRO B 395 38.41 6.74 16.10
N LEU B 396 38.04 7.96 16.47
CA LEU B 396 38.94 9.11 16.37
C LEU B 396 40.20 8.84 17.19
N GLN B 397 39.99 8.51 18.46
CA GLN B 397 41.10 8.37 19.40
C GLN B 397 41.90 7.10 19.08
N ARG B 398 41.34 6.26 18.21
CA ARG B 398 42.05 5.07 17.75
C ARG B 398 42.96 5.37 16.57
N GLU B 399 42.37 5.76 15.44
CA GLU B 399 43.08 5.84 14.17
C GLU B 399 43.75 7.18 13.92
N LYS B 400 43.79 8.00 14.97
CA LYS B 400 44.64 9.18 15.00
C LYS B 400 46.09 8.83 14.63
N CYS B 401 46.76 9.77 13.99
CA CYS B 401 48.18 9.63 13.69
C CYS B 401 48.86 10.88 14.21
N LEU B 402 50.15 11.00 13.99
CA LEU B 402 50.84 12.23 14.32
C LEU B 402 51.60 12.77 13.13
N ASN B 403 51.70 14.09 13.03
CA ASN B 403 52.66 14.64 12.08
C ASN B 403 53.87 15.13 12.86
N PRO B 404 54.97 14.37 12.76
CA PRO B 404 56.20 14.71 13.49
C PRO B 404 56.67 16.06 13.00
N PHE B 405 56.29 16.36 11.76
CA PHE B 405 56.66 17.59 11.08
C PHE B 405 55.98 18.77 11.76
N LEU B 406 54.92 18.46 12.50
CA LEU B 406 54.13 19.47 13.17
C LEU B 406 54.38 19.44 14.67
N GLY B 407 54.14 18.30 15.31
CA GLY B 407 54.24 18.20 16.75
C GLY B 407 52.84 18.13 17.29
N MET B 408 51.90 18.01 16.35
CA MET B 408 50.51 17.77 16.67
C MET B 408 50.08 16.43 16.09
N GLU B 409 49.04 15.84 16.66
CA GLU B 409 48.48 14.64 16.07
C GLU B 409 47.26 15.01 15.21
N ARG B 410 47.16 14.36 14.07
CA ARG B 410 46.12 14.68 13.08
C ARG B 410 45.45 13.40 12.59
N ILE B 411 44.29 13.53 11.96
CA ILE B 411 43.53 12.37 11.51
C ILE B 411 43.18 12.48 10.03
N TYR B 412 43.20 11.33 9.37
CA TYR B 412 43.06 11.25 7.93
C TYR B 412 41.82 10.48 7.54
N PRO B 413 40.77 11.19 7.10
CA PRO B 413 39.59 10.59 6.48
C PRO B 413 39.92 10.23 5.03
N VAL B 414 38.94 9.82 4.23
CA VAL B 414 39.23 9.53 2.82
C VAL B 414 38.23 10.22 1.89
N SER B 415 38.73 10.86 0.84
CA SER B 415 37.86 11.47 -0.16
C SER B 415 36.97 10.39 -0.77
N GLN B 416 35.72 10.73 -1.05
CA GLN B 416 34.74 9.76 -1.51
C GLN B 416 34.02 10.10 -2.81
N SER B 417 33.24 11.18 -2.80
CA SER B 417 32.29 11.46 -3.86
C SER B 417 31.38 10.23 -4.03
N HIS B 418 31.06 9.92 -5.27
CA HIS B 418 30.17 8.80 -5.61
C HIS B 418 28.84 8.83 -4.87
N THR B 419 28.41 10.02 -4.49
CA THR B 419 27.05 10.28 -4.03
C THR B 419 26.11 10.38 -5.22
N ALA B 420 24.83 10.16 -5.00
CA ALA B 420 23.85 10.31 -6.08
C ALA B 420 23.68 11.78 -6.48
N THR B 421 23.74 12.68 -5.51
CA THR B 421 23.62 14.12 -5.79
C THR B 421 24.90 14.74 -6.35
N GLY B 422 26.05 14.18 -5.99
CA GLY B 422 27.33 14.77 -6.36
C GLY B 422 28.03 15.43 -5.19
N ARG B 423 27.46 15.25 -4.01
CA ARG B 423 28.01 15.80 -2.77
C ARG B 423 29.27 15.01 -2.46
N ILE B 424 29.99 15.36 -1.39
CA ILE B 424 31.23 14.66 -1.07
C ILE B 424 31.28 14.26 0.41
N THR B 425 31.80 13.07 0.68
CA THR B 425 31.91 12.57 2.04
C THR B 425 33.30 12.05 2.31
N PHE B 426 33.56 11.61 3.54
CA PHE B 426 34.88 11.07 3.88
C PHE B 426 34.79 9.84 4.77
N THR B 427 35.43 8.73 4.39
CA THR B 427 35.57 7.66 5.39
C THR B 427 36.87 6.85 5.48
N GLU B 428 37.79 7.17 6.39
CA GLU B 428 38.29 6.17 7.34
C GLU B 428 37.44 6.27 8.62
N PRO B 429 37.44 7.44 9.28
CA PRO B 429 36.21 7.78 9.99
C PRO B 429 35.39 8.67 9.08
N ASN B 430 34.16 9.03 9.45
CA ASN B 430 33.52 10.17 8.80
C ASN B 430 33.31 11.29 9.79
N ILE B 431 34.06 12.37 9.63
CA ILE B 431 33.97 13.43 10.62
C ILE B 431 32.96 14.50 10.22
N GLN B 432 32.22 14.27 9.13
CA GLN B 432 31.14 15.18 8.74
C GLN B 432 30.05 15.15 9.79
N ASN B 433 29.79 13.96 10.33
CA ASN B 433 28.65 13.78 11.21
C ASN B 433 29.02 13.99 12.67
N VAL B 434 30.25 14.45 12.94
CA VAL B 434 30.71 14.65 14.31
C VAL B 434 29.70 15.48 15.08
N PRO B 435 29.47 15.12 16.34
CA PRO B 435 28.36 15.71 17.09
C PRO B 435 28.47 17.20 17.25
N ARG B 436 27.29 17.80 17.43
CA ARG B 436 27.14 19.22 17.61
C ARG B 436 27.19 19.53 19.10
N ASP B 437 27.77 20.67 19.44
CA ASP B 437 27.86 21.10 20.83
C ASP B 437 26.49 21.04 21.51
N PHE B 438 26.43 20.51 22.72
CA PHE B 438 25.17 20.55 23.45
C PHE B 438 25.33 20.74 24.95
N GLU B 439 24.32 21.38 25.52
CA GLU B 439 24.27 21.75 26.93
C GLU B 439 23.96 20.54 27.80
N ILE B 440 24.33 20.64 29.08
CA ILE B 440 24.30 19.51 29.99
C ILE B 440 24.10 20.02 31.41
N LYS B 441 23.41 19.26 32.26
CA LYS B 441 23.16 19.71 33.63
C LYS B 441 24.00 18.97 34.65
N MET B 442 24.38 19.68 35.72
CA MET B 442 25.17 19.10 36.80
C MET B 442 24.26 18.60 37.93
N GLY B 489 23.57 29.94 38.08
CA GLY B 489 23.28 28.57 38.46
C GLY B 489 24.48 27.67 38.26
N MET B 490 24.25 26.35 38.25
CA MET B 490 25.33 25.40 38.01
C MET B 490 25.02 24.46 36.83
N PRO B 491 24.98 25.00 35.59
CA PRO B 491 24.87 24.21 34.37
C PRO B 491 26.24 23.86 33.78
N PHE B 492 26.24 23.26 32.59
CA PHE B 492 27.49 23.08 31.84
C PHE B 492 27.16 22.87 30.36
N SER B 493 28.20 22.77 29.52
CA SER B 493 28.04 22.54 28.10
C SER B 493 29.27 21.82 27.52
N ILE B 494 29.06 20.95 26.54
CA ILE B 494 30.18 20.22 25.96
C ILE B 494 30.20 20.23 24.44
N SER B 495 31.41 20.22 23.87
CA SER B 495 31.56 20.15 22.42
C SER B 495 32.50 19.01 22.08
N MET B 496 32.00 17.93 21.51
CA MET B 496 32.88 16.85 21.08
C MET B 496 33.82 17.34 20.00
N ARG B 497 33.32 18.24 19.17
CA ARG B 497 34.06 18.70 18.02
C ARG B 497 35.17 19.69 18.39
N HIS B 498 35.02 20.32 19.55
CA HIS B 498 36.00 21.29 20.04
C HIS B 498 37.39 20.68 20.14
N ALA B 499 37.46 19.36 20.12
CA ALA B 499 38.72 18.64 20.20
C ALA B 499 39.57 18.84 18.94
N PHE B 500 38.96 19.33 17.87
CA PHE B 500 39.71 19.60 16.63
C PHE B 500 40.46 20.93 16.69
N VAL B 501 41.78 20.88 16.55
CA VAL B 501 42.62 22.08 16.65
C VAL B 501 43.54 22.28 15.43
N PRO B 502 43.93 23.54 15.16
CA PRO B 502 44.96 23.82 14.16
C PRO B 502 46.36 23.62 14.72
N PHE B 503 47.39 23.82 13.90
CA PHE B 503 48.77 23.75 14.38
C PHE B 503 49.05 25.01 15.21
N PRO B 504 50.03 24.93 16.15
CA PRO B 504 50.19 25.96 17.18
C PRO B 504 50.22 27.41 16.66
N GLY B 505 50.82 27.64 15.51
CA GLY B 505 50.88 28.97 14.95
C GLY B 505 49.56 29.36 14.28
N GLY B 506 48.79 28.34 13.92
CA GLY B 506 47.59 28.50 13.11
C GLY B 506 46.28 28.82 13.81
N SER B 507 45.23 28.91 12.98
CA SER B 507 43.86 29.14 13.41
C SER B 507 42.92 28.53 12.37
N ILE B 508 41.69 28.23 12.76
CA ILE B 508 40.74 27.59 11.86
C ILE B 508 39.80 28.61 11.23
N LEU B 509 39.71 28.57 9.91
CA LEU B 509 38.77 29.40 9.17
C LEU B 509 37.70 28.54 8.53
N ALA B 510 36.45 28.89 8.81
CA ALA B 510 35.29 28.19 8.29
C ALA B 510 34.49 29.13 7.44
N ALA B 511 34.19 28.72 6.21
CA ALA B 511 33.36 29.54 5.36
C ALA B 511 32.02 28.88 5.10
N ASP B 512 30.99 29.44 5.74
CA ASP B 512 29.64 28.94 5.67
C ASP B 512 28.86 29.73 4.63
N TYR B 513 28.15 29.02 3.76
CA TYR B 513 27.23 29.68 2.86
C TYR B 513 25.98 29.92 3.66
N SER B 514 25.36 31.09 3.51
CA SER B 514 24.17 31.36 4.29
C SER B 514 22.96 30.91 3.50
N GLN B 515 22.35 29.82 3.96
CA GLN B 515 21.16 29.23 3.34
C GLN B 515 21.30 29.18 1.83
N LEU B 516 22.21 28.36 1.32
CA LEU B 516 22.51 28.36 -0.11
C LEU B 516 21.43 27.65 -0.92
N GLU B 517 21.05 26.45 -0.50
CA GLU B 517 20.09 25.64 -1.26
C GLU B 517 18.78 26.40 -1.46
N LEU B 518 18.40 27.16 -0.43
CA LEU B 518 17.27 28.06 -0.53
C LEU B 518 17.47 29.08 -1.64
N ARG B 519 18.69 29.62 -1.77
CA ARG B 519 18.97 30.59 -2.83
C ARG B 519 18.96 29.96 -4.22
N ILE B 520 19.41 28.72 -4.34
CA ILE B 520 19.34 28.00 -5.59
C ILE B 520 17.89 27.78 -6.01
N LEU B 521 17.08 27.27 -5.08
CA LEU B 521 15.67 27.08 -5.36
C LEU B 521 14.99 28.40 -5.67
N ALA B 522 15.45 29.46 -5.00
CA ALA B 522 15.01 30.82 -5.24
C ALA B 522 15.34 31.25 -6.67
N HIS B 523 16.49 30.79 -7.14
CA HIS B 523 16.95 31.04 -8.49
C HIS B 523 16.12 30.32 -9.54
N LEU B 524 15.90 29.02 -9.36
CA LEU B 524 15.21 28.23 -10.39
C LEU B 524 13.70 28.39 -10.41
N SER B 525 13.09 28.51 -9.24
CA SER B 525 11.64 28.67 -9.17
C SER B 525 11.26 30.06 -9.64
N HIS B 526 12.19 30.99 -9.45
CA HIS B 526 11.98 32.40 -9.73
C HIS B 526 10.74 32.89 -9.01
N ASP B 527 10.57 32.40 -7.78
CA ASP B 527 9.55 32.93 -6.92
C ASP B 527 10.13 34.19 -6.30
N ARG B 528 9.52 35.33 -6.61
CA ARG B 528 10.04 36.62 -6.18
C ARG B 528 9.82 36.82 -4.69
N ARG B 529 8.78 36.19 -4.16
CA ARG B 529 8.47 36.30 -2.74
C ARG B 529 9.55 35.70 -1.85
N LEU B 530 9.94 34.46 -2.13
CA LEU B 530 11.01 33.81 -1.39
C LEU B 530 12.27 34.67 -1.44
N ILE B 531 12.58 35.19 -2.63
CA ILE B 531 13.68 36.13 -2.81
C ILE B 531 13.62 37.29 -1.85
N GLN B 532 12.44 37.90 -1.76
CA GLN B 532 12.26 39.10 -0.95
C GLN B 532 12.28 38.78 0.55
N VAL B 533 11.88 37.57 0.91
CA VAL B 533 11.95 37.09 2.29
C VAL B 533 13.39 36.75 2.70
N LEU B 534 14.15 36.24 1.75
CA LEU B 534 15.51 35.74 1.99
C LEU B 534 16.56 36.86 1.98
N ASN B 535 16.27 37.93 1.25
CA ASN B 535 17.18 39.08 1.22
C ASN B 535 17.04 39.96 2.46
N THR B 536 16.17 39.56 3.38
CA THR B 536 15.97 40.38 4.58
C THR B 536 16.21 39.69 5.92
N GLY B 537 15.35 38.76 6.32
CA GLY B 537 15.19 38.49 7.74
C GLY B 537 16.34 37.78 8.42
N ALA B 538 16.19 37.63 9.73
CA ALA B 538 17.31 37.25 10.58
C ALA B 538 17.10 35.87 11.17
N ASP B 539 17.88 34.91 10.68
CA ASP B 539 17.81 33.51 11.08
C ASP B 539 16.36 33.05 11.21
N VAL B 540 15.67 32.97 10.07
CA VAL B 540 14.22 32.89 10.03
C VAL B 540 13.68 31.68 10.79
N PHE B 541 14.53 30.69 11.03
CA PHE B 541 14.20 29.57 11.90
C PHE B 541 13.84 30.00 13.32
N ARG B 542 14.60 30.97 13.83
CA ARG B 542 14.34 31.54 15.15
C ARG B 542 12.96 32.16 15.18
N SER B 543 12.55 32.72 14.04
CA SER B 543 11.23 33.30 13.87
C SER B 543 10.14 32.24 13.75
N ILE B 544 10.45 31.11 13.11
CA ILE B 544 9.48 30.02 13.00
C ILE B 544 9.22 29.43 14.37
N ALA B 545 10.29 29.15 15.10
CA ALA B 545 10.18 28.66 16.47
C ALA B 545 9.49 29.69 17.36
N ALA B 546 9.78 30.95 17.12
CA ALA B 546 9.22 32.06 17.88
C ALA B 546 7.70 32.09 17.80
N GLU B 547 7.17 31.77 16.63
CA GLU B 547 5.72 31.76 16.45
C GLU B 547 5.15 30.35 16.62
N TRP B 548 6.00 29.37 16.92
CA TRP B 548 5.49 28.00 16.84
C TRP B 548 5.20 27.27 18.14
N LYS B 549 6.21 26.73 18.82
CA LYS B 549 5.91 25.84 19.94
C LYS B 549 5.40 26.67 21.12
N MET B 550 5.96 27.85 21.27
CA MET B 550 5.41 28.89 22.13
C MET B 550 6.00 30.20 21.65
N ILE B 551 5.38 31.32 22.01
CA ILE B 551 5.90 32.61 21.56
C ILE B 551 7.02 33.13 22.48
N GLU B 552 8.21 33.23 21.90
CA GLU B 552 9.36 33.89 22.52
C GLU B 552 10.05 34.71 21.43
N PRO B 553 10.51 35.93 21.74
CA PRO B 553 11.17 36.68 20.66
C PRO B 553 12.47 35.98 20.27
N GLU B 554 13.19 35.52 21.29
CA GLU B 554 14.40 34.72 21.12
C GLU B 554 14.63 33.95 22.42
N SER B 555 15.87 33.49 22.64
CA SER B 555 16.22 32.47 23.63
C SER B 555 15.68 31.12 23.19
N VAL B 556 15.76 30.89 21.89
CA VAL B 556 15.48 29.61 21.28
C VAL B 556 16.70 28.71 21.43
N GLY B 557 16.53 27.57 22.10
CA GLY B 557 17.63 26.65 22.30
C GLY B 557 18.05 26.06 20.98
N ASP B 558 19.28 25.55 20.91
CA ASP B 558 19.82 25.08 19.63
C ASP B 558 19.09 23.87 19.07
N ASP B 559 18.83 22.86 19.90
CA ASP B 559 18.24 21.63 19.36
C ASP B 559 16.79 21.87 19.01
N LEU B 560 16.25 22.98 19.52
CA LEU B 560 14.95 23.48 19.09
C LEU B 560 15.07 24.09 17.70
N ARG B 561 16.05 24.97 17.54
CA ARG B 561 16.38 25.55 16.24
C ARG B 561 16.60 24.48 15.18
N GLN B 562 17.30 23.42 15.57
CA GLN B 562 17.66 22.30 14.71
C GLN B 562 16.45 21.45 14.36
N GLN B 563 15.60 21.19 15.36
CA GLN B 563 14.39 20.44 15.12
C GLN B 563 13.45 21.20 14.18
N ALA B 564 13.33 22.50 14.43
CA ALA B 564 12.51 23.38 13.60
C ALA B 564 13.06 23.42 12.18
N LYS B 565 14.39 23.44 12.08
CA LYS B 565 15.08 23.44 10.80
C LYS B 565 14.75 22.18 10.01
N GLN B 566 14.92 21.04 10.67
CA GLN B 566 14.59 19.73 10.12
C GLN B 566 13.14 19.75 9.61
N ILE B 567 12.25 20.24 10.46
CA ILE B 567 10.82 20.35 10.14
C ILE B 567 10.57 21.14 8.86
N CYS B 568 11.07 22.37 8.82
CA CYS B 568 10.80 23.29 7.72
C CYS B 568 11.38 22.84 6.38
N TYR B 569 12.69 22.58 6.38
CA TYR B 569 13.34 22.05 5.18
C TYR B 569 12.61 20.80 4.73
N GLY B 570 12.11 20.03 5.69
CA GLY B 570 11.26 18.90 5.41
C GLY B 570 10.00 19.29 4.64
N ILE B 571 9.31 20.33 5.13
CA ILE B 571 8.07 20.80 4.51
C ILE B 571 8.28 21.13 3.04
N ILE B 572 9.38 21.84 2.77
CA ILE B 572 9.65 22.33 1.43
C ILE B 572 9.71 21.24 0.36
N TYR B 573 10.29 20.09 0.71
CA TYR B 573 10.45 18.99 -0.23
C TYR B 573 9.22 18.07 -0.27
N GLY B 574 8.15 18.49 0.40
CA GLY B 574 6.92 17.73 0.46
C GLY B 574 6.81 16.62 1.48
N MET B 575 7.26 16.90 2.70
CA MET B 575 7.03 16.04 3.85
C MET B 575 5.54 15.69 3.96
N GLY B 576 5.24 14.42 4.25
CA GLY B 576 3.87 13.98 4.39
C GLY B 576 3.23 14.62 5.60
N ALA B 577 1.95 14.94 5.47
CA ALA B 577 1.25 15.77 6.45
C ALA B 577 1.39 15.23 7.87
N LYS B 578 1.22 13.92 8.01
CA LYS B 578 1.23 13.29 9.32
C LYS B 578 2.61 13.30 9.98
N SER B 579 3.66 13.12 9.20
CA SER B 579 5.00 13.09 9.75
C SER B 579 5.37 14.48 10.25
N LEU B 580 4.92 15.49 9.50
CA LEU B 580 5.10 16.88 9.89
C LEU B 580 4.36 17.13 11.21
N GLY B 581 3.14 16.61 11.28
CA GLY B 581 2.32 16.73 12.48
C GLY B 581 3.01 16.05 13.65
N GLU B 582 3.79 15.03 13.34
CA GLU B 582 4.54 14.28 14.34
C GLU B 582 5.72 15.09 14.89
N GLN B 583 6.57 15.61 14.01
CA GLN B 583 7.74 16.34 14.48
C GLN B 583 7.34 17.65 15.14
N MET B 584 6.26 18.27 14.65
CA MET B 584 5.73 19.46 15.30
C MET B 584 4.94 19.11 16.56
N GLY B 585 4.42 17.89 16.61
CA GLY B 585 3.67 17.44 17.76
C GLY B 585 2.18 17.74 17.67
N ILE B 586 1.68 17.91 16.45
CA ILE B 586 0.28 18.32 16.26
C ILE B 586 -0.55 17.32 15.47
N LYS B 587 -1.82 17.65 15.27
CA LYS B 587 -2.78 16.79 14.58
C LYS B 587 -2.60 16.87 13.07
N GLU B 588 -2.96 15.78 12.39
CA GLU B 588 -2.71 15.61 10.95
C GLU B 588 -3.27 16.73 10.08
N ASN B 589 -4.60 16.87 10.02
CA ASN B 589 -5.23 17.80 9.08
C ASN B 589 -4.79 19.25 9.30
N ASP B 590 -4.45 19.59 10.53
CA ASP B 590 -3.94 20.91 10.88
C ASP B 590 -2.60 21.14 10.16
N ALA B 591 -1.72 20.15 10.28
CA ALA B 591 -0.42 20.18 9.62
C ALA B 591 -0.57 20.23 8.10
N ALA B 592 -1.51 19.45 7.59
CA ALA B 592 -1.77 19.42 6.15
C ALA B 592 -2.18 20.79 5.66
N CYS B 593 -3.03 21.45 6.46
CA CYS B 593 -3.48 22.80 6.14
C CYS B 593 -2.33 23.80 6.22
N TYR B 594 -1.35 23.51 7.07
CA TYR B 594 -0.14 24.34 7.16
C TYR B 594 0.76 24.17 5.92
N ILE B 595 0.88 22.94 5.44
CA ILE B 595 1.64 22.67 4.22
C ILE B 595 0.99 23.35 3.03
N ASP B 596 -0.32 23.18 2.92
CA ASP B 596 -1.12 23.82 1.89
C ASP B 596 -0.96 25.34 1.97
N SER B 597 -0.89 25.83 3.20
CA SER B 597 -0.64 27.24 3.44
C SER B 597 0.69 27.66 2.83
N PHE B 598 1.72 26.85 3.03
CA PHE B 598 3.03 27.15 2.45
C PHE B 598 3.08 27.00 0.92
N LYS B 599 2.18 26.20 0.35
CA LYS B 599 2.01 26.24 -1.09
C LYS B 599 1.44 27.59 -1.48
N SER B 600 0.46 28.04 -0.72
CA SER B 600 -0.22 29.31 -0.99
C SER B 600 0.72 30.51 -0.90
N ARG B 601 1.64 30.47 0.05
CA ARG B 601 2.61 31.57 0.24
C ARG B 601 3.53 31.69 -0.96
N TYR B 602 4.08 30.56 -1.42
CA TYR B 602 5.02 30.60 -2.52
C TYR B 602 4.56 29.64 -3.62
N THR B 603 4.09 30.21 -4.74
CA THR B 603 3.59 29.40 -5.84
C THR B 603 4.64 29.14 -6.93
N GLY B 604 5.76 29.87 -6.86
CA GLY B 604 6.82 29.68 -7.82
C GLY B 604 7.47 28.34 -7.53
N ILE B 605 7.54 28.03 -6.25
CA ILE B 605 8.10 26.76 -5.79
C ILE B 605 7.32 25.59 -6.36
N ASN B 606 6.01 25.58 -6.12
CA ASN B 606 5.16 24.49 -6.58
C ASN B 606 5.12 24.42 -8.10
N GLN B 607 5.11 25.59 -8.75
CA GLN B 607 5.20 25.64 -10.21
C GLN B 607 6.43 24.85 -10.67
N PHE B 608 7.61 25.31 -10.27
CA PHE B 608 8.86 24.65 -10.63
C PHE B 608 8.82 23.16 -10.28
N MET B 609 8.08 22.84 -9.24
CA MET B 609 8.03 21.50 -8.69
C MET B 609 7.31 20.55 -9.64
N THR B 610 6.01 20.79 -9.84
CA THR B 610 5.22 19.96 -10.74
C THR B 610 5.83 19.95 -12.14
N GLU B 611 6.33 21.12 -12.57
CA GLU B 611 6.97 21.23 -13.87
C GLU B 611 8.14 20.27 -14.00
N THR B 612 8.99 20.22 -12.98
CA THR B 612 10.18 19.38 -13.05
C THR B 612 9.80 17.90 -12.93
N VAL B 613 8.70 17.60 -12.24
CA VAL B 613 8.22 16.23 -12.21
C VAL B 613 7.82 15.77 -13.61
N LYS B 614 7.00 16.58 -14.28
CA LYS B 614 6.56 16.25 -15.63
C LYS B 614 7.77 16.12 -16.57
N ASN B 615 8.75 16.99 -16.41
CA ASN B 615 9.97 16.88 -17.21
C ASN B 615 10.74 15.59 -16.96
N CYS B 616 10.78 15.15 -15.71
CA CYS B 616 11.48 13.89 -15.42
C CYS B 616 10.68 12.72 -15.98
N LYS B 617 9.37 12.88 -16.12
CA LYS B 617 8.60 11.88 -16.86
C LYS B 617 8.93 11.88 -18.35
N ARG B 618 9.02 13.07 -18.95
CA ARG B 618 9.23 13.17 -20.40
C ARG B 618 10.65 12.79 -20.83
N ASP B 619 11.59 12.85 -19.89
CA ASP B 619 12.99 12.62 -20.18
C ASP B 619 13.44 11.32 -19.55
N GLY B 620 13.24 11.21 -18.23
CA GLY B 620 13.63 10.04 -17.48
C GLY B 620 14.84 10.32 -16.63
N PHE B 621 15.20 11.59 -16.54
CA PHE B 621 16.33 12.03 -15.73
C PHE B 621 16.17 13.50 -15.35
N VAL B 622 16.85 13.94 -14.29
CA VAL B 622 16.96 15.37 -14.05
C VAL B 622 18.41 15.82 -14.25
N GLN B 623 18.65 17.13 -14.17
CA GLN B 623 19.96 17.68 -14.51
C GLN B 623 20.38 18.81 -13.57
N THR B 624 21.57 18.69 -12.97
CA THR B 624 22.16 19.73 -12.14
C THR B 624 22.75 20.85 -12.99
N ILE B 625 22.93 22.03 -12.39
CA ILE B 625 23.30 23.24 -13.13
C ILE B 625 24.47 23.03 -14.08
N LEU B 626 25.46 22.24 -13.66
CA LEU B 626 26.63 21.99 -14.48
C LEU B 626 26.30 21.24 -15.76
N GLY B 627 25.19 20.51 -15.76
CA GLY B 627 24.88 19.64 -16.88
C GLY B 627 25.09 18.17 -16.55
N ARG B 628 25.65 17.89 -15.36
CA ARG B 628 25.61 16.53 -14.84
C ARG B 628 24.16 16.20 -14.62
N ARG B 629 23.77 14.96 -14.92
CA ARG B 629 22.38 14.58 -14.83
C ARG B 629 22.23 13.25 -14.11
N ARG B 630 21.23 13.16 -13.25
CA ARG B 630 20.97 11.92 -12.53
C ARG B 630 19.75 11.25 -13.13
N TYR B 631 19.87 9.95 -13.36
CA TYR B 631 18.80 9.17 -13.99
C TYR B 631 17.90 8.56 -12.91
N LEU B 632 16.65 9.00 -12.86
CA LEU B 632 15.65 8.40 -11.97
C LEU B 632 14.72 7.47 -12.74
N PRO B 633 14.90 6.16 -12.56
CA PRO B 633 14.05 5.13 -13.18
C PRO B 633 12.65 5.09 -12.61
N GLY B 634 12.55 5.26 -11.29
CA GLY B 634 11.33 4.96 -10.56
C GLY B 634 10.20 5.95 -10.71
N ILE B 635 10.49 7.08 -11.35
CA ILE B 635 9.49 8.11 -11.55
C ILE B 635 8.38 7.61 -12.47
N LYS B 636 8.73 6.68 -13.35
CA LYS B 636 7.82 6.20 -14.37
C LYS B 636 7.14 4.91 -13.89
N ASP B 637 7.53 4.47 -12.71
CA ASP B 637 7.07 3.22 -12.08
C ASP B 637 5.61 3.24 -11.62
N ASN B 638 5.00 2.06 -11.59
CA ASN B 638 3.62 1.87 -11.16
C ASN B 638 3.39 1.98 -9.65
N ASN B 639 4.31 1.45 -8.86
CA ASN B 639 4.16 1.44 -7.41
C ASN B 639 4.20 2.86 -6.82
N PRO B 640 3.09 3.31 -6.23
CA PRO B 640 2.85 4.67 -5.71
C PRO B 640 3.87 5.19 -4.70
N TYR B 641 4.42 4.31 -3.87
CA TYR B 641 5.44 4.74 -2.91
C TYR B 641 6.73 5.07 -3.63
N ARG B 642 7.09 4.24 -4.60
CA ARG B 642 8.30 4.44 -5.37
C ARG B 642 8.17 5.71 -6.22
N LYS B 643 6.96 5.94 -6.74
CA LYS B 643 6.67 7.13 -7.54
C LYS B 643 6.75 8.38 -6.68
N ALA B 644 6.25 8.30 -5.45
CA ALA B 644 6.30 9.43 -4.53
C ALA B 644 7.73 9.79 -4.13
N HIS B 645 8.47 8.77 -3.71
CA HIS B 645 9.86 8.97 -3.33
C HIS B 645 10.62 9.58 -4.50
N ALA B 646 10.37 9.08 -5.72
CA ALA B 646 11.03 9.65 -6.89
C ALA B 646 10.60 11.09 -7.18
N GLU B 647 9.33 11.40 -6.92
CA GLU B 647 8.83 12.75 -7.09
C GLU B 647 9.60 13.74 -6.24
N ARG B 648 9.72 13.45 -4.94
CA ARG B 648 10.51 14.31 -4.07
C ARG B 648 11.99 14.28 -4.45
N GLN B 649 12.41 13.12 -4.94
CA GLN B 649 13.81 12.84 -5.25
C GLN B 649 14.33 13.70 -6.40
N ALA B 650 13.50 13.93 -7.41
CA ALA B 650 13.89 14.81 -8.51
C ALA B 650 14.22 16.20 -7.95
N ILE B 651 13.34 16.66 -7.05
CA ILE B 651 13.49 17.97 -6.43
C ILE B 651 14.80 18.09 -5.68
N ASN B 652 14.97 17.21 -4.68
CA ASN B 652 16.15 17.29 -3.82
C ASN B 652 17.44 17.06 -4.61
N THR B 653 17.38 16.18 -5.62
CA THR B 653 18.58 15.91 -6.43
C THR B 653 18.97 17.15 -7.23
N ILE B 654 18.00 17.84 -7.83
CA ILE B 654 18.35 19.07 -8.55
C ILE B 654 18.91 20.13 -7.60
N VAL B 655 18.18 20.47 -6.54
CA VAL B 655 18.65 21.57 -5.69
C VAL B 655 19.95 21.25 -4.93
N GLN B 656 20.01 20.12 -4.22
CA GLN B 656 21.23 19.74 -3.51
C GLN B 656 22.40 19.46 -4.45
N GLY B 657 22.11 18.85 -5.59
CA GLY B 657 23.15 18.54 -6.57
C GLY B 657 23.79 19.81 -7.07
N SER B 658 22.94 20.76 -7.43
CA SER B 658 23.43 22.05 -7.89
C SER B 658 24.23 22.73 -6.80
N ALA B 659 23.78 22.55 -5.56
CA ALA B 659 24.49 23.08 -4.41
C ALA B 659 25.92 22.55 -4.37
N ALA B 660 26.04 21.22 -4.41
CA ALA B 660 27.34 20.57 -4.35
C ALA B 660 28.24 21.02 -5.49
N ASP B 661 27.63 21.36 -6.63
CA ASP B 661 28.39 21.89 -7.76
C ASP B 661 28.94 23.31 -7.49
N ILE B 662 28.11 24.20 -6.95
CA ILE B 662 28.62 25.50 -6.52
C ILE B 662 29.77 25.36 -5.53
N VAL B 663 29.57 24.52 -4.51
CA VAL B 663 30.61 24.31 -3.49
C VAL B 663 31.90 23.75 -4.09
N LYS B 664 31.81 22.74 -4.94
CA LYS B 664 33.00 22.22 -5.63
C LYS B 664 33.74 23.30 -6.41
N ILE B 665 33.01 24.03 -7.24
CA ILE B 665 33.63 25.07 -8.06
C ILE B 665 34.33 26.10 -7.17
N ALA B 666 33.67 26.46 -6.07
CA ALA B 666 34.25 27.36 -5.09
C ALA B 666 35.55 26.81 -4.51
N THR B 667 35.56 25.52 -4.17
CA THR B 667 36.74 24.87 -3.61
C THR B 667 37.93 24.92 -4.56
N VAL B 668 37.72 24.39 -5.76
CA VAL B 668 38.80 24.28 -6.73
C VAL B 668 39.30 25.66 -7.13
N ASN B 669 38.40 26.64 -7.18
CA ASN B 669 38.80 28.02 -7.43
C ASN B 669 39.70 28.54 -6.30
N ILE B 670 39.25 28.37 -5.07
CA ILE B 670 40.00 28.84 -3.90
C ILE B 670 41.40 28.25 -3.91
N GLN B 671 41.49 26.93 -3.98
CA GLN B 671 42.77 26.23 -3.99
C GLN B 671 43.61 26.56 -5.22
N LYS B 672 42.96 26.77 -6.36
CA LYS B 672 43.68 27.08 -7.58
C LYS B 672 44.37 28.43 -7.46
N GLN B 673 43.72 29.36 -6.77
CA GLN B 673 44.34 30.65 -6.51
C GLN B 673 45.45 30.49 -5.47
N LEU B 674 45.10 29.86 -4.34
CA LEU B 674 46.04 29.63 -3.24
C LEU B 674 47.34 29.00 -3.72
N GLU B 675 47.23 28.15 -4.73
CA GLU B 675 48.36 27.38 -5.24
C GLU B 675 49.50 28.28 -5.71
N THR B 676 49.26 29.01 -6.78
CA THR B 676 50.32 29.84 -7.35
C THR B 676 50.49 31.18 -6.63
N PHE B 677 49.46 31.65 -5.95
CA PHE B 677 49.47 33.02 -5.40
C PHE B 677 50.51 33.21 -4.31
N HIS B 678 50.80 32.16 -3.55
CA HIS B 678 51.82 32.19 -2.51
C HIS B 678 52.89 31.17 -2.85
N SER B 679 54.15 31.57 -2.89
CA SER B 679 55.15 30.55 -3.18
C SER B 679 55.77 30.07 -1.88
N THR B 680 55.25 28.95 -1.39
CA THR B 680 55.93 28.14 -0.40
C THR B 680 55.89 26.67 -0.81
N PHE B 681 54.71 26.07 -0.62
CA PHE B 681 54.38 24.73 -1.15
C PHE B 681 52.90 24.38 -0.88
N LYS B 682 52.54 23.16 -1.22
CA LYS B 682 51.13 22.77 -1.37
C LYS B 682 50.44 22.25 -0.10
N SER B 683 50.90 21.14 0.46
CA SER B 683 50.25 20.54 1.62
C SER B 683 51.21 19.72 2.49
N HIS B 684 50.79 19.42 3.72
CA HIS B 684 51.63 18.75 4.71
C HIS B 684 52.30 17.46 4.22
N GLY B 685 51.69 16.79 3.25
CA GLY B 685 52.26 15.56 2.69
C GLY B 685 53.56 15.85 1.95
N HIS B 686 53.63 17.05 1.39
CA HIS B 686 54.78 17.48 0.61
C HIS B 686 56.03 17.64 1.49
N ARG B 687 55.84 17.72 2.81
CA ARG B 687 56.93 17.61 3.78
C ARG B 687 57.58 16.23 3.78
N GLU B 688 56.75 15.20 3.91
CA GLU B 688 57.24 13.82 3.92
C GLU B 688 57.90 13.60 2.55
N GLY B 689 57.33 14.25 1.55
CA GLY B 689 57.96 14.32 0.24
C GLY B 689 59.31 15.03 0.28
N MET B 690 59.45 16.03 1.15
CA MET B 690 60.74 16.73 1.31
C MET B 690 61.80 15.83 1.93
N LEU B 691 61.44 15.04 2.94
CA LEU B 691 62.39 14.10 3.51
C LEU B 691 62.77 13.00 2.52
N GLN B 692 61.79 12.48 1.79
CA GLN B 692 62.07 11.41 0.83
C GLN B 692 62.69 11.92 -0.47
N SER B 693 62.73 13.25 -0.63
CA SER B 693 63.34 13.86 -1.81
C SER B 693 64.88 13.95 -1.71
N ASP B 694 65.39 13.99 -0.49
CA ASP B 694 66.83 14.03 -0.28
C ASP B 694 67.48 12.69 -0.61
N CYS B 709 62.87 24.41 8.95
CA CYS B 709 61.73 24.85 8.13
C CYS B 709 60.72 25.66 8.95
N PRO B 710 60.04 26.61 8.29
CA PRO B 710 58.98 27.46 8.85
C PRO B 710 57.60 26.89 8.62
N ILE B 711 56.55 27.59 9.09
CA ILE B 711 55.18 27.21 8.75
C ILE B 711 54.34 28.39 8.24
N ARG B 712 53.95 28.37 6.96
CA ARG B 712 53.13 29.44 6.41
C ARG B 712 52.25 28.95 5.25
N GLY B 713 51.03 29.49 5.18
CA GLY B 713 50.09 29.11 4.13
C GLY B 713 48.68 29.10 4.70
N GLY B 714 47.80 28.39 4.00
CA GLY B 714 46.55 27.91 4.58
C GLY B 714 46.16 26.65 3.84
N PHE B 715 45.48 25.73 4.50
CA PHE B 715 45.35 24.39 3.96
C PHE B 715 43.93 23.87 4.03
N PHE B 716 43.55 23.12 3.00
CA PHE B 716 42.19 22.56 2.90
C PHE B 716 41.99 21.39 3.87
N ILE B 717 40.89 21.45 4.62
CA ILE B 717 40.64 20.48 5.69
C ILE B 717 39.39 19.65 5.45
N LEU B 718 38.25 20.30 5.33
CA LEU B 718 36.99 19.55 5.34
C LEU B 718 35.89 20.31 4.61
N GLN B 719 34.80 19.63 4.26
CA GLN B 719 33.61 20.34 3.80
C GLN B 719 32.35 19.85 4.53
N LEU B 720 31.65 20.82 5.12
CA LEU B 720 30.32 20.66 5.71
C LEU B 720 29.24 21.03 4.69
N HIS B 721 29.62 20.93 3.42
CA HIS B 721 28.69 20.87 2.28
C HIS B 721 28.08 22.22 1.92
N ASP B 722 27.81 23.04 2.94
CA ASP B 722 27.70 24.47 2.78
C ASP B 722 28.88 25.12 3.47
N GLU B 723 29.65 24.34 4.21
CA GLU B 723 30.86 24.92 4.81
C GLU B 723 32.16 24.45 4.16
N LEU B 724 33.12 25.37 4.07
CA LEU B 724 34.48 25.05 3.64
C LEU B 724 35.47 25.29 4.76
N LEU B 725 36.18 24.22 5.12
CA LEU B 725 36.95 24.17 6.35
C LEU B 725 38.44 24.16 6.08
N TYR B 726 39.10 25.22 6.55
CA TYR B 726 40.52 25.48 6.36
C TYR B 726 41.26 25.68 7.68
N GLU B 727 42.54 25.32 7.72
CA GLU B 727 43.40 25.85 8.76
C GLU B 727 44.46 26.72 8.12
N VAL B 728 44.80 27.82 8.77
CA VAL B 728 45.71 28.80 8.21
C VAL B 728 46.56 29.44 9.31
N ALA B 729 47.86 29.59 9.06
CA ALA B 729 48.77 30.22 10.01
C ALA B 729 48.27 31.61 10.32
N GLU B 730 48.43 32.09 11.55
CA GLU B 730 47.84 33.39 11.81
C GLU B 730 48.85 34.42 11.38
N GLU B 731 48.77 34.73 10.10
CA GLU B 731 49.50 35.78 9.41
C GLU B 731 48.52 36.23 8.36
N ASP B 732 48.28 35.25 7.49
CA ASP B 732 47.63 35.35 6.20
C ASP B 732 46.12 35.26 6.33
N VAL B 733 45.64 35.10 7.57
CA VAL B 733 44.23 34.83 7.84
C VAL B 733 43.28 35.82 7.16
N VAL B 734 43.71 37.06 7.04
CA VAL B 734 42.89 38.10 6.43
C VAL B 734 42.86 37.90 4.92
N GLN B 735 44.04 37.68 4.35
CA GLN B 735 44.17 37.38 2.92
C GLN B 735 43.40 36.12 2.54
N VAL B 736 43.65 35.02 3.24
CA VAL B 736 42.93 33.77 3.03
C VAL B 736 41.42 33.97 3.12
N ALA B 737 40.98 34.68 4.17
CA ALA B 737 39.55 34.95 4.36
C ALA B 737 38.95 35.65 3.15
N GLN B 738 39.60 36.72 2.70
CA GLN B 738 39.09 37.44 1.54
C GLN B 738 39.08 36.58 0.27
N ILE B 739 40.11 35.75 0.10
CA ILE B 739 40.21 34.89 -1.08
C ILE B 739 39.06 33.88 -1.10
N VAL B 740 38.83 33.26 0.05
CA VAL B 740 37.76 32.29 0.19
C VAL B 740 36.41 32.93 -0.07
N LYS B 741 36.14 34.04 0.62
CA LYS B 741 34.90 34.78 0.43
C LYS B 741 34.66 35.08 -1.06
N ASN B 742 35.67 35.66 -1.70
CA ASN B 742 35.59 36.05 -3.10
C ASN B 742 35.28 34.89 -4.03
N GLU B 743 36.09 33.84 -3.96
CA GLU B 743 35.92 32.72 -4.87
C GLU B 743 34.60 31.98 -4.64
N MET B 744 34.17 31.91 -3.38
CA MET B 744 32.89 31.29 -3.08
C MET B 744 31.74 32.10 -3.68
N GLU B 745 31.87 33.41 -3.63
CA GLU B 745 30.84 34.28 -4.19
C GLU B 745 30.99 34.38 -5.71
N SER B 746 32.18 34.08 -6.20
CA SER B 746 32.47 34.14 -7.64
C SER B 746 32.34 32.79 -8.33
N ALA B 747 31.85 31.79 -7.60
CA ALA B 747 31.65 30.46 -8.16
C ALA B 747 30.92 30.53 -9.50
N VAL B 748 29.66 30.93 -9.46
CA VAL B 748 28.90 31.35 -10.63
C VAL B 748 27.90 32.43 -10.22
N LYS B 749 27.74 33.43 -11.07
CA LYS B 749 26.81 34.51 -10.75
C LYS B 749 25.40 34.05 -11.09
N LEU B 750 24.42 34.50 -10.31
CA LEU B 750 23.04 34.04 -10.47
C LEU B 750 22.01 35.04 -9.95
N SER B 751 20.74 34.63 -9.91
CA SER B 751 19.61 35.53 -9.64
C SER B 751 19.72 36.34 -8.34
N VAL B 752 20.45 35.81 -7.36
CA VAL B 752 20.73 36.55 -6.14
C VAL B 752 22.18 36.37 -5.74
N LYS B 753 22.66 37.26 -4.86
CA LYS B 753 23.99 37.09 -4.30
C LYS B 753 23.95 36.03 -3.21
N LEU B 754 25.04 35.29 -3.09
CA LEU B 754 25.11 34.24 -2.09
C LEU B 754 25.92 34.81 -0.94
N LYS B 755 25.26 35.14 0.16
CA LYS B 755 26.00 35.74 1.26
C LYS B 755 26.85 34.67 1.91
N VAL B 756 28.07 35.03 2.26
CA VAL B 756 28.98 34.07 2.85
C VAL B 756 29.43 34.52 4.22
N LYS B 757 29.01 33.79 5.25
CA LYS B 757 29.50 34.01 6.60
C LYS B 757 30.87 33.36 6.73
N VAL B 758 31.87 34.07 7.21
CA VAL B 758 33.13 33.39 7.45
C VAL B 758 33.49 33.45 8.93
N LYS B 759 33.31 32.32 9.62
CA LYS B 759 33.66 32.22 11.03
C LYS B 759 35.14 31.92 11.09
N ILE B 760 35.80 32.37 12.15
CA ILE B 760 37.24 32.21 12.24
C ILE B 760 37.67 32.18 13.69
N GLY B 761 38.76 31.46 13.98
CA GLY B 761 39.31 31.48 15.32
C GLY B 761 40.00 30.20 15.73
N ALA B 762 40.44 30.15 16.98
CA ALA B 762 41.05 28.95 17.52
C ALA B 762 40.06 27.79 17.62
N SER B 763 40.55 26.59 17.35
CA SER B 763 39.80 25.34 17.40
C SER B 763 38.48 25.26 16.59
N TRP B 764 37.53 24.51 17.12
CA TRP B 764 36.25 24.24 16.46
C TRP B 764 35.08 25.04 17.02
N GLY B 765 35.36 26.05 17.83
CA GLY B 765 34.27 26.90 18.24
C GLY B 765 34.84 28.29 18.22
N GLU B 766 34.01 29.25 17.84
CA GLU B 766 34.50 30.37 17.04
C GLU B 766 33.65 31.62 17.09
N LEU B 767 34.25 32.72 16.65
CA LEU B 767 33.59 34.01 16.51
C LEU B 767 33.73 34.47 15.06
N LYS B 768 32.79 35.31 14.62
CA LYS B 768 32.80 35.75 13.22
C LYS B 768 32.52 37.23 13.05
N ASP B 769 33.50 37.97 12.53
CA ASP B 769 33.21 39.31 12.01
C ASP B 769 34.24 39.75 10.96
N PHE B 770 33.78 40.51 9.97
CA PHE B 770 34.64 41.19 9.01
C PHE B 770 33.96 42.49 8.54
N ASP B 771 34.75 43.53 8.28
CA ASP B 771 34.20 44.87 8.13
C ASP B 771 34.51 45.55 6.80
N VAL B 772 33.61 46.43 6.37
CA VAL B 772 33.77 47.20 5.15
C VAL B 772 33.46 48.69 5.36
C1 GOL G . -8.11 -11.38 11.27
O1 GOL G . -8.65 -12.55 11.85
C2 GOL G . -8.34 -10.18 12.18
O2 GOL G . -8.64 -10.65 13.49
C3 GOL G . -7.09 -9.30 12.20
O3 GOL G . -7.32 -8.17 13.02
C1 GOL H . -35.50 -15.13 -13.57
O1 GOL H . -36.72 -14.53 -13.19
C2 GOL H . -35.01 -16.07 -12.47
O2 GOL H . -36.02 -16.26 -11.51
C3 GOL H . -34.65 -17.41 -13.09
O3 GOL H . -34.98 -18.43 -12.18
MG MG I . -32.38 -12.09 14.31
PG DG3 J . -32.19 -8.96 16.39
O1G DG3 J . -32.55 -9.88 15.25
O2G DG3 J . -33.01 -9.19 17.65
O3G DG3 J . -31.97 -7.52 16.01
O3B DG3 J . -30.72 -9.43 16.78
PB DG3 J . -29.89 -10.11 15.58
O1B DG3 J . -30.84 -10.91 14.72
O2B DG3 J . -28.64 -10.76 16.11
O3A DG3 J . -29.48 -8.81 14.75
PA DG3 J . -30.17 -8.75 13.32
O1A DG3 J . -31.44 -9.58 13.41
O2A DG3 J . -30.22 -7.30 12.89
O5' DG3 J . -29.10 -9.56 12.43
C5' DG3 J . -29.47 -10.79 11.83
C4' DG3 J . -28.21 -11.47 11.33
O4' DG3 J . -27.61 -10.62 10.36
C3' DG3 J . -27.26 -11.56 12.52
C2' DG3 J . -26.00 -10.83 12.09
C1' DG3 J . -26.27 -10.26 10.71
N9 DG3 J . -26.12 -8.79 10.75
C8 DG3 J . -27.09 -7.87 10.88
N7 DG3 J . -26.58 -6.61 10.86
C5 DG3 J . -25.24 -6.72 10.72
C6 DG3 J . -24.08 -5.80 10.62
O6 DG3 J . -24.25 -4.56 10.68
N1 DG3 J . -22.86 -6.33 10.46
C2 DG3 J . -22.67 -7.66 10.40
N2 DG3 J . -21.40 -8.14 10.24
N3 DG3 J . -23.67 -8.56 10.47
C4 DG3 J . -24.94 -8.16 10.64
C1 GOL K . 4.69 17.32 -4.28
O1 GOL K . 5.03 18.43 -5.08
C2 GOL K . 3.89 17.78 -3.08
O2 GOL K . 3.72 19.18 -3.14
C3 GOL K . 2.54 17.07 -3.04
O3 GOL K . 1.81 17.47 -1.91
C1 GOL L . 40.27 5.24 -2.41
O1 GOL L . 40.83 5.43 -1.13
C2 GOL L . 39.67 6.56 -2.86
O2 GOL L . 40.09 7.56 -1.96
C3 GOL L . 40.20 6.88 -4.25
O3 GOL L . 39.23 7.61 -4.97
MG MG M . 25.02 27.17 6.53
PG DG3 N . 22.91 27.52 9.57
O1G DG3 N . 24.01 26.99 8.68
O2G DG3 N . 23.12 28.95 10.02
O3G DG3 N . 22.44 26.55 10.62
O3B DG3 N . 21.66 27.57 8.57
PB DG3 N . 21.72 26.54 7.34
O1B DG3 N . 23.11 26.55 6.75
O2B DG3 N . 20.52 26.77 6.44
O3A DG3 N . 21.53 25.12 8.04
PA DG3 N . 22.74 24.11 7.78
O1A DG3 N . 23.97 24.95 7.53
O2A DG3 N . 22.71 23.09 8.90
O5' DG3 N . 22.32 23.42 6.39
C5' DG3 N . 23.13 23.58 5.24
C4' DG3 N . 22.43 22.94 4.06
O4' DG3 N . 22.03 21.62 4.43
C3' DG3 N . 21.16 23.73 3.76
C2' DG3 N . 20.07 22.68 3.61
C1' DG3 N . 20.67 21.37 4.08
N9 DG3 N . 19.90 20.85 5.24
C8 DG3 N . 20.14 21.08 6.55
N7 DG3 N . 19.24 20.45 7.34
C5 DG3 N . 18.38 19.80 6.53
C6 DG3 N . 17.19 18.94 6.69
O6 DG3 N . 16.73 18.66 7.82
N1 DG3 N . 16.59 18.47 5.59
C2 DG3 N . 17.04 18.77 4.35
N2 DG3 N . 16.39 18.26 3.27
N3 DG3 N . 18.13 19.53 4.13
C4 DG3 N . 18.82 20.08 5.16
#